data_9VGK
#
_entry.id   9VGK
#
_cell.length_a   80.817
_cell.length_b   100.339
_cell.length_c   89.656
_cell.angle_alpha   90.00
_cell.angle_beta   90.34
_cell.angle_gamma   90.00
#
_symmetry.space_group_name_H-M   'P 1 21 1'
#
loop_
_entity.id
_entity.type
_entity.pdbx_description
1 polymer 'Ancestral L-tyrptophan synthase beta-subunit 1 K90A'
2 non-polymer (E)-N-({3-hydroxy-2-methyl-5-[(phosphonooxy)methyl]pyridin-4-yl}methylidene)-D-tryptophan
3 water water
#
_entity_poly.entity_id   1
_entity_poly.type   'polypeptide(L)'
_entity_poly.pdbx_seq_one_letter_code
;MKTYNVDENGYYGEFGGAYIPEILHKCVEDLQNNYLKILESPDFQKEYDQLLRDYVGRPSPLYLAKRLSEKYGCKIYLKR
EDLNHTGAHAINNTIGQILLARRMGKTRIIAETGAGQHGVATATVCALMNMECIVYMGKTDVERQHVNVQKMEMLGATVV
PVTSGNMTLKDATNEAIRDWCCHPSDTYYIIGSTVGPHPYPDMVARLQSVISKEIKKQLQEKEGRDYPDYLIACVGGGSN
AAGTIYHYIDDERVKIVLAEAGGKGIDSGMTAATIHLGKMGIIHGSKTLVMQNEDGQIEEPYSISAGLDYPGIGPMHANL
AKQKRAQVLAINDDEALNAAFELTRLEGIIPALESAHALAALEKVKFKPEDVVVLTLSGRGDKDMETYLKYKKNSNE
;
_entity_poly.pdbx_strand_id   A,B,C,D
#
loop_
_chem_comp.id
_chem_comp.type
_chem_comp.name
_chem_comp.formula
VB4 non-polymer (E)-N-({3-hydroxy-2-methyl-5-[(phosphonooxy)methyl]pyridin-4-yl}methylidene)-D-tryptophan 'C19 H20 N3 O7 P'
#
# COMPACT_ATOMS: atom_id res chain seq x y z
N TYR A 4 -6.78 -32.40 9.58
CA TYR A 4 -5.76 -32.40 10.67
C TYR A 4 -6.04 -31.33 11.73
N ASN A 5 -7.02 -30.45 11.50
CA ASN A 5 -7.32 -29.38 12.43
C ASN A 5 -8.29 -29.91 13.49
N VAL A 6 -8.58 -29.12 14.52
CA VAL A 6 -9.37 -29.60 15.62
C VAL A 6 -10.75 -29.96 15.07
N ASP A 7 -11.35 -31.02 15.63
CA ASP A 7 -12.76 -31.30 15.39
C ASP A 7 -13.62 -30.49 16.37
N GLU A 8 -14.94 -30.71 16.32
CA GLU A 8 -15.90 -29.96 17.12
C GLU A 8 -15.81 -30.32 18.60
N ASN A 9 -15.13 -31.44 18.95
CA ASN A 9 -15.02 -31.91 20.33
C ASN A 9 -13.75 -31.40 21.01
N GLY A 10 -12.88 -30.71 20.26
CA GLY A 10 -11.61 -30.23 20.78
C GLY A 10 -10.52 -31.30 20.70
N TYR A 11 -10.62 -32.21 19.72
CA TYR A 11 -9.65 -33.28 19.60
C TYR A 11 -8.96 -33.17 18.25
N TYR A 12 -7.67 -33.52 18.28
CA TYR A 12 -6.88 -33.81 17.10
C TYR A 12 -6.63 -35.31 17.10
N GLY A 13 -7.38 -36.03 16.27
CA GLY A 13 -7.53 -37.47 16.40
C GLY A 13 -7.87 -37.82 17.84
N GLU A 14 -6.93 -38.47 18.52
CA GLU A 14 -7.21 -38.97 19.85
C GLU A 14 -6.70 -38.00 20.90
N PHE A 15 -5.92 -36.98 20.50
CA PHE A 15 -5.36 -36.04 21.45
C PHE A 15 -6.25 -34.83 21.58
N GLY A 16 -6.15 -34.16 22.72
CA GLY A 16 -6.85 -32.92 22.93
C GLY A 16 -7.80 -33.03 24.11
N GLY A 17 -9.07 -32.65 23.87
CA GLY A 17 -10.09 -32.67 24.88
C GLY A 17 -9.80 -31.73 26.05
N ALA A 18 -10.62 -31.92 27.10
CA ALA A 18 -10.57 -31.18 28.34
C ALA A 18 -10.81 -32.16 29.51
N TYR A 19 -9.73 -32.38 30.26
CA TYR A 19 -9.67 -33.34 31.34
C TYR A 19 -9.32 -32.58 32.61
N ILE A 20 -10.33 -32.01 33.24
CA ILE A 20 -10.17 -30.98 34.26
C ILE A 20 -10.90 -31.41 35.52
N PRO A 21 -10.56 -30.85 36.70
CA PRO A 21 -11.40 -31.03 37.89
C PRO A 21 -12.75 -30.35 37.71
N GLU A 22 -13.76 -30.79 38.48
CA GLU A 22 -15.13 -30.35 38.28
C GLU A 22 -15.26 -28.84 38.51
N ILE A 23 -14.36 -28.26 39.31
CA ILE A 23 -14.41 -26.85 39.70
C ILE A 23 -14.22 -25.93 38.47
N LEU A 24 -13.55 -26.45 37.44
CA LEU A 24 -13.29 -25.67 36.23
C LEU A 24 -14.31 -26.01 35.15
N HIS A 25 -15.11 -27.07 35.37
CA HIS A 25 -16.01 -27.58 34.35
C HIS A 25 -16.81 -26.43 33.73
N LYS A 26 -17.21 -25.46 34.57
CA LYS A 26 -18.11 -24.42 34.12
C LYS A 26 -17.39 -23.29 33.40
N CYS A 27 -16.27 -22.75 33.95
CA CYS A 27 -15.49 -21.72 33.25
C CYS A 27 -15.10 -22.22 31.86
N VAL A 28 -14.59 -23.46 31.81
CA VAL A 28 -14.17 -24.08 30.56
C VAL A 28 -15.40 -24.19 29.64
N GLU A 29 -16.51 -24.74 30.15
CA GLU A 29 -17.74 -24.80 29.37
C GLU A 29 -18.06 -23.44 28.76
N ASP A 30 -18.04 -22.38 29.58
CA ASP A 30 -18.33 -21.03 29.13
C ASP A 30 -17.33 -20.64 28.04
N LEU A 31 -16.06 -21.00 28.27
CA LEU A 31 -14.98 -20.67 27.35
C LEU A 31 -15.21 -21.42 26.05
N GLN A 32 -15.46 -22.73 26.13
CA GLN A 32 -15.82 -23.49 24.94
C GLN A 32 -17.22 -23.05 24.55
N ASN A 33 -17.47 -22.86 23.26
CA ASN A 33 -18.79 -22.42 22.78
C ASN A 33 -19.15 -20.98 23.21
N ASN A 34 -18.17 -20.14 23.61
CA ASN A 34 -18.25 -18.70 23.38
C ASN A 34 -17.02 -18.23 22.61
N TYR A 35 -15.90 -18.97 22.70
CA TYR A 35 -14.64 -18.50 22.16
C TYR A 35 -14.80 -18.26 20.67
N LEU A 36 -15.44 -19.20 19.98
CA LEU A 36 -15.55 -19.13 18.53
C LEU A 36 -16.49 -17.99 18.11
N LYS A 37 -17.63 -17.86 18.80
CA LYS A 37 -18.59 -16.78 18.55
C LYS A 37 -17.95 -15.40 18.70
N ILE A 38 -17.10 -15.25 19.71
CA ILE A 38 -16.40 -13.99 19.94
C ILE A 38 -15.35 -13.77 18.86
N LEU A 39 -14.57 -14.82 18.52
CA LEU A 39 -13.49 -14.69 17.56
C LEU A 39 -14.03 -14.25 16.21
N GLU A 40 -15.17 -14.84 15.79
CA GLU A 40 -15.79 -14.56 14.50
C GLU A 40 -16.62 -13.27 14.53
N SER A 41 -16.92 -12.69 15.70
CA SER A 41 -17.76 -11.50 15.77
C SER A 41 -17.05 -10.33 15.09
N PRO A 42 -17.78 -9.46 14.36
CA PRO A 42 -17.19 -8.28 13.74
C PRO A 42 -16.44 -7.35 14.66
N ASP A 43 -17.06 -6.94 15.78
CA ASP A 43 -16.42 -6.10 16.79
C ASP A 43 -15.04 -6.65 17.17
N PHE A 44 -14.96 -7.95 17.46
CA PHE A 44 -13.69 -8.58 17.80
C PHE A 44 -12.70 -8.41 16.66
N GLN A 45 -13.07 -8.87 15.44
CA GLN A 45 -12.16 -8.96 14.30
C GLN A 45 -11.63 -7.59 13.89
N LYS A 46 -12.43 -6.55 14.12
CA LYS A 46 -12.05 -5.19 13.78
C LYS A 46 -11.02 -4.67 14.78
N GLU A 47 -11.31 -4.81 16.08
CA GLU A 47 -10.39 -4.36 17.11
C GLU A 47 -9.12 -5.23 17.05
N TYR A 48 -9.28 -6.56 16.89
CA TYR A 48 -8.14 -7.47 16.76
C TYR A 48 -7.24 -6.94 15.63
N ASP A 49 -7.81 -6.71 14.45
CA ASP A 49 -7.03 -6.45 13.25
C ASP A 49 -6.32 -5.10 13.32
N GLN A 50 -6.98 -4.12 13.94
CA GLN A 50 -6.42 -2.79 14.11
C GLN A 50 -5.21 -2.77 15.06
N LEU A 51 -5.26 -3.55 16.15
CA LEU A 51 -4.11 -3.72 17.06
C LEU A 51 -2.99 -4.52 16.42
N LEU A 52 -3.27 -5.62 15.69
CA LEU A 52 -2.20 -6.34 15.00
C LEU A 52 -1.45 -5.38 14.08
N ARG A 53 -2.18 -4.59 13.27
CA ARG A 53 -1.59 -3.67 12.30
C ARG A 53 -0.86 -2.54 13.04
N ASP A 54 -1.54 -1.82 13.95
CA ASP A 54 -1.00 -0.57 14.47
C ASP A 54 -0.17 -0.76 15.74
N TYR A 55 -0.54 -1.72 16.60
CA TYR A 55 0.12 -1.83 17.88
C TYR A 55 1.33 -2.78 17.77
N VAL A 56 1.07 -3.95 17.16
CA VAL A 56 2.07 -5.00 17.01
C VAL A 56 2.98 -4.77 15.82
N GLY A 57 2.46 -4.27 14.69
CA GLY A 57 3.24 -4.07 13.49
C GLY A 57 3.13 -5.22 12.49
N ARG A 58 1.95 -5.86 12.42
CA ARG A 58 1.74 -6.87 11.38
C ARG A 58 1.33 -6.18 10.07
N PRO A 59 1.63 -6.73 8.86
CA PRO A 59 2.30 -8.03 8.69
C PRO A 59 3.78 -7.94 8.97
N SER A 60 4.26 -8.97 9.64
CA SER A 60 5.68 -9.12 9.84
C SER A 60 6.30 -9.44 8.47
N PRO A 61 7.53 -8.99 8.19
CA PRO A 61 8.16 -9.27 6.91
C PRO A 61 8.48 -10.74 6.72
N LEU A 62 8.51 -11.15 5.46
CA LEU A 62 9.04 -12.44 5.07
C LEU A 62 10.36 -12.14 4.38
N TYR A 63 11.45 -12.48 5.05
CA TYR A 63 12.77 -12.02 4.66
C TYR A 63 13.59 -13.12 3.98
N LEU A 64 14.01 -12.87 2.73
CA LEU A 64 14.93 -13.75 2.02
C LEU A 64 16.32 -13.54 2.61
N ALA A 65 16.79 -14.56 3.32
CA ALA A 65 18.12 -14.57 3.92
C ALA A 65 19.10 -15.18 2.91
N LYS A 66 19.80 -14.34 2.14
CA LYS A 66 20.62 -14.77 1.01
C LYS A 66 21.81 -15.62 1.47
N ARG A 67 22.49 -15.22 2.54
CA ARG A 67 23.65 -15.93 3.06
C ARG A 67 23.27 -17.29 3.67
N LEU A 68 22.17 -17.35 4.42
CA LEU A 68 21.65 -18.62 4.89
C LEU A 68 21.35 -19.53 3.71
N SER A 69 20.63 -18.98 2.73
CA SER A 69 20.17 -19.66 1.54
C SER A 69 21.36 -20.26 0.77
N GLU A 70 22.43 -19.47 0.60
CA GLU A 70 23.67 -19.91 0.00
C GLU A 70 24.26 -21.12 0.75
N LYS A 71 24.31 -21.02 2.09
CA LYS A 71 24.99 -22.00 2.91
C LYS A 71 24.25 -23.35 2.88
N TYR A 72 22.94 -23.34 2.66
CA TYR A 72 22.15 -24.58 2.62
C TYR A 72 21.77 -24.93 1.18
N GLY A 73 22.18 -24.12 0.20
CA GLY A 73 21.83 -24.34 -1.20
C GLY A 73 20.33 -24.47 -1.45
N CYS A 74 19.53 -23.49 -1.00
CA CYS A 74 18.14 -23.35 -1.42
C CYS A 74 17.68 -21.94 -1.07
N LYS A 75 16.39 -21.63 -1.29
CA LYS A 75 15.84 -20.34 -0.90
C LYS A 75 15.23 -20.45 0.50
N ILE A 76 15.79 -19.70 1.45
CA ILE A 76 15.27 -19.65 2.81
C ILE A 76 14.74 -18.25 3.16
N TYR A 77 13.45 -18.24 3.48
CA TYR A 77 12.78 -17.05 3.97
C TYR A 77 12.61 -17.13 5.48
N LEU A 78 12.85 -16.03 6.19
CA LEU A 78 12.57 -15.99 7.61
C LEU A 78 11.31 -15.18 7.84
N LYS A 79 10.34 -15.79 8.49
CA LYS A 79 9.14 -15.10 8.95
C LYS A 79 9.51 -14.41 10.25
N ARG A 80 9.54 -13.07 10.19
CA ARG A 80 10.21 -12.24 11.20
C ARG A 80 9.25 -11.83 12.31
N GLU A 81 8.80 -12.82 13.10
CA GLU A 81 8.03 -12.53 14.32
C GLU A 81 8.92 -11.82 15.35
N ASP A 82 10.23 -11.94 15.22
CA ASP A 82 11.17 -11.21 16.06
C ASP A 82 10.97 -9.69 16.01
N LEU A 83 10.32 -9.14 14.95
CA LEU A 83 10.17 -7.71 14.77
C LEU A 83 8.90 -7.17 15.40
N ASN A 84 8.05 -8.08 15.88
CA ASN A 84 6.77 -7.75 16.45
C ASN A 84 6.98 -6.93 17.72
N HIS A 85 6.02 -6.05 18.06
CA HIS A 85 5.99 -5.50 19.42
C HIS A 85 6.17 -6.63 20.44
N THR A 86 7.19 -6.46 21.32
CA THR A 86 7.57 -7.26 22.46
C THR A 86 8.63 -8.29 22.08
N GLY A 87 8.84 -8.50 20.77
CA GLY A 87 9.97 -9.27 20.25
C GLY A 87 9.68 -10.76 20.02
N ALA A 88 8.40 -11.16 19.98
CA ALA A 88 8.06 -12.58 19.79
C ALA A 88 6.62 -12.75 19.32
N HIS A 89 6.23 -13.99 19.03
CA HIS A 89 4.92 -14.27 18.45
C HIS A 89 3.81 -14.15 19.51
N ALA A 90 4.18 -14.09 20.79
CA ALA A 90 3.21 -14.30 21.85
C ALA A 90 2.15 -13.20 21.85
N ILE A 91 2.56 -12.00 21.44
CA ILE A 91 1.71 -10.84 21.41
C ILE A 91 0.53 -11.12 20.46
N ASN A 92 0.70 -11.97 19.45
CA ASN A 92 -0.46 -12.30 18.61
C ASN A 92 -1.53 -12.98 19.44
N ASN A 93 -1.06 -13.79 20.41
CA ASN A 93 -1.92 -14.52 21.31
C ASN A 93 -2.53 -13.58 22.36
N THR A 94 -1.72 -12.77 23.04
CA THR A 94 -2.20 -12.02 24.19
C THR A 94 -3.18 -10.92 23.75
N ILE A 95 -2.91 -10.29 22.62
CA ILE A 95 -3.86 -9.35 22.06
C ILE A 95 -5.22 -10.02 21.90
N GLY A 96 -5.26 -11.18 21.24
CA GLY A 96 -6.53 -11.87 21.02
C GLY A 96 -7.22 -12.24 22.33
N GLN A 97 -6.46 -12.83 23.25
CA GLN A 97 -7.08 -13.38 24.44
C GLN A 97 -7.57 -12.26 25.36
N ILE A 98 -6.88 -11.12 25.38
CA ILE A 98 -7.30 -10.10 26.32
C ILE A 98 -8.65 -9.57 25.87
N LEU A 99 -8.86 -9.47 24.55
CA LEU A 99 -10.11 -8.94 24.01
C LEU A 99 -11.25 -9.88 24.36
N LEU A 100 -11.04 -11.17 24.07
CA LEU A 100 -11.95 -12.22 24.48
C LEU A 100 -12.24 -12.11 25.97
N ALA A 101 -11.19 -11.89 26.76
CA ALA A 101 -11.36 -11.84 28.20
C ALA A 101 -12.30 -10.69 28.61
N ARG A 102 -12.12 -9.52 27.99
CA ARG A 102 -12.93 -8.35 28.28
C ARG A 102 -14.38 -8.54 27.83
N ARG A 103 -14.57 -9.23 26.71
CA ARG A 103 -15.91 -9.54 26.24
C ARG A 103 -16.57 -10.61 27.11
N MET A 104 -15.82 -11.48 27.79
CA MET A 104 -16.44 -12.40 28.74
C MET A 104 -16.70 -11.71 30.07
N GLY A 105 -16.38 -10.40 30.18
CA GLY A 105 -16.58 -9.61 31.38
C GLY A 105 -15.61 -9.95 32.50
N LYS A 106 -14.46 -10.59 32.19
CA LYS A 106 -13.47 -10.92 33.21
C LYS A 106 -12.64 -9.67 33.47
N THR A 107 -12.06 -9.59 34.68
CA THR A 107 -11.37 -8.40 35.17
C THR A 107 -9.99 -8.73 35.72
N ARG A 108 -9.71 -10.00 36.00
CA ARG A 108 -8.44 -10.40 36.57
C ARG A 108 -7.69 -11.34 35.63
N ILE A 109 -6.48 -10.93 35.22
CA ILE A 109 -5.73 -11.64 34.20
C ILE A 109 -4.52 -12.29 34.86
N ILE A 110 -4.39 -13.61 34.65
CA ILE A 110 -3.21 -14.34 35.06
C ILE A 110 -2.63 -15.08 33.85
N ALA A 111 -1.37 -15.50 34.02
CA ALA A 111 -0.61 -16.15 32.95
C ALA A 111 0.62 -16.80 33.53
N GLU A 112 1.11 -17.76 32.77
CA GLU A 112 2.38 -18.42 33.01
C GLU A 112 3.33 -18.00 31.90
N THR A 113 4.63 -18.14 32.18
CA THR A 113 5.63 -17.85 31.18
C THR A 113 6.91 -18.57 31.59
N GLY A 114 7.70 -19.00 30.59
CA GLY A 114 9.03 -19.58 30.80
C GLY A 114 10.13 -18.65 30.26
N ALA A 115 10.07 -18.35 28.96
CA ALA A 115 11.08 -17.51 28.31
C ALA A 115 10.88 -16.05 28.71
N GLY A 116 9.72 -15.72 29.31
CA GLY A 116 9.39 -14.35 29.65
C GLY A 116 8.68 -13.62 28.50
N GLN A 117 8.65 -14.22 27.31
CA GLN A 117 8.00 -13.53 26.20
C GLN A 117 6.51 -13.47 26.40
N HIS A 118 5.85 -14.61 26.76
CA HIS A 118 4.40 -14.64 26.94
C HIS A 118 3.99 -13.79 28.15
N GLY A 119 4.89 -13.74 29.15
CA GLY A 119 4.70 -12.94 30.33
C GLY A 119 4.76 -11.46 29.99
N VAL A 120 5.75 -11.07 29.18
CA VAL A 120 5.81 -9.65 28.80
C VAL A 120 4.60 -9.31 27.91
N ALA A 121 4.28 -10.17 26.95
CA ALA A 121 3.15 -9.88 26.07
C ALA A 121 1.86 -9.72 26.88
N THR A 122 1.75 -10.39 28.04
CA THR A 122 0.52 -10.39 28.82
C THR A 122 0.47 -9.09 29.62
N ALA A 123 1.61 -8.81 30.26
CA ALA A 123 1.82 -7.59 31.02
C ALA A 123 1.60 -6.38 30.14
N THR A 124 2.09 -6.48 28.91
CA THR A 124 1.92 -5.43 27.90
C THR A 124 0.44 -5.14 27.65
N VAL A 125 -0.36 -6.19 27.36
CA VAL A 125 -1.72 -5.97 26.89
C VAL A 125 -2.58 -5.56 28.09
N CYS A 126 -2.19 -5.98 29.29
CA CYS A 126 -2.88 -5.64 30.53
C CYS A 126 -2.61 -4.18 30.89
N ALA A 127 -1.37 -3.74 30.69
CA ALA A 127 -1.04 -2.34 30.85
C ALA A 127 -1.90 -1.54 29.88
N LEU A 128 -1.79 -1.85 28.59
CA LEU A 128 -2.59 -1.19 27.54
C LEU A 128 -4.03 -0.96 27.97
N MET A 129 -4.65 -2.05 28.47
CA MET A 129 -6.09 -2.13 28.66
C MET A 129 -6.51 -1.67 30.05
N ASN A 130 -5.54 -1.36 30.94
CA ASN A 130 -5.83 -0.87 32.28
C ASN A 130 -6.35 -2.02 33.15
N MET A 131 -5.67 -3.17 33.16
CA MET A 131 -6.19 -4.34 33.87
C MET A 131 -5.11 -4.93 34.77
N GLU A 132 -5.53 -5.52 35.90
CA GLU A 132 -4.62 -6.18 36.82
C GLU A 132 -4.05 -7.43 36.13
N CYS A 133 -2.76 -7.71 36.34
CA CYS A 133 -2.04 -8.77 35.65
C CYS A 133 -1.13 -9.50 36.63
N ILE A 134 -1.33 -10.81 36.82
CA ILE A 134 -0.42 -11.66 37.59
C ILE A 134 0.21 -12.70 36.66
N VAL A 135 1.53 -12.87 36.71
CA VAL A 135 2.26 -13.79 35.86
C VAL A 135 3.02 -14.71 36.81
N TYR A 136 2.79 -16.02 36.62
CA TYR A 136 3.57 -17.04 37.29
C TYR A 136 4.74 -17.46 36.39
N MET A 137 5.90 -17.60 37.01
CA MET A 137 7.11 -17.89 36.27
C MET A 137 7.94 -18.77 37.20
N GLY A 138 8.47 -19.86 36.66
CA GLY A 138 9.40 -20.69 37.39
C GLY A 138 10.67 -19.92 37.79
N LYS A 139 11.13 -20.21 39.01
CA LYS A 139 12.28 -19.56 39.62
C LYS A 139 13.54 -19.76 38.79
N THR A 140 13.81 -20.98 38.29
CA THR A 140 14.93 -21.15 37.37
C THR A 140 14.78 -20.13 36.22
N ASP A 141 13.55 -19.99 35.71
CA ASP A 141 13.32 -19.15 34.55
C ASP A 141 13.44 -17.67 34.86
N VAL A 142 13.08 -17.22 36.07
CA VAL A 142 13.15 -15.81 36.42
C VAL A 142 14.60 -15.33 36.39
N GLU A 143 15.57 -16.25 36.39
CA GLU A 143 16.99 -15.92 36.45
C GLU A 143 17.63 -16.08 35.08
N ARG A 144 17.31 -17.17 34.38
CA ARG A 144 17.74 -17.36 33.00
C ARG A 144 17.24 -16.26 32.05
N GLN A 145 16.11 -15.62 32.37
CA GLN A 145 15.42 -14.77 31.39
C GLN A 145 14.99 -13.53 32.16
N HIS A 146 15.98 -12.93 32.82
CA HIS A 146 15.76 -11.86 33.77
C HIS A 146 15.44 -10.54 33.04
N VAL A 147 15.87 -10.38 31.79
CA VAL A 147 15.54 -9.13 31.11
C VAL A 147 14.01 -9.03 30.92
N ASN A 148 13.34 -10.18 30.72
CA ASN A 148 11.89 -10.21 30.58
C ASN A 148 11.17 -9.93 31.90
N VAL A 149 11.78 -10.33 33.02
CA VAL A 149 11.24 -10.10 34.36
C VAL A 149 11.25 -8.61 34.67
N GLN A 150 12.32 -7.92 34.27
CA GLN A 150 12.42 -6.48 34.51
C GLN A 150 11.34 -5.75 33.73
N LYS A 151 11.09 -6.21 32.51
CA LYS A 151 10.09 -5.55 31.68
C LYS A 151 8.70 -5.76 32.28
N MET A 152 8.44 -6.99 32.76
CA MET A 152 7.17 -7.30 33.37
C MET A 152 6.94 -6.42 34.61
N GLU A 153 8.01 -6.17 35.40
CA GLU A 153 7.90 -5.39 36.62
C GLU A 153 7.49 -3.95 36.29
N MET A 154 8.22 -3.34 35.36
CA MET A 154 7.97 -1.95 35.00
C MET A 154 6.59 -1.83 34.34
N LEU A 155 6.10 -2.93 33.73
CA LEU A 155 4.75 -2.89 33.13
C LEU A 155 3.66 -2.92 34.21
N GLY A 156 4.01 -3.22 35.45
CA GLY A 156 3.04 -3.10 36.53
C GLY A 156 2.39 -4.42 36.90
N ALA A 157 3.02 -5.52 36.47
CA ALA A 157 2.55 -6.88 36.73
C ALA A 157 3.26 -7.49 37.94
N THR A 158 2.56 -8.39 38.62
CA THR A 158 3.11 -9.10 39.76
C THR A 158 3.75 -10.38 39.21
N VAL A 159 5.06 -10.49 39.38
CA VAL A 159 5.76 -11.68 38.92
C VAL A 159 5.86 -12.62 40.13
N VAL A 160 5.20 -13.77 40.04
CA VAL A 160 5.22 -14.71 41.14
C VAL A 160 6.20 -15.82 40.80
N PRO A 161 7.37 -15.88 41.46
CA PRO A 161 8.28 -17.01 41.33
C PRO A 161 7.68 -18.32 41.84
N VAL A 162 7.82 -19.40 41.06
CA VAL A 162 7.31 -20.71 41.46
C VAL A 162 8.49 -21.65 41.65
N THR A 163 8.47 -22.37 42.79
CA THR A 163 9.60 -23.21 43.20
C THR A 163 9.20 -24.69 43.31
N SER A 164 8.02 -25.06 42.79
CA SER A 164 7.61 -26.46 42.69
C SER A 164 8.49 -27.20 41.69
N GLY A 165 8.27 -28.51 41.55
CA GLY A 165 9.00 -29.30 40.58
C GLY A 165 10.43 -28.77 40.46
N ASN A 166 10.93 -28.58 39.21
CA ASN A 166 12.26 -28.03 38.99
C ASN A 166 12.18 -26.55 38.60
N MET A 167 11.06 -25.92 38.95
CA MET A 167 10.89 -24.48 38.85
C MET A 167 10.98 -24.01 37.39
N THR A 168 10.36 -24.78 36.49
CA THR A 168 10.28 -24.43 35.08
C THR A 168 8.82 -24.24 34.65
N LEU A 169 8.58 -24.18 33.32
CA LEU A 169 7.26 -23.92 32.76
C LEU A 169 6.17 -24.76 33.41
N LYS A 170 6.41 -26.08 33.49
CA LYS A 170 5.37 -26.99 33.96
C LYS A 170 4.82 -26.56 35.32
N ASP A 171 5.70 -26.06 36.20
CA ASP A 171 5.37 -25.72 37.58
C ASP A 171 4.67 -24.36 37.61
N ALA A 172 5.21 -23.39 36.86
CA ALA A 172 4.52 -22.12 36.67
C ALA A 172 3.12 -22.39 36.15
N THR A 173 3.02 -23.28 35.16
CA THR A 173 1.71 -23.65 34.62
C THR A 173 0.82 -24.27 35.71
N ASN A 174 1.38 -25.13 36.60
CA ASN A 174 0.53 -25.76 37.60
C ASN A 174 0.01 -24.67 38.54
N GLU A 175 0.88 -23.70 38.84
CA GLU A 175 0.51 -22.63 39.75
C GLU A 175 -0.57 -21.74 39.12
N ALA A 176 -0.45 -21.43 37.84
CA ALA A 176 -1.50 -20.63 37.21
C ALA A 176 -2.86 -21.34 37.30
N ILE A 177 -2.89 -22.61 36.91
CA ILE A 177 -4.10 -23.42 36.89
C ILE A 177 -4.73 -23.46 38.28
N ARG A 178 -3.88 -23.58 39.32
CA ARG A 178 -4.34 -23.56 40.70
C ARG A 178 -4.95 -22.20 41.06
N ASP A 179 -4.34 -21.11 40.58
CA ASP A 179 -4.92 -19.77 40.68
C ASP A 179 -6.28 -19.72 39.98
N TRP A 180 -6.38 -20.33 38.79
CA TRP A 180 -7.60 -20.29 37.98
C TRP A 180 -8.77 -20.96 38.70
N CYS A 181 -8.55 -22.20 39.17
CA CYS A 181 -9.49 -22.95 40.00
C CYS A 181 -10.01 -22.11 41.15
N CYS A 182 -9.07 -21.49 41.87
CA CYS A 182 -9.32 -20.80 43.11
C CYS A 182 -9.99 -19.45 42.84
N HIS A 183 -10.03 -18.98 41.58
CA HIS A 183 -10.62 -17.69 41.27
C HIS A 183 -11.50 -17.77 40.02
N PRO A 184 -12.57 -18.60 40.00
CA PRO A 184 -13.28 -18.91 38.76
C PRO A 184 -14.19 -17.82 38.17
N SER A 185 -14.87 -17.06 39.02
CA SER A 185 -15.82 -16.06 38.55
C SER A 185 -15.11 -14.98 37.74
N ASP A 186 -14.00 -14.45 38.28
CA ASP A 186 -13.49 -13.12 37.91
C ASP A 186 -12.27 -13.19 37.01
N THR A 187 -11.65 -14.38 36.87
CA THR A 187 -10.32 -14.47 36.31
C THR A 187 -10.40 -15.06 34.90
N TYR A 188 -9.63 -14.46 33.99
CA TYR A 188 -9.35 -15.07 32.71
C TYR A 188 -7.89 -15.51 32.69
N TYR A 189 -7.66 -16.74 32.25
CA TYR A 189 -6.34 -17.35 32.20
C TYR A 189 -5.82 -17.33 30.76
N ILE A 190 -4.88 -16.42 30.48
CA ILE A 190 -4.23 -16.35 29.17
C ILE A 190 -3.12 -17.39 29.15
N ILE A 191 -3.43 -18.58 28.66
CA ILE A 191 -2.45 -19.62 28.41
C ILE A 191 -1.49 -19.18 27.31
N GLY A 192 -0.25 -19.65 27.41
CA GLY A 192 0.86 -19.11 26.62
C GLY A 192 1.27 -19.98 25.43
N SER A 193 0.63 -21.15 25.25
CA SER A 193 0.91 -22.02 24.11
C SER A 193 -0.37 -22.77 23.73
N THR A 194 -0.24 -23.63 22.73
CA THR A 194 -1.33 -24.47 22.23
C THR A 194 -1.46 -25.75 23.10
N VAL A 195 -1.91 -25.52 24.32
CA VAL A 195 -1.81 -26.49 25.40
C VAL A 195 -3.01 -26.20 26.29
N GLY A 196 -3.16 -27.05 27.33
CA GLY A 196 -4.26 -26.93 28.24
C GLY A 196 -5.53 -27.50 27.62
N PRO A 197 -6.68 -27.32 28.32
CA PRO A 197 -7.92 -27.99 27.92
C PRO A 197 -8.59 -27.24 26.78
N HIS A 198 -9.30 -27.99 25.92
CA HIS A 198 -10.07 -27.35 24.87
C HIS A 198 -10.90 -26.27 25.53
N PRO A 199 -10.95 -25.03 24.98
CA PRO A 199 -10.47 -24.71 23.61
C PRO A 199 -9.16 -23.93 23.49
N TYR A 200 -8.33 -23.97 24.55
CA TYR A 200 -7.11 -23.19 24.56
C TYR A 200 -6.28 -23.59 23.33
N PRO A 201 -5.97 -24.87 23.07
CA PRO A 201 -5.15 -25.24 21.90
C PRO A 201 -5.62 -24.70 20.55
N ASP A 202 -6.93 -24.78 20.29
CA ASP A 202 -7.46 -24.28 19.04
C ASP A 202 -7.49 -22.75 19.06
N MET A 203 -7.88 -22.16 20.19
CA MET A 203 -7.98 -20.72 20.26
C MET A 203 -6.65 -20.05 19.90
N VAL A 204 -5.58 -20.53 20.53
CA VAL A 204 -4.26 -19.98 20.36
C VAL A 204 -3.71 -20.26 18.96
N ALA A 205 -4.04 -21.43 18.41
CA ALA A 205 -3.70 -21.75 17.03
C ALA A 205 -4.35 -20.73 16.09
N ARG A 206 -5.58 -20.36 16.40
CA ARG A 206 -6.35 -19.48 15.54
C ARG A 206 -5.75 -18.06 15.64
N LEU A 207 -5.39 -17.64 16.84
CA LEU A 207 -4.82 -16.32 17.02
C LEU A 207 -3.47 -16.26 16.33
N GLN A 208 -2.77 -17.39 16.31
CA GLN A 208 -1.45 -17.46 15.68
C GLN A 208 -1.56 -17.65 14.19
N SER A 209 -2.72 -18.10 13.71
CA SER A 209 -2.88 -18.42 12.29
C SER A 209 -2.58 -17.23 11.39
N VAL A 210 -2.61 -16.02 11.97
CA VAL A 210 -2.23 -14.80 11.24
C VAL A 210 -0.88 -14.97 10.55
N ILE A 211 0.00 -15.81 11.10
CA ILE A 211 1.31 -16.03 10.50
C ILE A 211 1.20 -16.73 9.15
N SER A 212 0.46 -17.85 9.07
CA SER A 212 0.35 -18.58 7.81
C SER A 212 -0.46 -17.77 6.81
N LYS A 213 -1.45 -17.01 7.30
CA LYS A 213 -2.22 -16.15 6.42
C LYS A 213 -1.31 -15.17 5.68
N GLU A 214 -0.35 -14.56 6.38
CA GLU A 214 0.54 -13.61 5.74
C GLU A 214 1.50 -14.37 4.82
N ILE A 215 1.99 -15.54 5.24
CA ILE A 215 3.00 -16.20 4.44
C ILE A 215 2.44 -16.56 3.05
N LYS A 216 1.15 -16.91 2.96
CA LYS A 216 0.57 -17.28 1.67
C LYS A 216 0.56 -16.12 0.68
N LYS A 217 0.17 -14.91 1.14
CA LYS A 217 0.18 -13.71 0.32
C LYS A 217 1.61 -13.28 0.03
N GLN A 218 2.51 -13.40 1.01
CA GLN A 218 3.87 -12.95 0.84
C GLN A 218 4.64 -13.88 -0.10
N LEU A 219 4.42 -15.20 -0.01
CA LEU A 219 5.03 -16.11 -0.97
C LEU A 219 4.43 -15.90 -2.36
N GLN A 220 3.15 -15.55 -2.45
CA GLN A 220 2.51 -15.30 -3.74
C GLN A 220 3.20 -14.13 -4.45
N GLU A 221 3.45 -13.02 -3.75
CA GLU A 221 4.17 -11.89 -4.30
C GLU A 221 5.61 -12.25 -4.64
N LYS A 222 6.30 -13.04 -3.80
CA LYS A 222 7.74 -13.24 -3.97
C LYS A 222 8.10 -14.38 -4.93
N GLU A 223 7.26 -15.43 -4.98
CA GLU A 223 7.62 -16.66 -5.67
C GLU A 223 6.57 -17.06 -6.70
N GLY A 224 5.41 -16.40 -6.75
CA GLY A 224 4.38 -16.78 -7.72
C GLY A 224 3.63 -18.04 -7.33
N ARG A 225 3.74 -18.43 -6.05
CA ARG A 225 2.91 -19.49 -5.52
C ARG A 225 2.68 -19.24 -4.02
N ASP A 226 1.62 -19.84 -3.47
CA ASP A 226 1.14 -19.47 -2.14
C ASP A 226 1.75 -20.37 -1.06
N TYR A 227 2.63 -21.30 -1.44
CA TYR A 227 3.03 -22.35 -0.53
C TYR A 227 4.50 -22.68 -0.74
N PRO A 228 5.26 -22.95 0.35
CA PRO A 228 6.67 -23.32 0.27
C PRO A 228 6.77 -24.83 0.29
N ASP A 229 7.93 -25.38 -0.08
CA ASP A 229 8.16 -26.82 0.00
C ASP A 229 8.32 -27.28 1.45
N TYR A 230 8.94 -26.44 2.30
CA TYR A 230 9.10 -26.71 3.72
C TYR A 230 8.64 -25.52 4.56
N LEU A 231 7.94 -25.84 5.67
CA LEU A 231 7.76 -24.95 6.82
C LEU A 231 8.56 -25.52 8.00
N ILE A 232 9.36 -24.67 8.64
CA ILE A 232 10.19 -25.08 9.76
C ILE A 232 9.95 -24.15 10.96
N ALA A 233 9.70 -24.74 12.12
CA ALA A 233 9.41 -24.02 13.37
C ALA A 233 9.77 -24.85 14.60
N CYS A 234 10.29 -24.19 15.64
CA CYS A 234 10.51 -24.79 16.94
C CYS A 234 9.15 -24.99 17.61
N VAL A 235 9.10 -25.90 18.58
CA VAL A 235 7.92 -26.22 19.36
C VAL A 235 8.34 -26.44 20.82
N GLY A 236 7.77 -25.64 21.74
CA GLY A 236 7.71 -25.97 23.16
C GLY A 236 6.38 -26.66 23.45
N GLY A 237 5.31 -25.88 23.45
CA GLY A 237 3.97 -26.41 23.46
C GLY A 237 3.35 -26.38 22.08
N GLY A 238 3.77 -25.42 21.21
CA GLY A 238 3.49 -25.53 19.77
C GLY A 238 2.75 -24.36 19.09
N SER A 239 2.81 -23.14 19.62
CA SER A 239 1.93 -22.09 19.15
C SER A 239 2.48 -21.38 17.91
N ASN A 240 3.77 -21.05 17.89
CA ASN A 240 4.33 -20.38 16.72
C ASN A 240 4.28 -21.37 15.58
N ALA A 241 4.51 -22.67 15.90
CA ALA A 241 4.40 -23.70 14.86
C ALA A 241 2.99 -23.77 14.28
N ALA A 242 1.99 -23.75 15.17
CA ALA A 242 0.61 -23.96 14.81
C ALA A 242 0.21 -22.84 13.87
N GLY A 243 0.66 -21.64 14.25
CA GLY A 243 0.40 -20.44 13.49
C GLY A 243 1.00 -20.56 12.08
N THR A 244 2.21 -21.10 12.05
CA THR A 244 2.95 -21.15 10.79
C THR A 244 2.28 -22.13 9.83
N ILE A 245 1.66 -23.20 10.36
CA ILE A 245 1.15 -24.25 9.50
C ILE A 245 -0.37 -24.19 9.35
N TYR A 246 -1.08 -23.39 10.15
CA TYR A 246 -2.53 -23.51 10.26
C TYR A 246 -3.17 -23.55 8.87
N HIS A 247 -2.87 -22.57 8.02
CA HIS A 247 -3.55 -22.53 6.74
C HIS A 247 -2.84 -23.45 5.75
N TYR A 248 -1.80 -24.16 6.19
CA TYR A 248 -1.15 -25.14 5.31
C TYR A 248 -1.35 -26.58 5.78
N ILE A 249 -2.19 -26.79 6.79
CA ILE A 249 -2.05 -28.00 7.59
C ILE A 249 -2.48 -29.23 6.79
N ASP A 250 -3.45 -29.07 5.88
CA ASP A 250 -3.92 -30.18 5.05
C ASP A 250 -3.30 -30.16 3.65
N ASP A 251 -2.33 -29.26 3.41
CA ASP A 251 -1.71 -29.17 2.09
C ASP A 251 -0.48 -30.07 1.98
N GLU A 252 -0.67 -31.27 1.42
CA GLU A 252 0.33 -32.33 1.35
C GLU A 252 1.57 -31.92 0.53
N ARG A 253 1.50 -30.83 -0.24
CA ARG A 253 2.66 -30.33 -0.97
C ARG A 253 3.68 -29.67 -0.05
N VAL A 254 3.26 -29.27 1.16
CA VAL A 254 4.12 -28.56 2.09
C VAL A 254 4.63 -29.54 3.16
N LYS A 255 5.95 -29.76 3.17
CA LYS A 255 6.59 -30.53 4.24
C LYS A 255 6.70 -29.69 5.51
N ILE A 256 6.37 -30.30 6.64
CA ILE A 256 6.51 -29.67 7.94
C ILE A 256 7.63 -30.33 8.76
N VAL A 257 8.57 -29.48 9.21
CA VAL A 257 9.64 -29.88 10.11
C VAL A 257 9.54 -29.10 11.43
N LEU A 258 9.31 -29.83 12.53
CA LEU A 258 9.25 -29.24 13.86
C LEU A 258 10.49 -29.62 14.65
N ALA A 259 11.14 -28.63 15.29
CA ALA A 259 12.34 -28.80 16.09
C ALA A 259 11.98 -28.67 17.57
N GLU A 260 12.09 -29.78 18.32
CA GLU A 260 11.89 -29.80 19.76
C GLU A 260 13.26 -29.79 20.47
N ALA A 261 13.28 -29.51 21.79
CA ALA A 261 14.52 -29.37 22.55
C ALA A 261 15.11 -30.72 22.97
N GLY A 262 16.25 -31.07 22.38
CA GLY A 262 17.00 -32.25 22.77
C GLY A 262 17.77 -32.08 24.08
N GLY A 263 17.92 -30.86 24.60
CA GLY A 263 18.68 -30.61 25.82
C GLY A 263 20.14 -31.08 25.72
N LYS A 264 20.52 -32.01 26.61
CA LYS A 264 21.84 -32.65 26.56
C LYS A 264 21.84 -33.84 25.61
N GLY A 265 20.70 -34.21 25.02
CA GLY A 265 20.60 -35.27 24.02
C GLY A 265 19.45 -36.19 24.39
N ILE A 266 18.77 -36.80 23.41
CA ILE A 266 17.49 -37.44 23.70
C ILE A 266 17.67 -38.60 24.68
N ASP A 267 18.77 -39.37 24.55
CA ASP A 267 19.01 -40.54 25.38
C ASP A 267 19.74 -40.13 26.65
N SER A 268 20.29 -38.91 26.66
CA SER A 268 20.84 -38.30 27.87
C SER A 268 19.74 -38.24 28.92
N GLY A 269 20.07 -37.89 30.15
CA GLY A 269 18.98 -37.86 31.11
C GLY A 269 18.05 -36.66 30.93
N MET A 270 18.41 -35.67 30.10
CA MET A 270 18.03 -34.27 30.35
C MET A 270 17.57 -33.61 29.04
N THR A 271 16.25 -33.57 28.81
CA THR A 271 15.70 -33.31 27.48
C THR A 271 14.31 -32.69 27.60
N ALA A 272 13.74 -32.25 26.47
CA ALA A 272 12.33 -31.90 26.39
C ALA A 272 11.70 -32.45 25.12
N ALA A 273 12.24 -33.58 24.62
CA ALA A 273 11.96 -34.09 23.31
C ALA A 273 10.72 -34.97 23.37
N THR A 274 9.59 -34.30 23.62
CA THR A 274 8.32 -34.95 23.94
C THR A 274 7.90 -35.90 22.84
N ILE A 275 8.04 -35.49 21.57
CA ILE A 275 7.55 -36.33 20.50
C ILE A 275 8.41 -37.57 20.48
N HIS A 276 9.70 -37.40 20.83
CA HIS A 276 10.66 -38.49 20.75
C HIS A 276 10.49 -39.49 21.88
N LEU A 277 10.10 -39.00 23.07
CA LEU A 277 10.29 -39.69 24.33
C LEU A 277 8.98 -39.91 25.05
N GLY A 278 8.01 -39.01 24.79
CA GLY A 278 6.79 -38.93 25.56
C GLY A 278 5.87 -40.13 25.33
N LYS A 279 4.90 -40.27 26.24
CA LYS A 279 3.94 -41.33 26.26
C LYS A 279 2.59 -40.64 26.33
N MET A 280 1.55 -41.33 25.86
CA MET A 280 0.19 -40.83 25.97
C MET A 280 -0.10 -40.58 27.45
N GLY A 281 -0.59 -39.37 27.76
CA GLY A 281 -0.87 -38.98 29.13
C GLY A 281 -1.69 -37.68 29.20
N ILE A 282 -1.85 -37.15 30.39
CA ILE A 282 -2.54 -35.90 30.53
C ILE A 282 -1.62 -34.89 31.20
N ILE A 283 -1.54 -33.70 30.61
CA ILE A 283 -0.84 -32.57 31.22
C ILE A 283 -1.68 -31.30 31.09
N HIS A 284 -1.91 -30.64 32.23
CA HIS A 284 -2.58 -29.36 32.31
C HIS A 284 -3.92 -29.39 31.57
N GLY A 285 -4.60 -30.55 31.60
CA GLY A 285 -5.96 -30.64 31.14
C GLY A 285 -6.07 -31.07 29.68
N SER A 286 -4.96 -31.50 29.05
CA SER A 286 -4.95 -31.95 27.68
C SER A 286 -4.41 -33.37 27.60
N LYS A 287 -5.04 -34.19 26.76
CA LYS A 287 -4.51 -35.51 26.49
C LYS A 287 -3.58 -35.37 25.29
N THR A 288 -2.30 -35.66 25.54
CA THR A 288 -1.24 -35.50 24.57
C THR A 288 -0.07 -36.40 24.94
N LEU A 289 1.02 -36.31 24.17
CA LEU A 289 2.25 -37.00 24.49
C LEU A 289 2.98 -36.18 25.55
N VAL A 290 3.49 -36.87 26.56
CA VAL A 290 4.20 -36.21 27.64
C VAL A 290 5.26 -37.13 28.21
N MET A 291 6.39 -36.53 28.57
CA MET A 291 7.46 -37.28 29.20
C MET A 291 7.04 -37.76 30.59
N GLN A 292 7.33 -39.05 30.85
CA GLN A 292 7.04 -39.72 32.11
C GLN A 292 8.23 -40.59 32.58
N ASN A 293 8.42 -40.65 33.90
CA ASN A 293 9.36 -41.57 34.53
C ASN A 293 8.76 -43.00 34.55
N GLU A 294 9.45 -43.94 35.21
CA GLU A 294 9.04 -45.34 35.23
C GLU A 294 7.68 -45.49 35.94
N ASP A 295 7.34 -44.55 36.84
CA ASP A 295 6.04 -44.52 37.52
C ASP A 295 4.91 -44.11 36.57
N GLY A 296 5.03 -42.93 35.94
CA GLY A 296 3.92 -42.35 35.19
C GLY A 296 3.69 -40.90 35.61
N GLN A 297 4.49 -40.45 36.58
CA GLN A 297 4.63 -39.05 36.94
C GLN A 297 5.15 -38.26 35.73
N ILE A 298 4.86 -36.97 35.72
CA ILE A 298 5.37 -36.08 34.70
C ILE A 298 6.87 -35.81 34.96
N GLU A 299 7.71 -36.23 33.99
CA GLU A 299 9.16 -36.12 34.07
C GLU A 299 9.60 -34.65 33.97
N GLU A 300 10.58 -34.29 34.81
CA GLU A 300 11.16 -32.96 34.81
C GLU A 300 12.01 -32.76 33.55
N PRO A 301 11.67 -31.81 32.67
CA PRO A 301 12.39 -31.71 31.41
C PRO A 301 13.64 -30.87 31.64
N TYR A 302 14.57 -30.87 30.67
CA TYR A 302 15.60 -29.86 30.63
C TYR A 302 15.80 -29.35 29.20
N SER A 303 16.07 -28.03 29.10
CA SER A 303 16.64 -27.40 27.92
C SER A 303 17.35 -26.10 28.30
N ILE A 304 18.41 -25.77 27.57
CA ILE A 304 19.03 -24.44 27.64
C ILE A 304 17.94 -23.36 27.54
N SER A 305 16.96 -23.58 26.65
CA SER A 305 15.94 -22.59 26.31
C SER A 305 14.72 -22.70 27.20
N ALA A 306 14.46 -21.68 28.00
CA ALA A 306 13.26 -21.61 28.84
C ALA A 306 11.95 -21.90 28.09
N GLY A 307 11.74 -21.35 26.90
CA GLY A 307 10.48 -21.44 26.21
C GLY A 307 10.22 -22.78 25.53
N LEU A 308 11.27 -23.60 25.36
CA LEU A 308 11.12 -24.95 24.86
C LEU A 308 11.09 -25.99 26.00
N ASP A 309 11.23 -25.56 27.27
CA ASP A 309 11.50 -26.49 28.36
C ASP A 309 10.21 -26.96 29.02
N TYR A 310 9.50 -27.85 28.33
CA TYR A 310 8.15 -28.24 28.66
C TYR A 310 8.03 -29.73 28.36
N PRO A 311 7.54 -30.56 29.30
CA PRO A 311 7.61 -32.01 29.12
C PRO A 311 6.46 -32.50 28.25
N GLY A 312 5.51 -31.60 27.98
CA GLY A 312 4.39 -31.91 27.13
C GLY A 312 4.59 -31.42 25.70
N ILE A 313 3.49 -31.48 24.92
CA ILE A 313 3.36 -30.80 23.64
C ILE A 313 1.88 -30.63 23.34
N GLY A 314 1.59 -29.65 22.48
CA GLY A 314 0.24 -29.38 22.04
C GLY A 314 -0.36 -30.61 21.39
N PRO A 315 -1.68 -30.84 21.55
CA PRO A 315 -2.34 -31.99 20.89
C PRO A 315 -2.29 -32.01 19.36
N MET A 316 -2.25 -30.84 18.72
CA MET A 316 -2.16 -30.74 17.27
C MET A 316 -0.91 -31.47 16.76
N HIS A 317 0.22 -31.35 17.49
CA HIS A 317 1.52 -31.81 16.99
C HIS A 317 1.76 -33.28 17.38
N ALA A 318 1.20 -33.71 18.52
CA ALA A 318 1.11 -35.14 18.83
C ALA A 318 0.41 -35.88 17.68
N ASN A 319 -0.79 -35.43 17.32
CA ASN A 319 -1.48 -35.95 16.15
C ASN A 319 -0.57 -35.86 14.92
N LEU A 320 0.00 -34.68 14.64
CA LEU A 320 0.73 -34.47 13.40
C LEU A 320 1.92 -35.44 13.31
N ALA A 321 2.70 -35.54 14.40
CA ALA A 321 3.84 -36.44 14.45
C ALA A 321 3.40 -37.90 14.36
N LYS A 322 2.38 -38.28 15.13
CA LYS A 322 1.87 -39.64 15.15
C LYS A 322 1.48 -40.10 13.75
N GLN A 323 0.79 -39.23 12.99
CA GLN A 323 0.27 -39.53 11.67
C GLN A 323 1.31 -39.30 10.58
N LYS A 324 2.53 -38.88 10.94
CA LYS A 324 3.61 -38.65 10.01
C LYS A 324 3.30 -37.49 9.07
N ARG A 325 2.41 -36.57 9.44
CA ARG A 325 2.22 -35.35 8.66
C ARG A 325 3.36 -34.35 8.91
N ALA A 326 4.06 -34.49 10.06
CA ALA A 326 5.15 -33.60 10.45
C ALA A 326 6.34 -34.38 10.98
N GLN A 327 7.50 -33.99 10.47
CA GLN A 327 8.76 -34.57 10.90
C GLN A 327 9.19 -33.75 12.11
N VAL A 328 9.57 -34.44 13.18
CA VAL A 328 9.99 -33.78 14.39
C VAL A 328 11.44 -34.17 14.71
N LEU A 329 12.32 -33.16 14.75
CA LEU A 329 13.72 -33.33 15.11
C LEU A 329 13.92 -32.80 16.51
N ALA A 330 14.69 -33.56 17.32
CA ALA A 330 15.21 -33.11 18.62
C ALA A 330 16.57 -32.43 18.45
N ILE A 331 16.63 -31.12 18.72
CA ILE A 331 17.86 -30.34 18.60
C ILE A 331 18.49 -30.09 19.98
N ASN A 332 19.78 -30.37 20.12
CA ASN A 332 20.48 -30.26 21.39
C ASN A 332 20.99 -28.84 21.63
N ASP A 333 21.27 -28.54 22.90
CA ASP A 333 21.68 -27.20 23.33
C ASP A 333 22.70 -26.61 22.36
N ASP A 334 23.81 -27.33 22.16
CA ASP A 334 24.96 -26.76 21.47
C ASP A 334 24.58 -26.48 20.01
N GLU A 335 23.73 -27.34 19.43
CA GLU A 335 23.31 -27.17 18.05
C GLU A 335 22.57 -25.84 17.89
N ALA A 336 21.68 -25.54 18.86
CA ALA A 336 20.91 -24.32 18.91
C ALA A 336 21.83 -23.11 19.10
N LEU A 337 22.80 -23.19 20.03
CA LEU A 337 23.74 -22.09 20.21
C LEU A 337 24.53 -21.77 18.94
N ASN A 338 25.11 -22.77 18.26
CA ASN A 338 25.89 -22.47 17.06
C ASN A 338 24.98 -21.88 15.97
N ALA A 339 23.74 -22.37 15.85
CA ALA A 339 22.85 -21.86 14.81
C ALA A 339 22.47 -20.40 15.09
N ALA A 340 22.42 -20.00 16.37
CA ALA A 340 22.10 -18.62 16.73
C ALA A 340 23.24 -17.68 16.27
N PHE A 341 24.48 -18.11 16.56
CA PHE A 341 25.64 -17.35 16.18
C PHE A 341 25.75 -17.31 14.67
N GLU A 342 25.37 -18.41 14.01
CA GLU A 342 25.37 -18.45 12.55
C GLU A 342 24.45 -17.36 11.96
N LEU A 343 23.21 -17.27 12.46
CA LEU A 343 22.27 -16.30 11.89
C LEU A 343 22.77 -14.88 12.13
N THR A 344 23.22 -14.63 13.37
CA THR A 344 23.82 -13.38 13.80
C THR A 344 24.88 -12.96 12.78
N ARG A 345 25.78 -13.88 12.43
CA ARG A 345 26.92 -13.55 11.60
C ARG A 345 26.49 -13.39 10.14
N LEU A 346 25.55 -14.25 9.69
CA LEU A 346 25.23 -14.29 8.27
C LEU A 346 24.21 -13.21 7.89
N GLU A 347 23.28 -12.88 8.80
CA GLU A 347 22.17 -12.00 8.44
C GLU A 347 22.04 -10.82 9.39
N GLY A 348 22.87 -10.73 10.44
CA GLY A 348 22.79 -9.59 11.33
C GLY A 348 21.53 -9.60 12.19
N ILE A 349 21.00 -10.82 12.45
CA ILE A 349 19.79 -11.04 13.23
C ILE A 349 20.13 -11.96 14.40
N ILE A 350 19.92 -11.49 15.62
CA ILE A 350 20.14 -12.29 16.82
C ILE A 350 18.82 -12.95 17.21
N PRO A 351 18.68 -14.28 16.98
CA PRO A 351 17.43 -14.97 17.30
C PRO A 351 17.36 -15.34 18.77
N ALA A 352 16.11 -15.52 19.23
CA ALA A 352 15.86 -16.26 20.44
C ALA A 352 16.45 -17.67 20.33
N LEU A 353 16.94 -18.15 21.49
CA LEU A 353 17.44 -19.49 21.68
C LEU A 353 16.40 -20.50 21.25
N GLU A 354 15.13 -20.20 21.55
CA GLU A 354 14.03 -21.04 21.10
C GLU A 354 14.13 -21.20 19.59
N SER A 355 14.06 -20.07 18.87
CA SER A 355 13.94 -20.06 17.42
C SER A 355 15.20 -20.69 16.81
N ALA A 356 16.30 -20.67 17.59
CA ALA A 356 17.60 -21.13 17.14
C ALA A 356 17.58 -22.65 17.00
N HIS A 357 16.65 -23.29 17.72
CA HIS A 357 16.45 -24.72 17.55
C HIS A 357 15.91 -24.99 16.14
N ALA A 358 14.95 -24.18 15.68
CA ALA A 358 14.52 -24.22 14.29
C ALA A 358 15.69 -23.97 13.34
N LEU A 359 16.55 -22.95 13.63
CA LEU A 359 17.66 -22.66 12.74
C LEU A 359 18.59 -23.88 12.59
N ALA A 360 18.85 -24.61 13.69
CA ALA A 360 19.77 -25.74 13.69
C ALA A 360 19.23 -26.91 12.87
N ALA A 361 17.91 -27.02 12.78
CA ALA A 361 17.29 -28.05 11.94
C ALA A 361 17.65 -27.88 10.47
N LEU A 362 18.15 -26.72 10.06
CA LEU A 362 18.50 -26.52 8.67
C LEU A 362 19.67 -27.45 8.28
N GLU A 363 20.54 -27.73 9.26
CA GLU A 363 21.66 -28.68 9.13
C GLU A 363 21.16 -30.12 8.84
N LYS A 364 19.97 -30.48 9.31
CA LYS A 364 19.57 -31.86 9.40
C LYS A 364 18.72 -32.31 8.22
N VAL A 365 18.37 -31.37 7.31
CA VAL A 365 17.53 -31.65 6.15
C VAL A 365 18.37 -31.47 4.89
N LYS A 366 18.26 -32.43 3.97
CA LYS A 366 18.92 -32.33 2.68
C LYS A 366 17.96 -31.62 1.73
N PHE A 367 18.37 -30.44 1.25
CA PHE A 367 17.50 -29.62 0.44
C PHE A 367 17.93 -29.76 -1.01
N LYS A 368 16.97 -29.66 -1.94
CA LYS A 368 17.30 -29.53 -3.35
C LYS A 368 17.46 -28.03 -3.64
N PRO A 369 18.21 -27.61 -4.68
CA PRO A 369 18.26 -26.19 -5.05
C PRO A 369 16.95 -25.44 -5.37
N GLU A 370 15.88 -26.14 -5.77
CA GLU A 370 14.64 -25.49 -6.15
C GLU A 370 13.75 -25.32 -4.90
N ASP A 371 14.28 -25.69 -3.74
CA ASP A 371 13.45 -25.72 -2.56
C ASP A 371 13.20 -24.29 -2.08
N VAL A 372 11.96 -24.06 -1.66
CA VAL A 372 11.54 -22.86 -0.97
C VAL A 372 11.16 -23.25 0.44
N VAL A 373 12.00 -22.80 1.39
CA VAL A 373 11.80 -22.99 2.81
C VAL A 373 11.30 -21.68 3.41
N VAL A 374 10.31 -21.76 4.32
CA VAL A 374 9.99 -20.70 5.27
C VAL A 374 10.26 -21.19 6.70
N LEU A 375 11.19 -20.55 7.41
CA LEU A 375 11.44 -20.85 8.80
C LEU A 375 10.91 -19.69 9.64
N THR A 376 10.06 -19.98 10.63
CA THR A 376 9.53 -18.96 11.52
C THR A 376 10.54 -18.56 12.61
N LEU A 377 11.06 -17.33 12.49
CA LEU A 377 11.93 -16.76 13.51
C LEU A 377 11.04 -16.23 14.65
N SER A 378 10.79 -17.10 15.63
CA SER A 378 9.72 -16.86 16.58
C SER A 378 10.01 -15.66 17.45
N GLY A 379 11.30 -15.35 17.70
CA GLY A 379 11.66 -14.27 18.61
C GLY A 379 13.07 -13.75 18.42
N ARG A 380 13.29 -12.55 18.96
CA ARG A 380 14.61 -11.96 19.01
C ARG A 380 15.30 -12.41 20.30
N GLY A 381 16.63 -12.29 20.34
CA GLY A 381 17.41 -12.92 21.38
C GLY A 381 18.01 -11.95 22.39
N ASP A 382 17.37 -10.78 22.60
CA ASP A 382 17.84 -9.85 23.64
C ASP A 382 17.81 -10.55 25.00
N LYS A 383 16.85 -11.45 25.21
CA LYS A 383 16.73 -12.14 26.50
C LYS A 383 17.87 -13.14 26.70
N ASP A 384 18.49 -13.65 25.63
CA ASP A 384 19.44 -14.74 25.74
C ASP A 384 20.89 -14.26 25.59
N MET A 385 21.13 -12.95 25.70
CA MET A 385 22.45 -12.40 25.42
C MET A 385 23.48 -12.86 26.46
N GLU A 386 23.08 -12.97 27.73
CA GLU A 386 24.01 -13.46 28.75
C GLU A 386 24.44 -14.89 28.45
N THR A 387 23.47 -15.77 28.13
CA THR A 387 23.75 -17.14 27.71
C THR A 387 24.65 -17.18 26.47
N TYR A 388 24.34 -16.36 25.46
CA TYR A 388 25.09 -16.41 24.22
C TYR A 388 26.55 -16.04 24.48
N LEU A 389 26.84 -15.10 25.38
CA LEU A 389 28.23 -14.70 25.56
C LEU A 389 28.94 -15.65 26.55
N LYS A 390 28.28 -16.22 27.57
CA LYS A 390 28.92 -17.31 28.29
C LYS A 390 29.55 -18.28 27.29
N TYR A 391 28.74 -18.77 26.35
CA TYR A 391 29.22 -19.63 25.29
C TYR A 391 30.15 -18.82 24.38
N TYR B 4 13.59 25.55 3.94
CA TYR B 4 14.37 25.24 5.19
C TYR B 4 15.16 23.95 5.02
N ASN B 5 15.23 23.43 3.79
CA ASN B 5 16.00 22.25 3.47
C ASN B 5 17.34 22.75 2.94
N VAL B 6 18.23 21.84 2.58
CA VAL B 6 19.61 22.25 2.36
C VAL B 6 19.71 23.01 1.03
N ASP B 7 20.67 23.94 0.96
CA ASP B 7 21.00 24.65 -0.26
C ASP B 7 22.13 23.90 -0.96
N GLU B 8 22.55 24.40 -2.14
CA GLU B 8 23.48 23.70 -3.01
C GLU B 8 24.90 23.64 -2.43
N ASN B 9 25.20 24.42 -1.38
CA ASN B 9 26.55 24.47 -0.81
C ASN B 9 26.68 23.77 0.55
N GLY B 10 25.60 23.14 1.04
CA GLY B 10 25.64 22.35 2.27
C GLY B 10 25.10 23.10 3.49
N TYR B 11 24.42 24.23 3.22
CA TYR B 11 24.06 25.22 4.20
C TYR B 11 22.55 25.27 4.37
N TYR B 12 22.16 25.52 5.62
CA TYR B 12 20.79 25.77 6.03
C TYR B 12 20.80 27.12 6.70
N GLY B 13 20.36 28.14 5.96
CA GLY B 13 20.74 29.51 6.30
C GLY B 13 22.26 29.60 6.45
N GLU B 14 22.75 30.16 7.56
CA GLU B 14 24.19 30.34 7.74
C GLU B 14 24.84 29.12 8.39
N PHE B 15 24.05 28.13 8.82
CA PHE B 15 24.59 26.94 9.47
C PHE B 15 24.83 25.80 8.50
N GLY B 16 25.91 25.05 8.73
CA GLY B 16 26.18 23.86 7.94
C GLY B 16 27.61 23.79 7.41
N GLY B 17 27.73 23.34 6.17
CA GLY B 17 28.98 23.33 5.41
C GLY B 17 29.89 22.16 5.76
N ALA B 18 31.16 22.31 5.36
CA ALA B 18 32.20 21.33 5.59
C ALA B 18 33.48 22.07 5.99
N TYR B 19 33.93 21.84 7.22
CA TYR B 19 35.03 22.57 7.83
C TYR B 19 36.02 21.57 8.40
N ILE B 20 36.99 21.18 7.57
CA ILE B 20 37.78 19.97 7.78
C ILE B 20 39.24 20.20 7.40
N PRO B 21 40.19 19.43 8.01
CA PRO B 21 41.59 19.47 7.61
C PRO B 21 41.77 18.88 6.21
N GLU B 22 42.86 19.27 5.51
CA GLU B 22 43.04 18.97 4.10
C GLU B 22 43.02 17.46 3.87
N ILE B 23 43.42 16.68 4.89
CA ILE B 23 43.59 15.24 4.75
C ILE B 23 42.28 14.57 4.31
N LEU B 24 41.14 15.19 4.62
CA LEU B 24 39.83 14.61 4.29
C LEU B 24 39.20 15.29 3.07
N HIS B 25 39.81 16.38 2.60
CA HIS B 25 39.21 17.17 1.54
C HIS B 25 38.83 16.29 0.36
N LYS B 26 39.68 15.31 0.01
CA LYS B 26 39.45 14.49 -1.17
C LYS B 26 38.24 13.57 -0.99
N CYS B 27 38.16 12.83 0.12
CA CYS B 27 37.09 11.86 0.28
C CYS B 27 35.75 12.51 0.61
N VAL B 28 35.74 13.61 1.36
CA VAL B 28 34.52 14.40 1.56
C VAL B 28 34.04 15.00 0.23
N GLU B 29 34.96 15.42 -0.64
CA GLU B 29 34.60 15.98 -1.93
C GLU B 29 34.01 14.90 -2.83
N ASP B 30 34.58 13.69 -2.77
CA ASP B 30 34.01 12.57 -3.49
C ASP B 30 32.60 12.27 -2.99
N LEU B 31 32.41 12.37 -1.67
CA LEU B 31 31.14 12.08 -1.04
C LEU B 31 30.11 13.13 -1.44
N GLN B 32 30.48 14.42 -1.33
CA GLN B 32 29.71 15.49 -1.95
C GLN B 32 29.76 15.18 -3.44
N ASN B 33 28.69 15.47 -4.16
CA ASN B 33 28.69 15.27 -5.61
C ASN B 33 28.94 13.80 -6.00
N ASN B 34 28.61 12.84 -5.13
CA ASN B 34 28.26 11.50 -5.55
C ASN B 34 27.03 11.02 -4.76
N TYR B 35 26.84 11.53 -3.53
CA TYR B 35 25.89 10.91 -2.62
C TYR B 35 24.47 10.96 -3.22
N LEU B 36 24.10 12.07 -3.88
CA LEU B 36 22.79 12.26 -4.46
C LEU B 36 22.62 11.41 -5.71
N LYS B 37 23.68 11.36 -6.54
CA LYS B 37 23.73 10.49 -7.70
C LYS B 37 23.41 9.04 -7.29
N ILE B 38 24.05 8.58 -6.20
CA ILE B 38 23.84 7.23 -5.68
C ILE B 38 22.45 7.09 -5.04
N LEU B 39 22.09 7.97 -4.08
CA LEU B 39 20.79 7.91 -3.44
C LEU B 39 19.67 7.83 -4.46
N GLU B 40 19.80 8.54 -5.60
CA GLU B 40 18.73 8.66 -6.58
C GLU B 40 18.79 7.59 -7.68
N SER B 41 19.88 6.82 -7.76
CA SER B 41 19.97 5.78 -8.79
C SER B 41 18.92 4.69 -8.55
N PRO B 42 18.26 4.16 -9.61
CA PRO B 42 17.36 3.00 -9.48
C PRO B 42 17.87 1.76 -8.75
N ASP B 43 19.16 1.44 -8.89
CA ASP B 43 19.76 0.33 -8.18
C ASP B 43 19.75 0.57 -6.66
N PHE B 44 20.16 1.77 -6.23
CA PHE B 44 20.30 2.03 -4.80
C PHE B 44 18.90 1.95 -4.21
N GLN B 45 17.96 2.61 -4.89
CA GLN B 45 16.62 2.80 -4.34
C GLN B 45 15.84 1.50 -4.29
N LYS B 46 16.18 0.53 -5.15
CA LYS B 46 15.52 -0.75 -5.16
C LYS B 46 15.98 -1.55 -3.95
N GLU B 47 17.30 -1.69 -3.81
CA GLU B 47 17.91 -2.46 -2.75
C GLU B 47 17.67 -1.76 -1.41
N TYR B 48 17.76 -0.44 -1.38
CA TYR B 48 17.40 0.30 -0.20
C TYR B 48 15.98 -0.08 0.23
N ASP B 49 15.00 0.05 -0.67
CA ASP B 49 13.59 -0.08 -0.34
C ASP B 49 13.23 -1.53 0.00
N GLN B 50 13.90 -2.47 -0.66
CA GLN B 50 13.76 -3.89 -0.42
C GLN B 50 14.26 -4.24 0.99
N LEU B 51 15.33 -3.60 1.46
CA LEU B 51 15.86 -3.92 2.79
C LEU B 51 14.98 -3.25 3.85
N LEU B 52 14.61 -1.99 3.63
CA LEU B 52 13.62 -1.37 4.51
C LEU B 52 12.42 -2.29 4.77
N ARG B 53 11.83 -2.82 3.70
CA ARG B 53 10.63 -3.62 3.79
C ARG B 53 10.88 -4.96 4.49
N ASP B 54 11.86 -5.76 4.02
CA ASP B 54 11.96 -7.16 4.39
C ASP B 54 12.87 -7.32 5.61
N TYR B 55 13.86 -6.44 5.75
CA TYR B 55 14.89 -6.61 6.75
C TYR B 55 14.53 -5.79 7.98
N VAL B 56 14.15 -4.53 7.74
CA VAL B 56 13.77 -3.60 8.78
C VAL B 56 12.32 -3.75 9.19
N GLY B 57 11.42 -4.02 8.24
CA GLY B 57 10.01 -4.14 8.54
C GLY B 57 9.29 -2.80 8.42
N ARG B 58 9.72 -1.99 7.44
CA ARG B 58 8.95 -0.80 7.10
C ARG B 58 7.79 -1.17 6.17
N PRO B 59 6.68 -0.40 6.15
CA PRO B 59 6.56 0.80 6.97
C PRO B 59 6.32 0.49 8.44
N SER B 60 6.85 1.38 9.29
CA SER B 60 6.57 1.38 10.72
C SER B 60 5.13 1.84 10.93
N PRO B 61 4.36 1.20 11.82
CA PRO B 61 2.97 1.60 12.09
C PRO B 61 2.84 3.05 12.57
N LEU B 62 1.71 3.67 12.22
CA LEU B 62 1.27 4.85 12.93
C LEU B 62 0.11 4.47 13.85
N TYR B 63 0.37 4.54 15.16
CA TYR B 63 -0.50 4.00 16.21
C TYR B 63 -1.21 5.11 17.02
N LEU B 64 -2.54 5.10 17.00
CA LEU B 64 -3.37 5.95 17.84
C LEU B 64 -3.29 5.46 19.28
N ALA B 65 -2.58 6.24 20.11
CA ALA B 65 -2.40 5.93 21.52
C ALA B 65 -3.57 6.46 22.36
N LYS B 66 -4.49 5.57 22.75
CA LYS B 66 -5.83 6.02 23.12
C LYS B 66 -5.86 6.69 24.49
N ARG B 67 -5.30 6.03 25.49
CA ARG B 67 -5.22 6.59 26.83
C ARG B 67 -4.32 7.82 26.85
N LEU B 68 -3.31 7.86 25.98
CA LEU B 68 -2.42 9.02 25.90
C LEU B 68 -3.18 10.19 25.26
N SER B 69 -4.09 9.89 24.33
CA SER B 69 -4.90 10.89 23.67
C SER B 69 -5.94 11.46 24.66
N GLU B 70 -6.41 10.59 25.56
CA GLU B 70 -7.40 10.96 26.56
C GLU B 70 -6.75 11.88 27.60
N LYS B 71 -5.54 11.54 28.05
CA LYS B 71 -4.83 12.40 28.98
C LYS B 71 -4.69 13.85 28.44
N TYR B 72 -4.21 14.04 27.20
CA TYR B 72 -3.85 15.37 26.70
C TYR B 72 -4.97 16.04 25.91
N GLY B 73 -6.12 15.36 25.83
CA GLY B 73 -7.33 15.94 25.28
C GLY B 73 -7.24 16.18 23.78
N CYS B 74 -6.52 15.32 23.03
CA CYS B 74 -6.43 15.40 21.58
C CYS B 74 -6.02 14.05 21.00
N LYS B 75 -5.77 14.03 19.70
CA LYS B 75 -5.48 12.78 18.98
C LYS B 75 -3.96 12.68 18.82
N ILE B 76 -3.33 11.78 19.59
CA ILE B 76 -1.91 11.55 19.44
C ILE B 76 -1.62 10.20 18.76
N TYR B 77 -0.95 10.27 17.61
CA TYR B 77 -0.37 9.09 16.99
C TYR B 77 1.12 8.97 17.32
N LEU B 78 1.57 7.73 17.51
CA LEU B 78 2.98 7.44 17.71
C LEU B 78 3.49 6.80 16.42
N LYS B 79 4.55 7.36 15.84
CA LYS B 79 5.22 6.74 14.69
C LYS B 79 6.19 5.70 15.28
N ARG B 80 5.92 4.42 15.01
CA ARG B 80 6.48 3.32 15.80
C ARG B 80 7.83 2.84 15.25
N GLU B 81 8.81 3.75 15.24
CA GLU B 81 10.17 3.41 14.88
C GLU B 81 10.77 2.44 15.88
N ASP B 82 10.18 2.36 17.06
CA ASP B 82 10.70 1.45 18.07
C ASP B 82 10.50 -0.01 17.67
N LEU B 83 9.67 -0.25 16.63
CA LEU B 83 9.40 -1.61 16.17
C LEU B 83 10.37 -2.03 15.07
N ASN B 84 11.18 -1.09 14.57
CA ASN B 84 12.17 -1.37 13.55
C ASN B 84 13.08 -2.49 14.01
N HIS B 85 13.55 -3.33 13.07
CA HIS B 85 14.71 -4.16 13.36
C HIS B 85 15.80 -3.33 14.03
N THR B 86 16.31 -3.84 15.17
CA THR B 86 17.32 -3.33 16.10
C THR B 86 16.75 -2.33 17.10
N GLY B 87 15.49 -1.92 16.92
CA GLY B 87 14.74 -1.24 17.97
C GLY B 87 14.78 0.29 17.89
N ALA B 88 15.19 0.85 16.77
CA ALA B 88 15.26 2.31 16.70
C ALA B 88 15.32 2.79 15.26
N HIS B 89 15.32 4.12 15.06
CA HIS B 89 15.31 4.69 13.73
C HIS B 89 16.68 4.54 13.05
N ALA B 90 17.73 4.26 13.82
CA ALA B 90 19.12 4.33 13.36
C ALA B 90 19.35 3.46 12.13
N ILE B 91 18.65 2.34 12.08
CA ILE B 91 18.87 1.31 11.06
C ILE B 91 18.45 1.84 9.68
N ASN B 92 17.53 2.80 9.63
CA ASN B 92 17.19 3.39 8.33
C ASN B 92 18.45 4.01 7.74
N ASN B 93 19.30 4.51 8.63
CA ASN B 93 20.46 5.28 8.21
C ASN B 93 21.61 4.33 7.87
N THR B 94 21.81 3.30 8.70
CA THR B 94 22.93 2.41 8.45
C THR B 94 22.68 1.61 7.18
N ILE B 95 21.46 1.12 6.97
CA ILE B 95 21.22 0.45 5.70
C ILE B 95 21.57 1.39 4.53
N GLY B 96 20.98 2.57 4.50
CA GLY B 96 21.29 3.51 3.44
C GLY B 96 22.80 3.75 3.26
N GLN B 97 23.52 4.08 4.35
CA GLN B 97 24.94 4.39 4.26
C GLN B 97 25.82 3.20 3.87
N ILE B 98 25.46 1.97 4.28
CA ILE B 98 26.30 0.82 3.94
C ILE B 98 26.20 0.55 2.43
N LEU B 99 25.00 0.73 1.83
CA LEU B 99 24.82 0.59 0.39
C LEU B 99 25.63 1.66 -0.36
N LEU B 100 25.66 2.89 0.17
CA LEU B 100 26.49 3.94 -0.44
C LEU B 100 27.97 3.61 -0.30
N ALA B 101 28.38 3.18 0.91
CA ALA B 101 29.76 2.81 1.19
C ALA B 101 30.25 1.76 0.21
N ARG B 102 29.44 0.76 -0.10
CA ARG B 102 29.84 -0.26 -1.07
C ARG B 102 29.90 0.27 -2.50
N ARG B 103 29.02 1.22 -2.88
CA ARG B 103 29.03 1.78 -4.22
C ARG B 103 30.31 2.58 -4.42
N MET B 104 30.90 3.07 -3.33
CA MET B 104 32.10 3.88 -3.42
C MET B 104 33.37 3.08 -3.19
N GLY B 105 33.27 1.74 -3.05
CA GLY B 105 34.39 0.81 -3.01
C GLY B 105 35.07 0.75 -1.64
N LYS B 106 34.43 1.29 -0.59
CA LYS B 106 35.00 1.33 0.75
C LYS B 106 34.82 -0.04 1.39
N THR B 107 35.73 -0.44 2.29
CA THR B 107 35.82 -1.82 2.75
C THR B 107 35.91 -1.89 4.27
N ARG B 108 36.21 -0.76 4.93
CA ARG B 108 36.31 -0.74 6.38
C ARG B 108 35.31 0.29 6.89
N ILE B 109 34.42 -0.12 7.81
CA ILE B 109 33.32 0.73 8.28
C ILE B 109 33.55 1.09 9.75
N ILE B 110 33.51 2.40 10.05
CA ILE B 110 33.52 2.94 11.40
C ILE B 110 32.24 3.73 11.67
N ALA B 111 31.98 3.94 12.95
CA ALA B 111 30.83 4.71 13.44
C ALA B 111 31.08 5.10 14.89
N GLU B 112 30.37 6.14 15.33
CA GLU B 112 30.31 6.50 16.73
C GLU B 112 28.90 6.17 17.23
N THR B 113 28.78 5.97 18.55
CA THR B 113 27.47 5.74 19.16
C THR B 113 27.51 6.19 20.63
N GLY B 114 26.36 6.72 21.09
CA GLY B 114 26.14 7.05 22.47
C GLY B 114 25.19 6.05 23.10
N ALA B 115 23.96 6.01 22.57
CA ALA B 115 22.90 5.14 23.06
C ALA B 115 23.21 3.69 22.73
N GLY B 116 24.03 3.48 21.71
CA GLY B 116 24.37 2.15 21.26
C GLY B 116 23.39 1.70 20.18
N GLN B 117 22.34 2.50 19.88
CA GLN B 117 21.40 2.11 18.83
C GLN B 117 22.07 2.19 17.47
N HIS B 118 22.87 3.27 17.23
CA HIS B 118 23.54 3.49 15.96
C HIS B 118 24.66 2.47 15.81
N GLY B 119 25.31 2.11 16.94
CA GLY B 119 26.34 1.10 16.99
C GLY B 119 25.79 -0.29 16.67
N VAL B 120 24.66 -0.63 17.30
CA VAL B 120 24.02 -1.91 16.98
C VAL B 120 23.53 -1.88 15.52
N ALA B 121 22.98 -0.75 15.07
CA ALA B 121 22.47 -0.75 13.70
C ALA B 121 23.63 -0.81 12.71
N THR B 122 24.85 -0.42 13.14
CA THR B 122 26.02 -0.38 12.26
C THR B 122 26.65 -1.77 12.25
N ALA B 123 26.82 -2.37 13.44
CA ALA B 123 27.27 -3.75 13.51
C ALA B 123 26.29 -4.69 12.84
N THR B 124 24.99 -4.35 12.86
CA THR B 124 23.98 -5.22 12.24
C THR B 124 24.17 -5.30 10.70
N VAL B 125 24.39 -4.15 10.04
CA VAL B 125 24.39 -4.12 8.58
C VAL B 125 25.77 -4.58 8.12
N CYS B 126 26.78 -4.46 8.99
CA CYS B 126 28.16 -4.86 8.68
C CYS B 126 28.30 -6.38 8.71
N ALA B 127 27.63 -7.03 9.66
CA ALA B 127 27.50 -8.48 9.67
C ALA B 127 26.67 -8.97 8.48
N LEU B 128 25.51 -8.37 8.22
CA LEU B 128 24.74 -8.73 7.02
C LEU B 128 25.62 -8.77 5.77
N MET B 129 26.43 -7.72 5.60
CA MET B 129 27.25 -7.47 4.43
C MET B 129 28.64 -8.12 4.54
N ASN B 130 28.94 -8.71 5.69
CA ASN B 130 30.26 -9.26 5.99
C ASN B 130 31.36 -8.23 5.72
N MET B 131 31.29 -7.12 6.43
CA MET B 131 32.31 -6.10 6.34
C MET B 131 32.83 -5.75 7.73
N GLU B 132 34.13 -5.43 7.79
CA GLU B 132 34.82 -5.01 9.00
C GLU B 132 34.10 -3.83 9.67
N CYS B 133 33.80 -3.94 10.96
CA CYS B 133 33.03 -2.91 11.68
C CYS B 133 33.76 -2.46 12.94
N ILE B 134 34.01 -1.15 13.07
CA ILE B 134 34.63 -0.58 14.27
C ILE B 134 33.75 0.53 14.83
N VAL B 135 33.35 0.42 16.10
CA VAL B 135 32.38 1.35 16.70
C VAL B 135 33.04 2.06 17.85
N TYR B 136 33.20 3.40 17.76
CA TYR B 136 33.73 4.19 18.86
C TYR B 136 32.59 4.53 19.82
N MET B 137 32.84 4.44 21.13
CA MET B 137 31.79 4.69 22.13
C MET B 137 32.47 5.24 23.38
N GLY B 138 31.96 6.36 23.87
CA GLY B 138 32.39 6.92 25.14
C GLY B 138 32.28 5.85 26.22
N LYS B 139 33.25 5.86 27.16
CA LYS B 139 33.32 4.92 28.25
C LYS B 139 32.07 5.03 29.12
N THR B 140 31.71 6.26 29.50
CA THR B 140 30.50 6.51 30.25
C THR B 140 29.35 5.77 29.57
N ASP B 141 29.28 5.86 28.23
CA ASP B 141 28.17 5.30 27.48
C ASP B 141 28.28 3.78 27.45
N VAL B 142 29.49 3.21 27.41
CA VAL B 142 29.55 1.76 27.36
C VAL B 142 29.07 1.20 28.71
N GLU B 143 29.19 1.94 29.79
CA GLU B 143 28.67 1.47 31.08
C GLU B 143 27.15 1.57 31.09
N ARG B 144 26.59 2.73 30.72
CA ARG B 144 25.16 2.98 30.89
C ARG B 144 24.31 2.28 29.82
N GLN B 145 24.91 1.86 28.69
CA GLN B 145 24.12 1.27 27.62
C GLN B 145 24.69 -0.11 27.26
N HIS B 146 24.97 -0.91 28.30
CA HIS B 146 25.73 -2.15 28.18
C HIS B 146 25.00 -3.23 27.36
N VAL B 147 23.67 -3.29 27.43
CA VAL B 147 22.97 -4.25 26.58
C VAL B 147 23.36 -4.04 25.10
N ASN B 148 23.61 -2.79 24.65
CA ASN B 148 23.90 -2.57 23.24
C ASN B 148 25.36 -2.90 22.88
N VAL B 149 26.25 -2.89 23.87
CA VAL B 149 27.65 -3.24 23.68
C VAL B 149 27.73 -4.74 23.46
N GLN B 150 27.02 -5.48 24.31
CA GLN B 150 26.87 -6.92 24.08
C GLN B 150 26.36 -7.24 22.66
N LYS B 151 25.25 -6.64 22.28
CA LYS B 151 24.73 -6.91 20.94
C LYS B 151 25.83 -6.67 19.91
N MET B 152 26.62 -5.58 20.04
CA MET B 152 27.56 -5.22 18.98
C MET B 152 28.69 -6.25 18.92
N GLU B 153 29.11 -6.74 20.10
CA GLU B 153 30.19 -7.70 20.22
C GLU B 153 29.70 -9.02 19.63
N MET B 154 28.48 -9.43 19.98
CA MET B 154 28.02 -10.65 19.32
C MET B 154 27.99 -10.46 17.80
N LEU B 155 27.60 -9.28 17.28
CA LEU B 155 27.53 -9.08 15.83
C LEU B 155 28.92 -9.01 15.17
N GLY B 156 29.98 -9.19 15.96
CA GLY B 156 31.33 -9.25 15.43
C GLY B 156 32.00 -7.88 15.22
N ALA B 157 31.40 -6.80 15.74
CA ALA B 157 32.00 -5.48 15.66
C ALA B 157 33.06 -5.31 16.74
N THR B 158 34.05 -4.44 16.52
CA THR B 158 35.01 -4.07 17.55
C THR B 158 34.50 -2.81 18.23
N VAL B 159 34.24 -2.88 19.54
CA VAL B 159 33.80 -1.72 20.28
C VAL B 159 35.01 -1.05 20.96
N VAL B 160 35.29 0.21 20.60
CA VAL B 160 36.45 0.93 21.12
C VAL B 160 35.96 1.90 22.19
N PRO B 161 36.20 1.63 23.48
CA PRO B 161 35.92 2.64 24.50
C PRO B 161 36.76 3.91 24.23
N VAL B 162 36.14 5.07 24.43
CA VAL B 162 36.82 6.34 24.29
C VAL B 162 36.90 7.02 25.65
N THR B 163 38.11 7.48 25.97
CA THR B 163 38.42 7.88 27.33
C THR B 163 38.67 9.38 27.44
N SER B 164 38.64 10.13 26.33
CA SER B 164 38.78 11.58 26.30
C SER B 164 37.50 12.30 26.76
N GLY B 165 37.60 13.62 26.99
CA GLY B 165 36.47 14.44 27.40
C GLY B 165 35.78 13.92 28.66
N ASN B 166 34.44 13.90 28.67
CA ASN B 166 33.67 13.23 29.72
C ASN B 166 33.20 11.90 29.15
N MET B 167 33.87 11.46 28.07
CA MET B 167 33.74 10.11 27.56
C MET B 167 32.32 9.88 27.02
N THR B 168 31.84 10.82 26.19
CA THR B 168 30.49 10.74 25.68
C THR B 168 30.53 10.93 24.16
N LEU B 169 29.36 11.21 23.56
CA LEU B 169 29.21 11.17 22.11
C LEU B 169 30.25 12.05 21.42
N LYS B 170 30.39 13.29 21.86
CA LYS B 170 31.30 14.22 21.20
C LYS B 170 32.70 13.63 21.15
N ASP B 171 33.08 12.88 22.20
CA ASP B 171 34.38 12.28 22.30
C ASP B 171 34.50 11.09 21.37
N ALA B 172 33.51 10.18 21.37
CA ALA B 172 33.50 9.07 20.43
C ALA B 172 33.56 9.61 19.01
N THR B 173 32.83 10.68 18.73
CA THR B 173 32.87 11.27 17.40
C THR B 173 34.30 11.75 17.09
N ASN B 174 34.97 12.35 18.09
CA ASN B 174 36.30 12.91 17.86
C ASN B 174 37.24 11.80 17.43
N GLU B 175 37.05 10.62 18.03
CA GLU B 175 37.94 9.49 17.81
C GLU B 175 37.66 8.88 16.45
N ALA B 176 36.36 8.75 16.12
CA ALA B 176 35.97 8.27 14.79
C ALA B 176 36.56 9.16 13.72
N ILE B 177 36.45 10.48 13.92
CA ILE B 177 37.04 11.42 12.97
C ILE B 177 38.55 11.24 12.87
N ARG B 178 39.27 11.01 13.98
CA ARG B 178 40.70 10.73 13.91
C ARG B 178 40.99 9.47 13.11
N ASP B 179 40.28 8.37 13.42
CA ASP B 179 40.29 7.17 12.62
C ASP B 179 40.07 7.54 11.16
N TRP B 180 38.99 8.26 10.86
CA TRP B 180 38.65 8.55 9.47
C TRP B 180 39.82 9.21 8.76
N CYS B 181 40.51 10.13 9.47
CA CYS B 181 41.59 10.95 8.91
C CYS B 181 42.81 10.09 8.54
N CYS B 182 43.08 9.05 9.35
CA CYS B 182 44.20 8.16 9.09
C CYS B 182 43.90 7.19 7.95
N HIS B 183 42.64 6.99 7.57
CA HIS B 183 42.28 5.91 6.66
C HIS B 183 41.40 6.35 5.49
N PRO B 184 41.62 7.54 4.88
CA PRO B 184 40.73 8.02 3.81
C PRO B 184 40.51 7.06 2.65
N SER B 185 41.52 6.22 2.39
CA SER B 185 41.51 5.33 1.24
C SER B 185 40.38 4.31 1.30
N ASP B 186 40.34 3.53 2.39
CA ASP B 186 39.59 2.28 2.46
C ASP B 186 38.34 2.40 3.34
N THR B 187 38.26 3.41 4.22
CA THR B 187 37.29 3.51 5.31
C THR B 187 36.11 4.40 4.94
N TYR B 188 34.88 3.94 5.26
CA TYR B 188 33.69 4.77 5.18
C TYR B 188 33.16 5.01 6.59
N TYR B 189 32.83 6.26 6.89
CA TYR B 189 32.39 6.64 8.23
C TYR B 189 30.88 6.83 8.25
N ILE B 190 30.16 5.89 8.88
CA ILE B 190 28.71 6.01 9.00
C ILE B 190 28.39 6.92 10.19
N ILE B 191 28.30 8.24 9.96
CA ILE B 191 27.92 9.16 11.02
C ILE B 191 26.47 8.86 11.43
N GLY B 192 26.19 9.01 12.72
CA GLY B 192 24.96 8.47 13.28
C GLY B 192 23.86 9.51 13.45
N SER B 193 24.08 10.75 12.98
CA SER B 193 23.05 11.76 13.13
C SER B 193 23.17 12.82 12.04
N THR B 194 22.23 13.77 12.04
CA THR B 194 22.27 14.83 11.05
C THR B 194 23.32 15.88 11.43
N VAL B 195 24.58 15.41 11.56
CA VAL B 195 25.69 16.22 12.05
C VAL B 195 26.87 15.98 11.11
N GLY B 196 27.98 16.70 11.38
CA GLY B 196 29.21 16.50 10.65
C GLY B 196 29.28 17.36 9.41
N PRO B 197 30.31 17.18 8.54
CA PRO B 197 30.45 17.98 7.32
C PRO B 197 29.44 17.60 6.24
N HIS B 198 28.96 18.61 5.49
CA HIS B 198 28.19 18.34 4.29
C HIS B 198 28.94 17.25 3.51
N PRO B 199 28.29 16.17 3.01
CA PRO B 199 26.84 16.08 2.94
C PRO B 199 26.10 15.28 4.03
N TYR B 200 26.77 15.01 5.16
CA TYR B 200 26.26 14.08 6.15
C TYR B 200 24.90 14.55 6.65
N PRO B 201 24.72 15.83 7.06
CA PRO B 201 23.39 16.27 7.49
C PRO B 201 22.31 15.98 6.46
N ASP B 202 22.50 16.41 5.21
CA ASP B 202 21.46 16.20 4.23
C ASP B 202 21.31 14.72 3.90
N MET B 203 22.43 13.98 3.96
CA MET B 203 22.39 12.60 3.56
C MET B 203 21.49 11.86 4.55
N VAL B 204 21.80 12.01 5.83
CA VAL B 204 21.12 11.28 6.87
C VAL B 204 19.66 11.74 6.98
N ALA B 205 19.43 13.03 6.74
CA ALA B 205 18.07 13.57 6.61
C ALA B 205 17.30 12.85 5.49
N ARG B 206 17.99 12.60 4.37
CA ARG B 206 17.34 11.97 3.23
C ARG B 206 16.96 10.54 3.57
N LEU B 207 17.86 9.84 4.27
CA LEU B 207 17.73 8.44 4.56
C LEU B 207 16.64 8.26 5.62
N GLN B 208 16.44 9.28 6.45
CA GLN B 208 15.40 9.19 7.47
C GLN B 208 14.07 9.70 6.94
N SER B 209 14.06 10.35 5.77
CA SER B 209 12.85 11.01 5.26
C SER B 209 11.74 9.98 5.03
N VAL B 210 12.14 8.74 4.81
CA VAL B 210 11.15 7.67 4.74
C VAL B 210 10.12 7.79 5.88
N ILE B 211 10.53 8.30 7.04
CA ILE B 211 9.57 8.40 8.13
C ILE B 211 8.37 9.28 7.72
N SER B 212 8.63 10.50 7.24
CA SER B 212 7.56 11.44 6.94
C SER B 212 6.85 11.09 5.64
N LYS B 213 7.55 10.44 4.71
CA LYS B 213 6.90 9.85 3.56
C LYS B 213 5.80 8.88 3.98
N GLU B 214 6.04 8.06 5.00
CA GLU B 214 5.03 7.10 5.42
C GLU B 214 3.90 7.85 6.14
N ILE B 215 4.26 8.78 7.03
CA ILE B 215 3.28 9.51 7.84
C ILE B 215 2.21 10.12 6.94
N LYS B 216 2.63 10.64 5.78
CA LYS B 216 1.75 11.32 4.84
C LYS B 216 0.66 10.36 4.39
N LYS B 217 1.09 9.18 3.92
CA LYS B 217 0.20 8.15 3.43
C LYS B 217 -0.70 7.63 4.55
N GLN B 218 -0.13 7.41 5.75
CA GLN B 218 -0.84 6.79 6.84
C GLN B 218 -1.84 7.79 7.42
N LEU B 219 -1.48 9.08 7.44
CA LEU B 219 -2.43 10.10 7.88
C LEU B 219 -3.53 10.26 6.84
N GLN B 220 -3.21 10.12 5.55
CA GLN B 220 -4.22 10.14 4.51
C GLN B 220 -5.25 9.05 4.78
N GLU B 221 -4.79 7.81 5.05
CA GLU B 221 -5.70 6.70 5.29
C GLU B 221 -6.59 7.01 6.50
N LYS B 222 -5.99 7.46 7.60
CA LYS B 222 -6.65 7.49 8.89
C LYS B 222 -7.44 8.77 9.10
N GLU B 223 -6.97 9.90 8.58
CA GLU B 223 -7.57 11.19 8.90
C GLU B 223 -8.19 11.89 7.68
N GLY B 224 -7.96 11.42 6.45
CA GLY B 224 -8.51 12.09 5.27
C GLY B 224 -7.69 13.32 4.86
N ARG B 225 -6.56 13.57 5.53
CA ARG B 225 -5.60 14.58 5.11
C ARG B 225 -4.18 14.08 5.42
N ASP B 226 -3.19 14.61 4.70
CA ASP B 226 -1.86 14.02 4.71
C ASP B 226 -0.93 14.78 5.68
N TYR B 227 -1.48 15.70 6.50
CA TYR B 227 -0.65 16.54 7.38
C TYR B 227 -1.29 16.56 8.76
N PRO B 228 -0.49 16.48 9.85
CA PRO B 228 -0.99 16.69 11.22
C PRO B 228 -0.89 18.15 11.64
N ASP B 229 -1.42 18.45 12.83
CA ASP B 229 -1.28 19.80 13.38
C ASP B 229 0.09 19.98 14.03
N TYR B 230 0.68 18.88 14.48
CA TYR B 230 1.94 18.88 15.21
C TYR B 230 2.78 17.64 14.88
N LEU B 231 4.09 17.85 14.79
CA LEU B 231 5.10 16.81 14.75
C LEU B 231 5.96 17.00 15.98
N ILE B 232 6.17 15.93 16.75
CA ILE B 232 6.97 16.05 17.94
C ILE B 232 8.06 15.00 17.92
N ALA B 233 9.30 15.46 18.16
CA ALA B 233 10.43 14.54 18.18
C ALA B 233 11.56 15.05 19.06
N CYS B 234 12.25 14.12 19.67
CA CYS B 234 13.41 14.47 20.45
C CYS B 234 14.52 14.83 19.47
N VAL B 235 15.57 15.46 20.01
CA VAL B 235 16.71 15.83 19.20
C VAL B 235 17.97 15.82 20.07
N GLY B 236 18.85 14.88 19.71
CA GLY B 236 20.25 14.89 20.09
C GLY B 236 21.07 15.59 19.01
N GLY B 237 21.14 15.01 17.83
CA GLY B 237 21.84 15.65 16.72
C GLY B 237 20.84 16.13 15.66
N GLY B 238 19.73 15.39 15.51
CA GLY B 238 18.64 15.87 14.67
C GLY B 238 17.99 14.83 13.76
N SER B 239 18.39 13.56 13.83
CA SER B 239 18.20 12.66 12.69
C SER B 239 16.77 12.12 12.68
N ASN B 240 16.19 11.79 13.85
CA ASN B 240 14.84 11.25 13.78
C ASN B 240 13.87 12.40 13.48
N ALA B 241 14.15 13.58 14.05
CA ALA B 241 13.32 14.75 13.80
C ALA B 241 13.33 15.12 12.32
N ALA B 242 14.54 15.09 11.73
CA ALA B 242 14.73 15.41 10.33
C ALA B 242 13.86 14.53 9.44
N GLY B 243 13.97 13.20 9.62
CA GLY B 243 13.15 12.24 8.92
C GLY B 243 11.67 12.54 9.11
N THR B 244 11.31 12.75 10.38
CA THR B 244 9.94 13.03 10.77
C THR B 244 9.45 14.33 10.12
N ILE B 245 10.33 15.33 9.91
CA ILE B 245 9.84 16.60 9.36
C ILE B 245 10.17 16.81 7.87
N TYR B 246 10.98 15.96 7.22
CA TYR B 246 11.58 16.29 5.92
C TYR B 246 10.53 16.78 4.91
N HIS B 247 9.51 15.95 4.65
CA HIS B 247 8.46 16.26 3.71
C HIS B 247 7.38 17.18 4.30
N TYR B 248 7.61 17.76 5.49
CA TYR B 248 6.71 18.78 6.04
C TYR B 248 7.45 20.07 6.41
N ILE B 249 8.73 20.16 6.05
CA ILE B 249 9.60 21.14 6.69
C ILE B 249 9.18 22.57 6.30
N ASP B 250 8.52 22.73 5.14
CA ASP B 250 8.20 24.06 4.65
C ASP B 250 6.71 24.36 4.78
N ASP B 251 5.94 23.38 5.28
CA ASP B 251 4.49 23.40 5.26
C ASP B 251 3.99 24.02 6.56
N GLU B 252 3.53 25.27 6.49
CA GLU B 252 3.34 26.08 7.68
C GLU B 252 2.07 25.68 8.43
N ARG B 253 1.23 24.81 7.86
CA ARG B 253 0.12 24.24 8.60
C ARG B 253 0.60 23.30 9.71
N VAL B 254 1.80 22.75 9.57
CA VAL B 254 2.33 21.82 10.55
C VAL B 254 3.29 22.55 11.49
N LYS B 255 2.94 22.58 12.79
CA LYS B 255 3.83 23.03 13.82
C LYS B 255 4.82 21.94 14.21
N ILE B 256 6.07 22.37 14.41
CA ILE B 256 7.12 21.47 14.80
C ILE B 256 7.54 21.75 16.22
N VAL B 257 7.44 20.72 17.11
CA VAL B 257 7.96 20.78 18.47
C VAL B 257 9.12 19.80 18.65
N LEU B 258 10.29 20.30 19.03
CA LEU B 258 11.46 19.47 19.25
C LEU B 258 11.83 19.51 20.72
N ALA B 259 12.26 18.37 21.26
CA ALA B 259 12.62 18.27 22.67
C ALA B 259 14.08 17.89 22.73
N GLU B 260 14.91 18.76 23.32
CA GLU B 260 16.32 18.49 23.54
C GLU B 260 16.52 18.20 25.03
N ALA B 261 17.68 17.63 25.33
CA ALA B 261 17.96 17.18 26.68
C ALA B 261 18.43 18.32 27.59
N GLY B 262 17.60 18.67 28.59
CA GLY B 262 17.93 19.64 29.62
C GLY B 262 18.77 19.05 30.77
N GLY B 263 18.92 17.73 30.85
CA GLY B 263 19.76 17.16 31.88
C GLY B 263 19.21 17.52 33.25
N LYS B 264 20.06 18.17 34.08
CA LYS B 264 19.73 18.55 35.45
C LYS B 264 19.05 19.92 35.42
N GLY B 265 18.89 20.50 34.22
CA GLY B 265 18.23 21.78 34.06
C GLY B 265 19.18 22.69 33.31
N ILE B 266 18.67 23.59 32.47
CA ILE B 266 19.53 24.34 31.56
C ILE B 266 20.52 25.26 32.31
N ASP B 267 20.26 25.57 33.59
CA ASP B 267 21.13 26.48 34.35
C ASP B 267 21.95 25.75 35.42
N SER B 268 21.88 24.42 35.40
CA SER B 268 22.47 23.58 36.41
C SER B 268 23.98 23.41 36.19
N GLY B 269 24.45 23.79 34.99
CA GLY B 269 25.77 23.39 34.53
C GLY B 269 25.86 21.91 34.15
N MET B 270 24.70 21.23 34.02
CA MET B 270 24.68 19.85 33.55
C MET B 270 23.51 19.65 32.58
N THR B 271 23.76 19.72 31.26
CA THR B 271 22.68 19.83 30.30
C THR B 271 23.22 19.60 28.88
N ALA B 272 22.29 19.51 27.92
CA ALA B 272 22.60 19.31 26.51
C ALA B 272 21.61 20.07 25.67
N ALA B 273 21.00 21.10 26.28
CA ALA B 273 20.07 21.96 25.60
C ALA B 273 20.80 22.92 24.67
N THR B 274 21.23 22.42 23.50
CA THR B 274 22.04 23.21 22.60
C THR B 274 21.30 24.47 22.14
N ILE B 275 20.00 24.38 21.87
CA ILE B 275 19.30 25.57 21.36
C ILE B 275 19.23 26.64 22.44
N HIS B 276 18.90 26.24 23.67
CA HIS B 276 18.89 27.18 24.76
C HIS B 276 20.28 27.75 25.09
N LEU B 277 21.38 27.01 24.92
CA LEU B 277 22.66 27.43 25.48
C LEU B 277 23.75 27.68 24.43
N GLY B 278 23.56 27.21 23.20
CA GLY B 278 24.64 27.16 22.23
C GLY B 278 24.92 28.52 21.59
N LYS B 279 26.15 28.67 21.12
CA LYS B 279 26.62 29.81 20.36
C LYS B 279 27.25 29.24 19.11
N MET B 280 27.42 30.12 18.12
CA MET B 280 28.01 29.76 16.84
C MET B 280 29.37 29.11 17.10
N GLY B 281 29.58 27.90 16.59
CA GLY B 281 30.90 27.30 16.60
C GLY B 281 31.07 26.32 15.44
N ILE B 282 32.24 25.67 15.38
CA ILE B 282 32.42 24.55 14.47
C ILE B 282 32.53 23.29 15.33
N ILE B 283 31.69 22.28 15.06
CA ILE B 283 31.80 21.01 15.79
C ILE B 283 31.78 19.87 14.79
N HIS B 284 32.82 19.04 14.83
CA HIS B 284 32.91 17.87 13.97
C HIS B 284 32.61 18.26 12.52
N GLY B 285 33.17 19.38 12.06
CA GLY B 285 33.17 19.69 10.64
C GLY B 285 31.95 20.48 10.18
N SER B 286 31.05 20.82 11.11
CA SER B 286 29.84 21.59 10.82
C SER B 286 29.89 22.89 11.59
N LYS B 287 29.52 23.99 10.90
CA LYS B 287 29.33 25.27 11.52
C LYS B 287 27.88 25.30 11.97
N THR B 288 27.68 25.22 13.29
CA THR B 288 26.35 25.17 13.87
C THR B 288 26.37 25.77 15.27
N LEU B 289 25.23 25.73 15.96
CA LEU B 289 25.15 26.05 17.37
C LEU B 289 25.78 24.92 18.19
N VAL B 290 26.56 25.31 19.19
CA VAL B 290 27.19 24.35 20.08
C VAL B 290 27.41 24.94 21.46
N MET B 291 27.18 24.12 22.46
CA MET B 291 27.51 24.50 23.83
C MET B 291 29.01 24.70 23.99
N GLN B 292 29.38 25.79 24.67
CA GLN B 292 30.78 26.14 24.84
C GLN B 292 31.05 26.48 26.29
N ASN B 293 32.21 26.05 26.81
CA ASN B 293 32.53 26.37 28.19
C ASN B 293 33.13 27.78 28.26
N GLU B 294 33.72 28.10 29.42
CA GLU B 294 34.08 29.45 29.79
C GLU B 294 35.31 29.90 29.01
N ASP B 295 36.10 28.95 28.52
CA ASP B 295 37.20 29.28 27.62
C ASP B 295 36.82 28.81 26.21
N GLY B 296 35.52 28.89 25.90
CA GLY B 296 35.07 28.77 24.54
C GLY B 296 35.37 27.41 23.92
N GLN B 297 35.73 26.42 24.75
CA GLN B 297 35.89 25.05 24.28
C GLN B 297 34.50 24.42 24.10
N ILE B 298 34.37 23.48 23.17
CA ILE B 298 33.15 22.69 23.12
C ILE B 298 32.94 22.10 24.51
N GLU B 299 31.73 22.32 25.05
CA GLU B 299 31.38 21.97 26.42
C GLU B 299 31.11 20.46 26.57
N GLU B 300 31.46 19.92 27.72
CA GLU B 300 31.11 18.57 28.13
C GLU B 300 29.66 18.52 28.60
N PRO B 301 28.72 17.97 27.83
CA PRO B 301 27.30 18.06 28.17
C PRO B 301 26.88 16.94 29.11
N TYR B 302 25.73 17.09 29.78
CA TYR B 302 25.16 15.96 30.49
C TYR B 302 23.71 15.73 30.07
N SER B 303 23.29 14.45 30.08
CA SER B 303 21.89 14.03 30.07
C SER B 303 21.81 12.62 30.64
N ILE B 304 20.73 12.27 31.34
CA ILE B 304 20.51 10.86 31.58
C ILE B 304 20.48 10.04 30.29
N SER B 305 20.06 10.62 29.17
CA SER B 305 19.96 9.91 27.90
C SER B 305 21.26 9.97 27.07
N ALA B 306 21.82 8.80 26.79
CA ALA B 306 23.08 8.71 26.05
C ALA B 306 22.94 9.29 24.65
N GLY B 307 21.77 9.15 24.01
CA GLY B 307 21.60 9.48 22.59
C GLY B 307 21.30 10.97 22.38
N LEU B 308 20.88 11.67 23.45
CA LEU B 308 20.67 13.11 23.44
C LEU B 308 21.90 13.90 23.94
N ASP B 309 22.85 13.22 24.59
CA ASP B 309 23.96 13.86 25.29
C ASP B 309 25.07 14.26 24.31
N TYR B 310 24.80 15.29 23.49
CA TYR B 310 25.73 15.82 22.51
C TYR B 310 25.67 17.35 22.53
N PRO B 311 26.80 18.07 22.55
CA PRO B 311 26.75 19.51 22.84
C PRO B 311 26.31 20.33 21.62
N GLY B 312 26.50 19.79 20.43
CA GLY B 312 26.12 20.49 19.22
C GLY B 312 24.69 20.15 18.80
N ILE B 313 24.28 20.66 17.63
CA ILE B 313 23.04 20.21 17.01
C ILE B 313 23.18 20.30 15.51
N GLY B 314 22.44 19.45 14.80
CA GLY B 314 22.50 19.46 13.35
C GLY B 314 22.22 20.86 12.84
N PRO B 315 22.89 21.32 11.77
CA PRO B 315 22.64 22.67 11.25
C PRO B 315 21.20 22.92 10.79
N MET B 316 20.43 21.85 10.48
CA MET B 316 19.03 21.98 10.07
C MET B 316 18.21 22.62 11.18
N HIS B 317 18.44 22.17 12.41
CA HIS B 317 17.61 22.51 13.55
C HIS B 317 18.07 23.83 14.17
N ALA B 318 19.39 24.12 14.06
CA ALA B 318 19.94 25.43 14.34
C ALA B 318 19.16 26.48 13.57
N ASN B 319 19.06 26.24 12.27
CA ASN B 319 18.29 27.10 11.35
C ASN B 319 16.79 27.15 11.68
N LEU B 320 16.14 25.99 11.87
CA LEU B 320 14.72 25.95 12.17
C LEU B 320 14.44 26.83 13.38
N ALA B 321 15.17 26.58 14.48
CA ALA B 321 15.08 27.31 15.73
C ALA B 321 15.29 28.81 15.55
N LYS B 322 16.34 29.17 14.81
CA LYS B 322 16.69 30.57 14.63
C LYS B 322 15.58 31.28 13.87
N GLN B 323 14.99 30.61 12.88
CA GLN B 323 13.91 31.19 12.10
C GLN B 323 12.56 31.10 12.78
N LYS B 324 12.46 30.38 13.90
CA LYS B 324 11.19 30.19 14.61
C LYS B 324 10.23 29.29 13.82
N ARG B 325 10.77 28.49 12.90
CA ARG B 325 9.96 27.49 12.20
C ARG B 325 9.66 26.29 13.09
N ALA B 326 10.54 26.06 14.06
CA ALA B 326 10.36 24.99 15.03
C ALA B 326 10.56 25.58 16.41
N GLN B 327 9.72 25.11 17.32
CA GLN B 327 9.84 25.47 18.73
C GLN B 327 10.65 24.35 19.37
N VAL B 328 11.59 24.71 20.25
CA VAL B 328 12.46 23.74 20.86
C VAL B 328 12.38 23.83 22.38
N LEU B 329 12.15 22.67 23.03
CA LEU B 329 11.94 22.63 24.48
C LEU B 329 13.09 21.88 25.13
N ALA B 330 13.56 22.39 26.28
CA ALA B 330 14.51 21.67 27.13
C ALA B 330 13.76 20.81 28.13
N ILE B 331 13.98 19.50 28.07
CA ILE B 331 13.29 18.56 28.91
C ILE B 331 14.30 17.90 29.84
N ASN B 332 13.99 17.88 31.14
CA ASN B 332 14.97 17.46 32.12
C ASN B 332 14.85 15.96 32.35
N ASP B 333 15.92 15.38 32.90
CA ASP B 333 15.97 13.98 33.30
C ASP B 333 14.64 13.49 33.86
N ASP B 334 14.13 14.14 34.93
CA ASP B 334 13.02 13.61 35.69
C ASP B 334 11.77 13.58 34.79
N GLU B 335 11.57 14.67 34.05
CA GLU B 335 10.42 14.79 33.17
C GLU B 335 10.42 13.65 32.17
N ALA B 336 11.61 13.33 31.63
CA ALA B 336 11.71 12.23 30.69
C ALA B 336 11.36 10.90 31.36
N LEU B 337 11.96 10.66 32.55
CA LEU B 337 11.77 9.39 33.23
C LEU B 337 10.28 9.17 33.45
N ASN B 338 9.57 10.21 33.94
CA ASN B 338 8.16 10.08 34.27
C ASN B 338 7.35 9.80 33.00
N ALA B 339 7.69 10.48 31.88
CA ALA B 339 6.98 10.23 30.64
C ALA B 339 7.24 8.81 30.11
N ALA B 340 8.39 8.21 30.44
CA ALA B 340 8.65 6.84 30.04
C ALA B 340 7.73 5.88 30.81
N PHE B 341 7.65 6.06 32.15
CA PHE B 341 6.69 5.33 32.97
C PHE B 341 5.26 5.59 32.51
N GLU B 342 4.99 6.81 32.05
CA GLU B 342 3.67 7.16 31.53
C GLU B 342 3.24 6.28 30.34
N LEU B 343 4.09 6.16 29.32
CA LEU B 343 3.72 5.44 28.12
C LEU B 343 3.64 3.94 28.43
N THR B 344 4.45 3.51 29.38
CA THR B 344 4.47 2.12 29.78
C THR B 344 3.09 1.70 30.29
N ARG B 345 2.52 2.47 31.25
CA ARG B 345 1.28 2.07 31.89
C ARG B 345 0.07 2.40 31.01
N LEU B 346 0.17 3.42 30.14
CA LEU B 346 -0.95 3.90 29.34
C LEU B 346 -1.16 3.08 28.07
N GLU B 347 -0.06 2.62 27.44
CA GLU B 347 -0.12 1.98 26.14
C GLU B 347 0.65 0.67 26.09
N GLY B 348 1.34 0.27 27.19
CA GLY B 348 2.10 -0.96 27.18
C GLY B 348 3.34 -0.90 26.27
N ILE B 349 3.87 0.31 26.03
CA ILE B 349 5.07 0.54 25.23
C ILE B 349 6.16 1.14 26.14
N ILE B 350 7.28 0.41 26.33
CA ILE B 350 8.44 0.93 27.05
C ILE B 350 9.33 1.68 26.04
N PRO B 351 9.38 3.04 26.09
CA PRO B 351 10.20 3.85 25.18
C PRO B 351 11.66 3.97 25.59
N ALA B 352 12.52 4.20 24.59
CA ALA B 352 13.87 4.66 24.85
C ALA B 352 13.81 5.95 25.67
N LEU B 353 14.83 6.14 26.50
CA LEU B 353 14.93 7.32 27.33
C LEU B 353 15.00 8.52 26.40
N GLU B 354 15.67 8.37 25.24
CA GLU B 354 15.72 9.44 24.25
C GLU B 354 14.29 9.90 23.92
N SER B 355 13.46 8.95 23.43
CA SER B 355 12.12 9.20 22.93
C SER B 355 11.22 9.77 24.03
N ALA B 356 11.54 9.49 25.30
CA ALA B 356 10.71 9.91 26.42
C ALA B 356 10.83 11.41 26.64
N HIS B 357 11.90 11.98 26.08
CA HIS B 357 12.03 13.43 26.09
C HIS B 357 10.94 14.03 25.22
N ALA B 358 10.73 13.46 24.04
CA ALA B 358 9.61 13.85 23.18
C ALA B 358 8.27 13.68 23.90
N LEU B 359 8.07 12.56 24.62
CA LEU B 359 6.79 12.31 25.26
C LEU B 359 6.51 13.37 26.33
N ALA B 360 7.56 13.70 27.09
CA ALA B 360 7.52 14.66 28.17
C ALA B 360 7.06 16.04 27.68
N ALA B 361 7.33 16.34 26.41
CA ALA B 361 6.93 17.60 25.79
C ALA B 361 5.42 17.79 25.63
N LEU B 362 4.63 16.69 25.68
CA LEU B 362 3.20 16.77 25.52
C LEU B 362 2.57 17.57 26.66
N GLU B 363 3.23 17.62 27.81
CA GLU B 363 2.79 18.39 28.97
C GLU B 363 2.91 19.89 28.69
N LYS B 364 3.80 20.31 27.77
CA LYS B 364 4.16 21.72 27.67
C LYS B 364 3.48 22.40 26.50
N VAL B 365 2.57 21.70 25.79
CA VAL B 365 1.96 22.28 24.59
C VAL B 365 0.46 22.41 24.84
N LYS B 366 -0.11 23.53 24.37
CA LYS B 366 -1.54 23.81 24.50
C LYS B 366 -2.25 23.20 23.30
N PHE B 367 -2.78 21.98 23.49
CA PHE B 367 -3.49 21.28 22.43
C PHE B 367 -4.97 21.68 22.49
N LYS B 368 -5.64 21.73 21.31
CA LYS B 368 -7.09 21.83 21.22
C LYS B 368 -7.67 20.42 21.00
N PRO B 369 -8.97 20.18 21.25
CA PRO B 369 -9.55 18.84 21.07
C PRO B 369 -9.50 18.27 19.65
N GLU B 370 -9.46 19.15 18.64
CA GLU B 370 -9.48 18.71 17.25
C GLU B 370 -8.05 18.52 16.73
N ASP B 371 -7.05 18.83 17.57
CA ASP B 371 -5.66 18.74 17.17
C ASP B 371 -5.29 17.29 16.87
N VAL B 372 -4.52 17.09 15.80
CA VAL B 372 -3.92 15.81 15.49
C VAL B 372 -2.40 15.95 15.66
N VAL B 373 -1.83 15.09 16.51
CA VAL B 373 -0.41 15.09 16.81
C VAL B 373 0.21 13.76 16.35
N VAL B 374 1.40 13.85 15.77
CA VAL B 374 2.24 12.71 15.43
C VAL B 374 3.55 12.88 16.19
N LEU B 375 3.81 11.96 17.14
CA LEU B 375 5.07 11.96 17.88
C LEU B 375 5.92 10.78 17.42
N THR B 376 7.22 10.98 17.22
CA THR B 376 8.04 9.89 16.72
C THR B 376 8.64 9.16 17.93
N LEU B 377 8.25 7.88 18.08
CA LEU B 377 8.80 7.01 19.11
C LEU B 377 10.09 6.43 18.55
N SER B 378 11.21 7.12 18.82
CA SER B 378 12.42 6.88 18.05
C SER B 378 12.99 5.49 18.36
N GLY B 379 12.76 4.95 19.55
CA GLY B 379 13.22 3.60 19.85
C GLY B 379 12.57 3.01 21.09
N ARG B 380 12.88 1.75 21.34
CA ARG B 380 12.40 1.02 22.51
C ARG B 380 13.40 1.10 23.66
N GLY B 381 12.90 0.87 24.89
CA GLY B 381 13.60 1.18 26.12
C GLY B 381 14.32 0.00 26.78
N ASP B 382 14.43 -1.13 26.08
CA ASP B 382 15.10 -2.29 26.62
C ASP B 382 16.49 -1.87 27.13
N LYS B 383 17.12 -0.93 26.45
CA LYS B 383 18.48 -0.57 26.81
C LYS B 383 18.55 0.15 28.17
N ASP B 384 17.44 0.74 28.60
CA ASP B 384 17.42 1.67 29.72
C ASP B 384 16.70 1.08 30.91
N MET B 385 16.52 -0.25 30.92
CA MET B 385 15.70 -0.89 31.92
C MET B 385 16.34 -0.75 33.31
N GLU B 386 17.67 -0.89 33.37
CA GLU B 386 18.39 -0.77 34.64
C GLU B 386 18.09 0.61 35.22
N THR B 387 18.09 1.64 34.35
CA THR B 387 17.86 3.01 34.77
C THR B 387 16.41 3.24 35.18
N TYR B 388 15.47 2.60 34.48
CA TYR B 388 14.06 2.80 34.78
C TYR B 388 13.75 2.17 36.13
N LEU B 389 14.25 0.96 36.35
CA LEU B 389 13.98 0.28 37.60
C LEU B 389 14.71 0.94 38.77
N LYS B 390 15.92 1.49 38.55
CA LYS B 390 16.56 2.24 39.61
C LYS B 390 15.66 3.41 40.00
N TYR B 391 15.03 4.04 39.00
CA TYR B 391 14.24 5.23 39.25
C TYR B 391 13.02 4.83 40.06
N LYS B 392 12.39 3.69 39.72
CA LYS B 392 11.18 3.23 40.37
C LYS B 392 11.38 3.03 41.89
N LYS B 393 12.56 2.57 42.33
CA LYS B 393 12.86 2.44 43.75
C LYS B 393 12.86 3.80 44.49
N TYR C 4 -26.29 3.89 -21.98
CA TYR C 4 -25.79 3.03 -20.87
C TYR C 4 -25.11 1.75 -21.35
N ASN C 5 -25.15 1.42 -22.64
CA ASN C 5 -24.37 0.28 -23.12
C ASN C 5 -22.89 0.66 -23.28
N VAL C 6 -22.09 -0.30 -23.75
CA VAL C 6 -20.66 -0.11 -23.86
C VAL C 6 -20.34 0.91 -24.96
N ASP C 7 -19.30 1.72 -24.73
CA ASP C 7 -18.73 2.50 -25.80
C ASP C 7 -17.74 1.60 -26.50
N GLU C 8 -16.93 2.14 -27.41
CA GLU C 8 -16.15 1.32 -28.36
C GLU C 8 -14.80 0.91 -27.79
N ASN C 9 -14.44 1.42 -26.62
CA ASN C 9 -13.20 1.01 -25.98
C ASN C 9 -13.49 0.25 -24.69
N GLY C 10 -14.72 -0.26 -24.53
CA GLY C 10 -15.09 -1.13 -23.41
C GLY C 10 -15.35 -0.35 -22.13
N TYR C 11 -15.83 0.89 -22.30
CA TYR C 11 -16.15 1.75 -21.18
C TYR C 11 -17.66 1.91 -21.15
N TYR C 12 -18.21 1.71 -19.95
CA TYR C 12 -19.54 2.07 -19.52
C TYR C 12 -19.34 3.30 -18.63
N GLY C 13 -19.56 4.49 -19.20
CA GLY C 13 -19.09 5.72 -18.58
C GLY C 13 -17.63 5.55 -18.19
N GLU C 14 -17.34 5.77 -16.89
CA GLU C 14 -15.95 5.79 -16.45
C GLU C 14 -15.40 4.37 -16.20
N PHE C 15 -16.24 3.33 -16.27
CA PHE C 15 -15.83 2.01 -15.81
C PHE C 15 -15.55 1.09 -17.00
N GLY C 16 -14.58 0.22 -16.82
CA GLY C 16 -14.38 -0.86 -17.78
C GLY C 16 -12.97 -0.90 -18.34
N GLY C 17 -12.86 -0.78 -19.64
CA GLY C 17 -11.57 -0.82 -20.27
C GLY C 17 -10.86 -2.16 -20.08
N ALA C 18 -9.58 -2.15 -20.40
CA ALA C 18 -8.67 -3.26 -20.23
C ALA C 18 -7.40 -2.75 -19.57
N TYR C 19 -7.01 -3.37 -18.45
CA TYR C 19 -5.82 -2.97 -17.70
C TYR C 19 -5.00 -4.23 -17.45
N ILE C 20 -4.19 -4.61 -18.45
CA ILE C 20 -3.53 -5.90 -18.43
C ILE C 20 -2.02 -5.72 -18.64
N PRO C 21 -1.19 -6.66 -18.16
CA PRO C 21 0.25 -6.64 -18.44
C PRO C 21 0.56 -6.91 -19.91
N GLU C 22 1.73 -6.44 -20.35
CA GLU C 22 2.15 -6.47 -21.74
C GLU C 22 2.13 -7.92 -22.26
N ILE C 23 2.47 -8.85 -21.36
CA ILE C 23 2.59 -10.29 -21.60
C ILE C 23 1.39 -10.82 -22.38
N LEU C 24 0.24 -10.22 -22.12
CA LEU C 24 -1.05 -10.68 -22.63
C LEU C 24 -1.61 -9.71 -23.65
N HIS C 25 -0.84 -8.65 -23.96
CA HIS C 25 -1.38 -7.50 -24.66
C HIS C 25 -1.92 -7.95 -26.02
N LYS C 26 -1.25 -8.93 -26.64
CA LYS C 26 -1.59 -9.38 -27.98
C LYS C 26 -2.82 -10.30 -27.97
N CYS C 27 -2.99 -11.11 -26.91
CA CYS C 27 -4.17 -11.96 -26.82
C CYS C 27 -5.43 -11.11 -26.75
N VAL C 28 -5.40 -10.11 -25.87
CA VAL C 28 -6.52 -9.25 -25.60
C VAL C 28 -6.82 -8.38 -26.83
N GLU C 29 -5.77 -7.83 -27.46
CA GLU C 29 -5.99 -7.05 -28.66
C GLU C 29 -6.64 -7.89 -29.76
N ASP C 30 -6.17 -9.14 -29.91
CA ASP C 30 -6.74 -10.07 -30.88
C ASP C 30 -8.24 -10.25 -30.56
N LEU C 31 -8.52 -10.51 -29.28
CA LEU C 31 -9.90 -10.68 -28.85
C LEU C 31 -10.70 -9.41 -29.09
N GLN C 32 -10.11 -8.23 -28.82
CA GLN C 32 -10.79 -6.97 -29.06
C GLN C 32 -11.11 -6.82 -30.55
N ASN C 33 -10.16 -7.20 -31.42
CA ASN C 33 -10.31 -6.87 -32.83
C ASN C 33 -11.29 -7.81 -33.51
N ASN C 34 -11.50 -9.01 -32.96
CA ASN C 34 -12.26 -10.03 -33.67
C ASN C 34 -13.59 -10.41 -33.03
N TYR C 35 -13.82 -10.06 -31.75
CA TYR C 35 -14.94 -10.66 -31.02
C TYR C 35 -16.23 -10.32 -31.76
N LEU C 36 -16.39 -9.05 -32.15
CA LEU C 36 -17.61 -8.56 -32.79
C LEU C 36 -17.78 -9.13 -34.19
N LYS C 37 -16.70 -9.17 -34.97
CA LYS C 37 -16.73 -9.73 -36.31
C LYS C 37 -17.32 -11.14 -36.24
N ILE C 38 -16.86 -11.91 -35.25
CA ILE C 38 -17.21 -13.31 -35.14
C ILE C 38 -18.67 -13.47 -34.70
N LEU C 39 -19.07 -12.80 -33.60
CA LEU C 39 -20.40 -12.93 -33.03
C LEU C 39 -21.45 -12.54 -34.06
N GLU C 40 -21.12 -11.53 -34.89
CA GLU C 40 -22.05 -10.99 -35.85
C GLU C 40 -21.94 -11.74 -37.18
N SER C 41 -20.99 -12.67 -37.35
CA SER C 41 -20.86 -13.45 -38.58
C SER C 41 -22.07 -14.37 -38.79
N PRO C 42 -22.42 -14.67 -40.06
CA PRO C 42 -23.45 -15.68 -40.34
C PRO C 42 -23.18 -17.06 -39.76
N ASP C 43 -22.00 -17.63 -40.06
CA ASP C 43 -21.62 -18.95 -39.60
C ASP C 43 -21.79 -19.08 -38.09
N PHE C 44 -21.33 -18.06 -37.38
CA PHE C 44 -21.38 -18.09 -35.94
C PHE C 44 -22.84 -18.18 -35.50
N GLN C 45 -23.67 -17.26 -36.00
CA GLN C 45 -25.02 -17.08 -35.48
C GLN C 45 -25.94 -18.25 -35.83
N LYS C 46 -25.65 -18.96 -36.92
CA LYS C 46 -26.38 -20.15 -37.29
C LYS C 46 -26.07 -21.25 -36.28
N GLU C 47 -24.80 -21.38 -35.90
CA GLU C 47 -24.40 -22.47 -35.03
C GLU C 47 -24.79 -22.16 -33.59
N TYR C 48 -24.62 -20.91 -33.18
CA TYR C 48 -25.02 -20.44 -31.87
C TYR C 48 -26.50 -20.73 -31.65
N ASP C 49 -27.35 -20.38 -32.63
CA ASP C 49 -28.81 -20.47 -32.48
C ASP C 49 -29.24 -21.92 -32.40
N GLN C 50 -28.60 -22.77 -33.21
CA GLN C 50 -28.96 -24.17 -33.33
C GLN C 50 -28.65 -24.89 -32.02
N LEU C 51 -27.49 -24.59 -31.44
CA LEU C 51 -27.12 -25.20 -30.17
C LEU C 51 -28.02 -24.65 -29.05
N LEU C 52 -28.29 -23.35 -29.03
CA LEU C 52 -29.16 -22.83 -27.98
C LEU C 52 -30.50 -23.56 -28.00
N ARG C 53 -31.05 -23.70 -29.21
CA ARG C 53 -32.36 -24.31 -29.44
C ARG C 53 -32.32 -25.79 -29.07
N ASP C 54 -31.42 -26.59 -29.69
CA ASP C 54 -31.51 -28.04 -29.63
C ASP C 54 -30.62 -28.67 -28.55
N TYR C 55 -29.55 -27.97 -28.16
CA TYR C 55 -28.70 -28.49 -27.11
C TYR C 55 -29.11 -27.90 -25.74
N VAL C 56 -29.37 -26.61 -25.69
CA VAL C 56 -29.64 -25.93 -24.44
C VAL C 56 -31.11 -26.04 -24.08
N GLY C 57 -31.98 -25.96 -25.09
CA GLY C 57 -33.40 -26.05 -24.92
C GLY C 57 -34.01 -24.67 -24.74
N ARG C 58 -33.37 -23.68 -25.38
CA ARG C 58 -33.91 -22.33 -25.50
C ARG C 58 -35.07 -22.30 -26.50
N PRO C 59 -36.07 -21.38 -26.42
CA PRO C 59 -36.18 -20.40 -25.34
C PRO C 59 -36.50 -21.04 -24.00
N SER C 60 -35.98 -20.41 -22.94
CA SER C 60 -36.35 -20.81 -21.61
C SER C 60 -37.72 -20.20 -21.34
N PRO C 61 -38.66 -20.94 -20.70
CA PRO C 61 -39.98 -20.37 -20.46
C PRO C 61 -39.98 -19.14 -19.58
N LEU C 62 -41.06 -18.38 -19.73
CA LEU C 62 -41.42 -17.32 -18.82
C LEU C 62 -42.67 -17.74 -18.08
N TYR C 63 -42.50 -18.01 -16.78
CA TYR C 63 -43.44 -18.73 -15.93
C TYR C 63 -44.13 -17.76 -14.96
N LEU C 64 -45.47 -17.67 -15.02
CA LEU C 64 -46.25 -16.87 -14.07
C LEU C 64 -46.30 -17.61 -12.74
N ALA C 65 -45.60 -17.07 -11.75
CA ALA C 65 -45.64 -17.71 -10.44
C ALA C 65 -46.83 -17.16 -9.63
N LYS C 66 -47.97 -17.88 -9.61
CA LYS C 66 -49.24 -17.36 -9.13
C LYS C 66 -49.22 -17.20 -7.62
N ARG C 67 -48.66 -18.18 -6.91
CA ARG C 67 -48.57 -18.08 -5.45
C ARG C 67 -47.56 -16.99 -5.07
N LEU C 68 -46.41 -16.93 -5.74
CA LEU C 68 -45.47 -15.85 -5.52
C LEU C 68 -46.19 -14.53 -5.69
N SER C 69 -47.06 -14.49 -6.71
CA SER C 69 -47.74 -13.29 -7.15
C SER C 69 -48.80 -12.87 -6.12
N GLU C 70 -49.54 -13.85 -5.60
CA GLU C 70 -50.43 -13.64 -4.48
C GLU C 70 -49.70 -13.00 -3.30
N LYS C 71 -48.56 -13.58 -2.94
CA LYS C 71 -47.78 -13.06 -1.83
C LYS C 71 -47.44 -11.58 -2.06
N TYR C 72 -46.93 -11.21 -3.24
CA TYR C 72 -46.31 -9.89 -3.39
C TYR C 72 -47.27 -8.85 -3.99
N GLY C 73 -48.52 -9.25 -4.33
CA GLY C 73 -49.56 -8.34 -4.79
C GLY C 73 -49.29 -7.76 -6.18
N CYS C 74 -48.94 -8.63 -7.13
CA CYS C 74 -48.63 -8.24 -8.51
C CYS C 74 -48.32 -9.51 -9.29
N LYS C 75 -48.14 -9.36 -10.60
CA LYS C 75 -47.75 -10.46 -11.47
C LYS C 75 -46.24 -10.64 -11.42
N ILE C 76 -45.80 -11.76 -10.82
CA ILE C 76 -44.40 -12.15 -10.81
C ILE C 76 -44.16 -13.22 -11.88
N TYR C 77 -43.32 -12.87 -12.85
CA TYR C 77 -42.91 -13.84 -13.86
C TYR C 77 -41.46 -14.29 -13.60
N LEU C 78 -41.19 -15.60 -13.71
CA LEU C 78 -39.84 -16.12 -13.53
C LEU C 78 -39.25 -16.51 -14.89
N LYS C 79 -38.13 -15.88 -15.23
CA LYS C 79 -37.38 -16.31 -16.41
C LYS C 79 -36.58 -17.56 -16.08
N ARG C 80 -36.98 -18.71 -16.65
CA ARG C 80 -36.57 -20.00 -16.11
C ARG C 80 -35.26 -20.52 -16.74
N GLU C 81 -34.14 -19.80 -16.52
CA GLU C 81 -32.80 -20.27 -16.90
C GLU C 81 -32.39 -21.54 -16.14
N ASP C 82 -33.08 -21.80 -15.03
CA ASP C 82 -32.85 -22.98 -14.21
C ASP C 82 -33.09 -24.25 -15.03
N LEU C 83 -33.89 -24.14 -16.11
CA LEU C 83 -34.32 -25.30 -16.90
C LEU C 83 -33.34 -25.62 -18.04
N ASN C 84 -32.34 -24.77 -18.28
CA ASN C 84 -31.40 -24.97 -19.37
C ASN C 84 -30.56 -26.22 -19.12
N HIS C 85 -30.04 -26.81 -20.19
CA HIS C 85 -28.97 -27.79 -20.03
C HIS C 85 -27.90 -27.22 -19.09
N THR C 86 -27.59 -27.99 -18.05
CA THR C 86 -26.59 -27.81 -17.01
C THR C 86 -27.17 -27.07 -15.82
N GLY C 87 -28.39 -26.53 -15.93
CA GLY C 87 -29.12 -26.01 -14.79
C GLY C 87 -28.89 -24.53 -14.48
N ALA C 88 -28.24 -23.77 -15.37
CA ALA C 88 -28.09 -22.34 -15.15
C ALA C 88 -27.93 -21.56 -16.46
N HIS C 89 -27.86 -20.23 -16.34
CA HIS C 89 -27.61 -19.34 -17.47
C HIS C 89 -26.20 -19.51 -18.09
N ALA C 90 -25.22 -20.03 -17.34
CA ALA C 90 -23.82 -19.98 -17.77
C ALA C 90 -23.59 -20.65 -19.12
N ILE C 91 -24.43 -21.61 -19.46
CA ILE C 91 -24.27 -22.37 -20.69
C ILE C 91 -24.47 -21.46 -21.90
N ASN C 92 -25.22 -20.36 -21.76
CA ASN C 92 -25.41 -19.45 -22.89
C ASN C 92 -24.08 -18.78 -23.25
N ASN C 93 -23.27 -18.57 -22.19
CA ASN C 93 -21.96 -17.95 -22.27
C ASN C 93 -20.96 -18.92 -22.91
N THR C 94 -20.94 -20.18 -22.47
CA THR C 94 -19.87 -21.10 -22.83
C THR C 94 -20.06 -21.59 -24.25
N ILE C 95 -21.33 -21.82 -24.67
CA ILE C 95 -21.64 -22.20 -26.04
C ILE C 95 -21.05 -21.13 -26.96
N GLY C 96 -21.30 -19.88 -26.64
CA GLY C 96 -20.83 -18.80 -27.48
C GLY C 96 -19.32 -18.65 -27.50
N GLN C 97 -18.74 -18.56 -26.31
CA GLN C 97 -17.31 -18.35 -26.23
C GLN C 97 -16.51 -19.49 -26.85
N ILE C 98 -16.99 -20.75 -26.76
CA ILE C 98 -16.17 -21.85 -27.24
C ILE C 98 -16.21 -21.85 -28.77
N LEU C 99 -17.32 -21.37 -29.37
CA LEU C 99 -17.44 -21.29 -30.81
C LEU C 99 -16.49 -20.20 -31.30
N LEU C 100 -16.40 -19.11 -30.54
CA LEU C 100 -15.43 -18.07 -30.80
C LEU C 100 -14.01 -18.61 -30.68
N ALA C 101 -13.79 -19.49 -29.68
CA ALA C 101 -12.48 -20.01 -29.35
C ALA C 101 -11.93 -20.79 -30.55
N ARG C 102 -12.76 -21.73 -31.03
CA ARG C 102 -12.44 -22.62 -32.12
C ARG C 102 -12.18 -21.81 -33.39
N ARG C 103 -12.95 -20.74 -33.61
CA ARG C 103 -12.76 -19.91 -34.79
C ARG C 103 -11.45 -19.11 -34.71
N MET C 104 -10.95 -18.86 -33.49
CA MET C 104 -9.67 -18.19 -33.34
C MET C 104 -8.52 -19.19 -33.28
N GLY C 105 -8.81 -20.49 -33.39
CA GLY C 105 -7.81 -21.53 -33.54
C GLY C 105 -7.24 -21.99 -32.20
N LYS C 106 -7.98 -21.76 -31.11
CA LYS C 106 -7.52 -22.15 -29.79
C LYS C 106 -7.88 -23.61 -29.57
N THR C 107 -7.09 -24.29 -28.72
CA THR C 107 -7.28 -25.71 -28.57
C THR C 107 -7.34 -26.11 -27.09
N ARG C 108 -6.78 -25.29 -26.21
CA ARG C 108 -6.83 -25.57 -24.80
C ARG C 108 -7.76 -24.54 -24.18
N ILE C 109 -8.71 -25.01 -23.35
CA ILE C 109 -9.77 -24.15 -22.83
C ILE C 109 -9.63 -24.12 -21.32
N ILE C 110 -9.49 -22.92 -20.72
CA ILE C 110 -9.48 -22.79 -19.27
C ILE C 110 -10.66 -21.93 -18.79
N ALA C 111 -11.00 -22.02 -17.49
CA ALA C 111 -12.03 -21.17 -16.92
C ALA C 111 -12.02 -21.26 -15.40
N GLU C 112 -12.67 -20.28 -14.77
CA GLU C 112 -12.82 -20.21 -13.32
C GLU C 112 -14.28 -20.43 -13.00
N THR C 113 -14.55 -20.91 -11.80
CA THR C 113 -15.90 -21.07 -11.31
C THR C 113 -15.90 -20.98 -9.78
N GLY C 114 -16.99 -20.42 -9.21
CA GLY C 114 -17.25 -20.50 -7.78
C GLY C 114 -18.38 -21.51 -7.50
N ALA C 115 -19.53 -21.31 -8.14
CA ALA C 115 -20.69 -22.17 -7.98
C ALA C 115 -20.52 -23.49 -8.72
N GLY C 116 -19.56 -23.57 -9.63
CA GLY C 116 -19.37 -24.79 -10.39
C GLY C 116 -20.29 -24.84 -11.61
N GLN C 117 -21.20 -23.88 -11.77
CA GLN C 117 -22.12 -23.85 -12.92
C GLN C 117 -21.37 -23.48 -14.19
N HIS C 118 -20.54 -22.42 -14.11
CA HIS C 118 -19.74 -22.00 -15.22
C HIS C 118 -18.73 -23.08 -15.56
N GLY C 119 -18.14 -23.70 -14.54
CA GLY C 119 -17.22 -24.79 -14.71
C GLY C 119 -17.89 -25.99 -15.36
N VAL C 120 -19.08 -26.37 -14.89
CA VAL C 120 -19.80 -27.45 -15.54
C VAL C 120 -20.23 -27.06 -16.96
N ALA C 121 -20.71 -25.83 -17.15
CA ALA C 121 -21.11 -25.41 -18.49
C ALA C 121 -19.92 -25.37 -19.47
N THR C 122 -18.70 -25.17 -18.92
CA THR C 122 -17.48 -25.04 -19.70
C THR C 122 -17.07 -26.43 -20.13
N ALA C 123 -17.01 -27.32 -19.14
CA ALA C 123 -16.70 -28.74 -19.29
C ALA C 123 -17.72 -29.41 -20.21
N THR C 124 -19.00 -29.06 -20.05
CA THR C 124 -20.03 -29.56 -20.96
C THR C 124 -19.64 -29.28 -22.42
N VAL C 125 -19.32 -28.03 -22.77
CA VAL C 125 -19.14 -27.70 -24.17
C VAL C 125 -17.80 -28.24 -24.69
N CYS C 126 -16.83 -28.41 -23.78
CA CYS C 126 -15.49 -28.88 -24.08
C CYS C 126 -15.56 -30.36 -24.42
N ALA C 127 -16.33 -31.09 -23.62
CA ALA C 127 -16.62 -32.48 -23.92
C ALA C 127 -17.41 -32.56 -25.24
N LEU C 128 -18.40 -31.69 -25.43
CA LEU C 128 -19.12 -31.69 -26.71
C LEU C 128 -18.16 -31.47 -27.89
N MET C 129 -17.23 -30.49 -27.76
CA MET C 129 -16.34 -30.12 -28.86
C MET C 129 -15.01 -30.89 -28.84
N ASN C 130 -14.84 -31.87 -27.94
CA ASN C 130 -13.65 -32.70 -27.86
C ASN C 130 -12.42 -31.82 -27.64
N MET C 131 -12.46 -30.96 -26.63
CA MET C 131 -11.35 -30.06 -26.39
C MET C 131 -10.90 -30.18 -24.95
N GLU C 132 -9.63 -29.83 -24.70
CA GLU C 132 -9.04 -29.91 -23.36
C GLU C 132 -9.63 -28.82 -22.47
N CYS C 133 -10.10 -29.22 -21.30
CA CYS C 133 -10.75 -28.34 -20.36
C CYS C 133 -10.05 -28.34 -18.99
N ILE C 134 -9.53 -27.17 -18.57
CA ILE C 134 -9.05 -26.99 -17.20
C ILE C 134 -9.97 -25.97 -16.51
N VAL C 135 -10.46 -26.30 -15.31
CA VAL C 135 -11.30 -25.39 -14.51
C VAL C 135 -10.61 -25.10 -13.18
N TYR C 136 -10.32 -23.82 -12.92
CA TYR C 136 -9.80 -23.36 -11.65
C TYR C 136 -10.97 -23.02 -10.72
N MET C 137 -10.87 -23.48 -9.48
CA MET C 137 -11.96 -23.36 -8.53
C MET C 137 -11.38 -23.26 -7.12
N GLY C 138 -11.73 -22.18 -6.40
CA GLY C 138 -11.34 -22.02 -5.01
C GLY C 138 -11.61 -23.28 -4.22
N LYS C 139 -10.66 -23.66 -3.36
CA LYS C 139 -10.78 -24.88 -2.58
C LYS C 139 -12.04 -24.86 -1.70
N THR C 140 -12.32 -23.71 -1.07
CA THR C 140 -13.56 -23.52 -0.33
C THR C 140 -14.77 -23.89 -1.19
N ASP C 141 -14.75 -23.45 -2.46
CA ASP C 141 -15.86 -23.64 -3.36
C ASP C 141 -15.96 -25.10 -3.74
N VAL C 142 -14.81 -25.79 -3.88
CA VAL C 142 -14.78 -27.21 -4.23
C VAL C 142 -15.55 -28.02 -3.18
N GLU C 143 -15.57 -27.56 -1.93
CA GLU C 143 -16.17 -28.33 -0.85
C GLU C 143 -17.67 -28.02 -0.81
N ARG C 144 -17.98 -26.72 -0.97
CA ARG C 144 -19.32 -26.17 -0.87
C ARG C 144 -20.18 -26.53 -2.07
N GLN C 145 -19.56 -26.87 -3.21
CA GLN C 145 -20.29 -27.10 -4.47
C GLN C 145 -19.75 -28.37 -5.16
N HIS C 146 -19.46 -29.40 -4.36
CA HIS C 146 -18.86 -30.64 -4.82
C HIS C 146 -19.71 -31.35 -5.87
N VAL C 147 -21.03 -31.20 -5.83
CA VAL C 147 -21.80 -31.94 -6.84
C VAL C 147 -21.42 -31.45 -8.24
N ASN C 148 -20.98 -30.20 -8.38
CA ASN C 148 -20.57 -29.63 -9.67
C ASN C 148 -19.15 -30.10 -10.02
N VAL C 149 -18.28 -30.26 -9.02
CA VAL C 149 -16.98 -30.90 -9.17
C VAL C 149 -17.15 -32.28 -9.82
N GLN C 150 -18.00 -33.10 -9.23
CA GLN C 150 -18.23 -34.44 -9.73
C GLN C 150 -18.60 -34.43 -11.23
N LYS C 151 -19.50 -33.51 -11.62
CA LYS C 151 -19.93 -33.42 -13.00
C LYS C 151 -18.74 -33.04 -13.89
N MET C 152 -17.92 -32.09 -13.44
CA MET C 152 -16.78 -31.66 -14.25
C MET C 152 -15.81 -32.83 -14.46
N GLU C 153 -15.59 -33.65 -13.42
CA GLU C 153 -14.67 -34.78 -13.47
C GLU C 153 -15.16 -35.84 -14.46
N MET C 154 -16.45 -36.13 -14.38
CA MET C 154 -17.07 -37.09 -15.30
C MET C 154 -17.02 -36.55 -16.73
N LEU C 155 -17.12 -35.22 -16.89
CA LEU C 155 -17.07 -34.60 -18.22
C LEU C 155 -15.65 -34.57 -18.81
N GLY C 156 -14.65 -34.94 -17.98
CA GLY C 156 -13.28 -35.06 -18.42
C GLY C 156 -12.50 -33.75 -18.28
N ALA C 157 -13.00 -32.80 -17.46
CA ALA C 157 -12.19 -31.62 -17.16
C ALA C 157 -11.22 -31.90 -16.00
N THR C 158 -10.15 -31.14 -15.95
CA THR C 158 -9.26 -31.15 -14.79
C THR C 158 -9.71 -30.00 -13.91
N VAL C 159 -10.07 -30.31 -12.66
CA VAL C 159 -10.48 -29.31 -11.70
C VAL C 159 -9.27 -29.04 -10.82
N VAL C 160 -8.77 -27.79 -10.87
CA VAL C 160 -7.64 -27.35 -10.07
C VAL C 160 -8.16 -26.63 -8.83
N PRO C 161 -8.02 -27.22 -7.62
CA PRO C 161 -8.45 -26.55 -6.40
C PRO C 161 -7.47 -25.40 -6.17
N VAL C 162 -7.98 -24.18 -5.90
CA VAL C 162 -7.12 -23.02 -5.73
C VAL C 162 -7.01 -22.65 -4.25
N THR C 163 -5.76 -22.60 -3.77
CA THR C 163 -5.46 -22.44 -2.34
C THR C 163 -5.08 -21.00 -2.00
N SER C 164 -4.83 -20.16 -3.03
CA SER C 164 -4.30 -18.84 -2.77
C SER C 164 -5.44 -17.94 -2.30
N GLY C 165 -5.11 -16.77 -1.76
CA GLY C 165 -6.11 -15.85 -1.20
C GLY C 165 -6.99 -16.53 -0.16
N ASN C 166 -8.31 -16.29 -0.14
CA ASN C 166 -9.23 -16.98 0.76
C ASN C 166 -9.94 -18.13 0.04
N MET C 167 -9.39 -18.58 -1.10
CA MET C 167 -9.83 -19.81 -1.75
C MET C 167 -11.24 -19.69 -2.38
N THR C 168 -11.56 -18.53 -3.00
CA THR C 168 -12.85 -18.29 -3.64
C THR C 168 -12.65 -17.75 -5.06
N LEU C 169 -13.73 -17.26 -5.69
CA LEU C 169 -13.71 -16.87 -7.10
C LEU C 169 -12.54 -15.97 -7.45
N LYS C 170 -12.32 -14.92 -6.66
CA LYS C 170 -11.27 -13.96 -7.02
C LYS C 170 -9.95 -14.69 -7.26
N ASP C 171 -9.71 -15.77 -6.48
CA ASP C 171 -8.44 -16.49 -6.46
C ASP C 171 -8.37 -17.45 -7.63
N ALA C 172 -9.45 -18.22 -7.81
CA ALA C 172 -9.67 -18.98 -9.03
C ALA C 172 -9.40 -18.13 -10.26
N THR C 173 -9.99 -16.95 -10.28
CA THR C 173 -9.78 -16.02 -11.38
C THR C 173 -8.32 -15.57 -11.50
N ASN C 174 -7.62 -15.30 -10.37
CA ASN C 174 -6.22 -14.90 -10.47
C ASN C 174 -5.40 -16.02 -11.09
N GLU C 175 -5.68 -17.25 -10.67
CA GLU C 175 -4.94 -18.38 -11.21
C GLU C 175 -5.25 -18.60 -12.70
N ALA C 176 -6.52 -18.46 -13.08
CA ALA C 176 -6.89 -18.57 -14.48
C ALA C 176 -6.14 -17.55 -15.34
N ILE C 177 -6.03 -16.32 -14.89
CA ILE C 177 -5.30 -15.31 -15.64
C ILE C 177 -3.81 -15.70 -15.75
N ARG C 178 -3.25 -16.23 -14.65
CA ARG C 178 -1.86 -16.63 -14.60
C ARG C 178 -1.60 -17.64 -15.72
N ASP C 179 -2.39 -18.72 -15.73
CA ASP C 179 -2.30 -19.77 -16.74
C ASP C 179 -2.44 -19.16 -18.15
N TRP C 180 -3.38 -18.24 -18.30
CA TRP C 180 -3.60 -17.61 -19.60
C TRP C 180 -2.33 -16.88 -20.04
N CYS C 181 -1.60 -16.28 -19.08
CA CYS C 181 -0.36 -15.57 -19.39
C CYS C 181 0.69 -16.55 -19.92
N CYS C 182 0.70 -17.79 -19.39
CA CYS C 182 1.74 -18.77 -19.70
C CYS C 182 1.35 -19.65 -20.90
N HIS C 183 0.24 -19.35 -21.58
CA HIS C 183 -0.19 -20.15 -22.71
C HIS C 183 -0.77 -19.23 -23.77
N PRO C 184 0.04 -18.30 -24.31
CA PRO C 184 -0.54 -17.27 -25.17
C PRO C 184 -1.10 -17.85 -26.48
N SER C 185 -0.52 -18.93 -26.98
CA SER C 185 -0.85 -19.33 -28.34
C SER C 185 -2.03 -20.32 -28.41
N ASP C 186 -2.06 -21.36 -27.57
CA ASP C 186 -3.01 -22.45 -27.72
C ASP C 186 -4.31 -22.25 -26.91
N THR C 187 -4.31 -21.32 -25.96
CA THR C 187 -5.30 -21.34 -24.88
C THR C 187 -6.34 -20.26 -25.07
N TYR C 188 -7.60 -20.61 -24.83
CA TYR C 188 -8.67 -19.62 -24.74
C TYR C 188 -9.27 -19.69 -23.34
N TYR C 189 -9.45 -18.49 -22.77
CA TYR C 189 -10.00 -18.32 -21.45
C TYR C 189 -11.45 -17.91 -21.57
N ILE C 190 -12.34 -18.85 -21.26
CA ILE C 190 -13.75 -18.56 -21.12
C ILE C 190 -14.02 -17.98 -19.74
N ILE C 191 -14.05 -16.65 -19.65
CA ILE C 191 -14.41 -15.99 -18.39
C ILE C 191 -15.89 -16.22 -18.11
N GLY C 192 -16.25 -16.29 -16.83
CA GLY C 192 -17.55 -16.81 -16.45
C GLY C 192 -18.55 -15.73 -16.02
N SER C 193 -18.16 -14.45 -16.13
CA SER C 193 -19.09 -13.35 -15.84
C SER C 193 -18.69 -12.12 -16.65
N THR C 194 -19.43 -11.03 -16.44
CA THR C 194 -19.20 -9.77 -17.16
C THR C 194 -18.15 -8.94 -16.44
N VAL C 195 -16.95 -9.52 -16.34
CA VAL C 195 -15.83 -8.96 -15.60
C VAL C 195 -14.62 -9.14 -16.52
N GLY C 196 -13.44 -8.77 -16.05
CA GLY C 196 -12.26 -8.94 -16.88
C GLY C 196 -12.06 -7.72 -17.77
N PRO C 197 -10.99 -7.76 -18.58
CA PRO C 197 -10.66 -6.65 -19.48
C PRO C 197 -11.57 -6.68 -20.70
N HIS C 198 -11.84 -5.50 -21.26
CA HIS C 198 -12.52 -5.44 -22.53
C HIS C 198 -11.79 -6.40 -23.48
N PRO C 199 -12.48 -7.28 -24.25
CA PRO C 199 -13.94 -7.22 -24.44
C PRO C 199 -14.83 -8.21 -23.67
N TYR C 200 -14.33 -8.73 -22.55
CA TYR C 200 -15.03 -9.83 -21.89
C TYR C 200 -16.39 -9.34 -21.41
N PRO C 201 -16.46 -8.21 -20.68
CA PRO C 201 -17.76 -7.72 -20.18
C PRO C 201 -18.81 -7.51 -21.29
N ASP C 202 -18.38 -6.94 -22.41
CA ASP C 202 -19.34 -6.71 -23.48
C ASP C 202 -19.67 -8.02 -24.17
N MET C 203 -18.69 -8.91 -24.31
CA MET C 203 -18.93 -10.15 -25.03
C MET C 203 -19.94 -11.03 -24.27
N VAL C 204 -19.68 -11.17 -22.97
CA VAL C 204 -20.48 -12.02 -22.12
C VAL C 204 -21.89 -11.43 -22.00
N ALA C 205 -22.01 -10.10 -21.91
CA ALA C 205 -23.33 -9.47 -21.97
C ALA C 205 -24.05 -9.79 -23.29
N ARG C 206 -23.34 -9.80 -24.42
CA ARG C 206 -24.01 -10.00 -25.70
C ARG C 206 -24.57 -11.41 -25.75
N LEU C 207 -23.87 -12.33 -25.08
CA LEU C 207 -24.15 -13.75 -25.16
C LEU C 207 -25.30 -14.10 -24.23
N GLN C 208 -25.45 -13.34 -23.14
CA GLN C 208 -26.55 -13.57 -22.24
C GLN C 208 -27.80 -12.79 -22.69
N SER C 209 -27.64 -11.98 -23.75
CA SER C 209 -28.65 -11.01 -24.15
C SER C 209 -29.87 -11.71 -24.72
N VAL C 210 -29.68 -12.94 -25.21
CA VAL C 210 -30.83 -13.78 -25.57
C VAL C 210 -31.87 -13.86 -24.45
N ILE C 211 -31.50 -13.64 -23.19
CA ILE C 211 -32.47 -13.70 -22.10
C ILE C 211 -33.52 -12.60 -22.31
N SER C 212 -33.06 -11.35 -22.40
CA SER C 212 -33.96 -10.22 -22.52
C SER C 212 -34.67 -10.24 -23.88
N LYS C 213 -34.00 -10.77 -24.91
CA LYS C 213 -34.59 -10.89 -26.23
C LYS C 213 -35.84 -11.76 -26.18
N GLU C 214 -35.76 -12.89 -25.46
CA GLU C 214 -36.88 -13.80 -25.33
C GLU C 214 -37.95 -13.18 -24.43
N ILE C 215 -37.54 -12.50 -23.36
CA ILE C 215 -38.50 -11.87 -22.47
C ILE C 215 -39.39 -10.93 -23.29
N LYS C 216 -38.81 -10.28 -24.33
CA LYS C 216 -39.49 -9.22 -25.06
C LYS C 216 -40.67 -9.85 -25.80
N LYS C 217 -40.41 -10.95 -26.52
CA LYS C 217 -41.44 -11.69 -27.24
C LYS C 217 -42.44 -12.35 -26.27
N GLN C 218 -41.97 -12.91 -25.15
CA GLN C 218 -42.82 -13.68 -24.26
C GLN C 218 -43.78 -12.75 -23.48
N LEU C 219 -43.31 -11.55 -23.12
CA LEU C 219 -44.18 -10.58 -22.48
C LEU C 219 -45.23 -10.12 -23.50
N GLN C 220 -44.85 -10.02 -24.77
CA GLN C 220 -45.74 -9.55 -25.81
C GLN C 220 -46.88 -10.57 -25.95
N GLU C 221 -46.54 -11.86 -25.95
CA GLU C 221 -47.53 -12.94 -26.07
C GLU C 221 -48.45 -12.98 -24.85
N LYS C 222 -47.97 -12.58 -23.67
CA LYS C 222 -48.68 -12.84 -22.44
C LYS C 222 -49.34 -11.60 -21.85
N GLU C 223 -48.79 -10.41 -22.09
CA GLU C 223 -49.32 -9.21 -21.48
C GLU C 223 -49.78 -8.18 -22.51
N GLY C 224 -49.48 -8.40 -23.81
CA GLY C 224 -49.74 -7.39 -24.83
C GLY C 224 -48.84 -6.15 -24.73
N ARG C 225 -47.78 -6.19 -23.90
CA ARG C 225 -46.72 -5.19 -23.88
C ARG C 225 -45.38 -5.92 -24.05
N ASP C 226 -44.31 -5.21 -24.43
CA ASP C 226 -43.03 -5.91 -24.64
C ASP C 226 -42.05 -5.67 -23.49
N TYR C 227 -42.46 -4.91 -22.47
CA TYR C 227 -41.59 -4.41 -21.41
C TYR C 227 -42.29 -4.63 -20.06
N PRO C 228 -41.57 -5.09 -19.00
CA PRO C 228 -42.17 -5.23 -17.68
C PRO C 228 -41.92 -3.95 -16.91
N ASP C 229 -42.56 -3.82 -15.76
CA ASP C 229 -42.34 -2.66 -14.92
C ASP C 229 -41.08 -2.84 -14.08
N TYR C 230 -40.75 -4.11 -13.79
CA TYR C 230 -39.52 -4.40 -13.07
C TYR C 230 -38.78 -5.55 -13.71
N LEU C 231 -37.46 -5.39 -13.75
CA LEU C 231 -36.53 -6.49 -13.91
C LEU C 231 -35.73 -6.68 -12.63
N ILE C 232 -35.70 -7.94 -12.17
CA ILE C 232 -34.99 -8.31 -10.96
C ILE C 232 -34.00 -9.45 -11.23
N ALA C 233 -32.74 -9.28 -10.78
CA ALA C 233 -31.70 -10.28 -10.94
C ALA C 233 -30.64 -10.15 -9.85
N CYS C 234 -30.08 -11.30 -9.47
CA CYS C 234 -28.93 -11.36 -8.59
C CYS C 234 -27.69 -11.02 -9.39
N VAL C 235 -26.66 -10.55 -8.65
CA VAL C 235 -25.40 -10.12 -9.23
C VAL C 235 -24.26 -10.63 -8.34
N GLY C 236 -23.36 -11.34 -9.01
CA GLY C 236 -22.05 -11.67 -8.51
C GLY C 236 -21.08 -10.79 -9.26
N GLY C 237 -20.97 -11.04 -10.57
CA GLY C 237 -20.11 -10.27 -11.45
C GLY C 237 -20.93 -9.48 -12.48
N GLY C 238 -22.13 -10.00 -12.81
CA GLY C 238 -23.07 -9.21 -13.58
C GLY C 238 -23.74 -9.90 -14.78
N SER C 239 -23.42 -11.16 -15.06
CA SER C 239 -23.71 -11.69 -16.39
C SER C 239 -25.20 -12.03 -16.56
N ASN C 240 -25.81 -12.74 -15.62
CA ASN C 240 -27.22 -13.08 -15.79
C ASN C 240 -28.02 -11.78 -15.82
N ALA C 241 -27.57 -10.78 -15.07
CA ALA C 241 -28.33 -9.53 -15.00
C ALA C 241 -28.12 -8.68 -16.26
N ALA C 242 -26.90 -8.65 -16.81
CA ALA C 242 -26.66 -8.05 -18.14
C ALA C 242 -27.58 -8.66 -19.20
N GLY C 243 -27.63 -9.99 -19.27
CA GLY C 243 -28.52 -10.62 -20.22
C GLY C 243 -29.94 -10.12 -20.08
N THR C 244 -30.42 -10.16 -18.83
CA THR C 244 -31.78 -9.82 -18.48
C THR C 244 -32.11 -8.38 -18.83
N ILE C 245 -31.15 -7.44 -18.75
CA ILE C 245 -31.46 -6.02 -18.96
C ILE C 245 -30.97 -5.50 -20.30
N TYR C 246 -30.29 -6.32 -21.11
CA TYR C 246 -29.57 -5.85 -22.27
C TYR C 246 -30.50 -5.16 -23.28
N HIS C 247 -31.59 -5.81 -23.66
CA HIS C 247 -32.51 -5.20 -24.60
C HIS C 247 -33.44 -4.20 -23.92
N TYR C 248 -33.20 -3.89 -22.63
CA TYR C 248 -34.05 -2.97 -21.88
C TYR C 248 -33.23 -1.82 -21.27
N ILE C 249 -31.94 -1.76 -21.54
CA ILE C 249 -31.06 -1.00 -20.68
C ILE C 249 -31.33 0.51 -20.81
N ASP C 250 -31.84 0.94 -21.97
CA ASP C 250 -32.13 2.34 -22.22
C ASP C 250 -33.62 2.67 -22.06
N ASP C 251 -34.44 1.73 -21.57
CA ASP C 251 -35.88 1.95 -21.48
C ASP C 251 -36.23 2.35 -20.04
N GLU C 252 -36.48 3.65 -19.85
CA GLU C 252 -36.64 4.25 -18.53
C GLU C 252 -37.99 3.88 -17.91
N ARG C 253 -38.89 3.21 -18.64
CA ARG C 253 -40.11 2.69 -18.07
C ARG C 253 -39.83 1.44 -17.22
N VAL C 254 -38.69 0.78 -17.50
CA VAL C 254 -38.38 -0.51 -16.86
C VAL C 254 -37.39 -0.23 -15.73
N LYS C 255 -37.82 -0.48 -14.49
CA LYS C 255 -36.96 -0.34 -13.32
C LYS C 255 -36.08 -1.58 -13.20
N ILE C 256 -34.79 -1.38 -12.93
CA ILE C 256 -33.87 -2.47 -12.67
C ILE C 256 -33.55 -2.59 -11.17
N VAL C 257 -33.72 -3.82 -10.65
CA VAL C 257 -33.36 -4.15 -9.27
C VAL C 257 -32.37 -5.32 -9.26
N LEU C 258 -31.15 -5.02 -8.76
CA LEU C 258 -30.06 -5.98 -8.63
C LEU C 258 -29.90 -6.42 -7.16
N ALA C 259 -29.69 -7.73 -6.93
CA ALA C 259 -29.42 -8.25 -5.60
C ALA C 259 -27.96 -8.72 -5.54
N GLU C 260 -27.16 -8.03 -4.73
CA GLU C 260 -25.79 -8.39 -4.44
C GLU C 260 -25.77 -9.09 -3.08
N ALA C 261 -24.70 -9.83 -2.84
CA ALA C 261 -24.62 -10.69 -1.67
C ALA C 261 -24.08 -9.93 -0.46
N GLY C 262 -24.95 -9.67 0.53
CA GLY C 262 -24.57 -8.97 1.76
C GLY C 262 -23.84 -9.84 2.78
N GLY C 263 -24.06 -11.16 2.75
CA GLY C 263 -23.29 -12.13 3.53
C GLY C 263 -23.80 -12.21 4.96
N LYS C 264 -22.90 -11.95 5.93
CA LYS C 264 -23.31 -11.81 7.32
C LYS C 264 -23.91 -10.43 7.59
N GLY C 265 -23.66 -9.48 6.69
CA GLY C 265 -24.22 -8.14 6.76
C GLY C 265 -23.30 -7.11 6.10
N ILE C 266 -23.82 -5.93 5.83
CA ILE C 266 -23.03 -4.86 5.21
C ILE C 266 -21.82 -4.52 6.10
N ASP C 267 -22.02 -4.49 7.43
CA ASP C 267 -20.99 -4.11 8.40
C ASP C 267 -20.46 -5.31 9.17
N SER C 268 -20.63 -6.53 8.63
CA SER C 268 -20.10 -7.74 9.21
C SER C 268 -18.58 -7.82 9.10
N GLY C 269 -18.03 -7.11 8.10
CA GLY C 269 -16.73 -7.41 7.51
C GLY C 269 -16.75 -8.74 6.75
N MET C 270 -17.95 -9.25 6.41
CA MET C 270 -18.13 -10.56 5.79
C MET C 270 -19.25 -10.48 4.75
N THR C 271 -18.90 -10.00 3.56
CA THR C 271 -19.84 -9.53 2.58
C THR C 271 -19.21 -9.58 1.20
N ALA C 272 -20.04 -9.53 0.14
CA ALA C 272 -19.63 -9.31 -1.22
C ALA C 272 -20.40 -8.13 -1.81
N ALA C 273 -20.83 -7.20 -0.95
CA ALA C 273 -21.69 -6.10 -1.36
C ALA C 273 -20.88 -4.99 -2.03
N THR C 274 -20.36 -5.27 -3.25
CA THR C 274 -19.43 -4.38 -3.92
C THR C 274 -20.03 -2.99 -4.15
N ILE C 275 -21.27 -2.91 -4.63
CA ILE C 275 -21.85 -1.61 -4.93
C ILE C 275 -21.98 -0.82 -3.65
N HIS C 276 -22.30 -1.48 -2.54
CA HIS C 276 -22.45 -0.77 -1.28
C HIS C 276 -21.10 -0.34 -0.68
N LEU C 277 -19.99 -1.06 -0.96
CA LEU C 277 -18.77 -0.90 -0.18
C LEU C 277 -17.53 -0.74 -1.04
N GLY C 278 -17.61 -0.99 -2.34
CA GLY C 278 -16.41 -0.99 -3.17
C GLY C 278 -15.99 0.45 -3.44
N LYS C 279 -14.74 0.63 -3.84
CA LYS C 279 -14.27 1.91 -4.33
C LYS C 279 -13.75 1.65 -5.74
N MET C 280 -13.48 2.76 -6.45
CA MET C 280 -12.79 2.70 -7.72
C MET C 280 -11.48 1.95 -7.53
N GLY C 281 -11.16 1.05 -8.45
CA GLY C 281 -9.91 0.29 -8.42
C GLY C 281 -9.89 -0.63 -9.63
N ILE C 282 -8.72 -1.25 -9.92
CA ILE C 282 -8.60 -2.26 -10.97
C ILE C 282 -8.76 -3.63 -10.33
N ILE C 283 -9.56 -4.51 -10.95
CA ILE C 283 -9.63 -5.92 -10.59
C ILE C 283 -9.77 -6.77 -11.84
N HIS C 284 -8.94 -7.80 -11.92
CA HIS C 284 -8.84 -8.69 -13.05
C HIS C 284 -8.93 -7.92 -14.37
N GLY C 285 -8.23 -6.79 -14.49
CA GLY C 285 -8.08 -6.12 -15.78
C GLY C 285 -9.20 -5.13 -16.13
N SER C 286 -10.05 -4.77 -15.14
CA SER C 286 -11.19 -3.90 -15.36
C SER C 286 -11.23 -2.75 -14.35
N LYS C 287 -11.36 -1.53 -14.85
CA LYS C 287 -11.56 -0.38 -13.98
C LYS C 287 -13.03 -0.34 -13.54
N THR C 288 -13.29 -0.74 -12.29
CA THR C 288 -14.66 -0.87 -11.81
C THR C 288 -14.70 -0.58 -10.31
N LEU C 289 -15.78 -0.98 -9.64
CA LEU C 289 -15.89 -0.86 -8.20
C LEU C 289 -15.45 -2.18 -7.56
N VAL C 290 -14.64 -2.09 -6.51
CA VAL C 290 -14.10 -3.31 -5.92
C VAL C 290 -13.81 -3.06 -4.46
N MET C 291 -14.25 -4.02 -3.62
CA MET C 291 -14.01 -3.96 -2.19
C MET C 291 -12.50 -4.01 -1.94
N GLN C 292 -12.00 -3.07 -1.14
CA GLN C 292 -10.58 -2.96 -0.83
C GLN C 292 -10.36 -2.61 0.64
N ASN C 293 -9.27 -3.12 1.23
CA ASN C 293 -8.88 -2.80 2.61
C ASN C 293 -8.16 -1.46 2.63
N GLU C 294 -7.51 -1.12 3.77
CA GLU C 294 -6.93 0.21 3.98
C GLU C 294 -5.67 0.40 3.14
N ASP C 295 -4.88 -0.66 2.98
CA ASP C 295 -3.78 -0.67 2.03
C ASP C 295 -4.27 -0.48 0.59
N GLY C 296 -5.58 -0.68 0.36
CA GLY C 296 -6.14 -0.69 -0.98
C GLY C 296 -5.82 -2.00 -1.70
N GLN C 297 -5.57 -3.06 -0.92
CA GLN C 297 -5.55 -4.42 -1.42
C GLN C 297 -7.00 -4.85 -1.64
N ILE C 298 -7.19 -5.76 -2.60
CA ILE C 298 -8.49 -6.35 -2.84
C ILE C 298 -8.91 -7.14 -1.60
N GLU C 299 -10.11 -6.82 -1.10
CA GLU C 299 -10.61 -7.41 0.13
C GLU C 299 -11.15 -8.80 -0.19
N GLU C 300 -11.00 -9.71 0.77
CA GLU C 300 -11.58 -11.04 0.71
C GLU C 300 -13.06 -10.92 1.02
N PRO C 301 -13.93 -11.36 0.09
CA PRO C 301 -15.37 -11.31 0.31
C PRO C 301 -15.87 -12.57 1.00
N TYR C 302 -17.11 -12.51 1.49
CA TYR C 302 -17.86 -13.69 1.93
C TYR C 302 -19.34 -13.66 1.47
N SER C 303 -19.85 -14.81 1.04
CA SER C 303 -21.28 -15.06 0.94
C SER C 303 -21.51 -16.56 1.08
N ILE C 304 -22.60 -16.97 1.70
CA ILE C 304 -23.07 -18.35 1.65
C ILE C 304 -23.07 -18.85 0.21
N SER C 305 -23.15 -17.90 -0.74
CA SER C 305 -23.32 -18.22 -2.14
C SER C 305 -22.01 -18.08 -2.91
N ALA C 306 -21.47 -19.21 -3.38
CA ALA C 306 -20.19 -19.22 -4.07
C ALA C 306 -20.19 -18.35 -5.34
N GLY C 307 -21.26 -18.38 -6.13
CA GLY C 307 -21.30 -17.66 -7.38
C GLY C 307 -21.51 -16.14 -7.23
N LEU C 308 -21.96 -15.68 -6.03
CA LEU C 308 -22.03 -14.25 -5.71
C LEU C 308 -20.76 -13.75 -4.99
N ASP C 309 -19.80 -14.63 -4.71
CA ASP C 309 -18.77 -14.32 -3.70
C ASP C 309 -17.55 -13.74 -4.41
N TYR C 310 -17.71 -12.52 -4.87
CA TYR C 310 -16.71 -11.87 -5.69
C TYR C 310 -16.58 -10.43 -5.19
N PRO C 311 -15.37 -9.93 -4.97
CA PRO C 311 -15.25 -8.64 -4.32
C PRO C 311 -15.44 -7.46 -5.26
N GLY C 312 -15.45 -7.71 -6.56
CA GLY C 312 -15.69 -6.66 -7.53
C GLY C 312 -17.07 -6.78 -8.17
N ILE C 313 -17.32 -5.98 -9.21
CA ILE C 313 -18.53 -6.07 -10.01
C ILE C 313 -18.25 -5.62 -11.44
N GLY C 314 -19.01 -6.25 -12.36
CA GLY C 314 -18.98 -5.87 -13.76
C GLY C 314 -18.96 -4.36 -13.97
N PRO C 315 -18.14 -3.84 -14.89
CA PRO C 315 -18.18 -2.39 -15.18
C PRO C 315 -19.56 -1.86 -15.58
N MET C 316 -20.36 -2.67 -16.29
CA MET C 316 -21.70 -2.25 -16.68
C MET C 316 -22.50 -1.77 -15.47
N HIS C 317 -22.48 -2.60 -14.41
CA HIS C 317 -23.33 -2.42 -13.24
C HIS C 317 -22.80 -1.30 -12.33
N ALA C 318 -21.47 -1.14 -12.28
CA ALA C 318 -20.89 0.02 -11.62
C ALA C 318 -21.49 1.30 -12.22
N ASN C 319 -21.41 1.40 -13.54
CA ASN C 319 -21.99 2.53 -14.24
C ASN C 319 -23.48 2.66 -13.91
N LEU C 320 -24.23 1.57 -14.08
CA LEU C 320 -25.65 1.62 -13.82
C LEU C 320 -25.91 2.21 -12.44
N ALA C 321 -25.24 1.71 -11.39
CA ALA C 321 -25.54 2.11 -10.01
C ALA C 321 -25.07 3.54 -9.75
N LYS C 322 -23.90 3.89 -10.28
CA LYS C 322 -23.41 5.25 -10.19
C LYS C 322 -24.43 6.22 -10.77
N GLN C 323 -25.09 5.84 -11.89
CA GLN C 323 -26.03 6.73 -12.56
C GLN C 323 -27.45 6.58 -11.98
N LYS C 324 -27.66 5.70 -11.00
CA LYS C 324 -28.98 5.54 -10.41
C LYS C 324 -29.95 4.90 -11.39
N ARG C 325 -29.48 4.20 -12.44
CA ARG C 325 -30.34 3.50 -13.39
C ARG C 325 -30.83 2.17 -12.81
N ALA C 326 -30.14 1.74 -11.76
CA ALA C 326 -30.42 0.50 -11.09
C ALA C 326 -30.40 0.75 -9.59
N GLN C 327 -31.34 0.10 -8.93
CA GLN C 327 -31.32 0.01 -7.48
C GLN C 327 -30.65 -1.32 -7.18
N VAL C 328 -29.64 -1.29 -6.28
CA VAL C 328 -28.87 -2.47 -5.94
C VAL C 328 -29.04 -2.76 -4.45
N LEU C 329 -29.67 -3.90 -4.14
CA LEU C 329 -29.85 -4.31 -2.76
C LEU C 329 -28.77 -5.31 -2.35
N ALA C 330 -28.37 -5.20 -1.09
CA ALA C 330 -27.53 -6.20 -0.45
C ALA C 330 -28.44 -7.14 0.34
N ILE C 331 -28.35 -8.43 0.01
CA ILE C 331 -29.19 -9.45 0.58
C ILE C 331 -28.34 -10.42 1.39
N ASN C 332 -28.75 -10.68 2.64
CA ASN C 332 -27.95 -11.46 3.57
C ASN C 332 -28.23 -12.96 3.39
N ASP C 333 -27.28 -13.79 3.83
CA ASP C 333 -27.38 -15.25 3.79
C ASP C 333 -28.82 -15.70 4.09
N ASP C 334 -29.30 -15.39 5.31
CA ASP C 334 -30.57 -15.84 5.87
C ASP C 334 -31.76 -15.47 4.98
N GLU C 335 -31.72 -14.28 4.40
CA GLU C 335 -32.79 -13.81 3.51
C GLU C 335 -32.83 -14.67 2.27
N ALA C 336 -31.65 -14.95 1.69
CA ALA C 336 -31.54 -15.76 0.50
C ALA C 336 -32.04 -17.17 0.78
N LEU C 337 -31.61 -17.69 1.93
CA LEU C 337 -32.01 -19.03 2.33
C LEU C 337 -33.53 -19.15 2.51
N ASN C 338 -34.16 -18.19 3.21
CA ASN C 338 -35.61 -18.20 3.40
C ASN C 338 -36.34 -18.13 2.05
N ALA C 339 -35.96 -17.17 1.19
CA ALA C 339 -36.49 -17.08 -0.16
C ALA C 339 -36.42 -18.42 -0.92
N ALA C 340 -35.32 -19.17 -0.78
CA ALA C 340 -35.19 -20.44 -1.48
C ALA C 340 -36.24 -21.45 -1.02
N PHE C 341 -36.41 -21.47 0.31
CA PHE C 341 -37.44 -22.31 0.92
C PHE C 341 -38.81 -21.86 0.46
N GLU C 342 -38.99 -20.55 0.36
CA GLU C 342 -40.25 -20.01 -0.09
C GLU C 342 -40.59 -20.58 -1.47
N LEU C 343 -39.67 -20.40 -2.44
CA LEU C 343 -39.98 -20.78 -3.80
C LEU C 343 -40.26 -22.28 -3.88
N THR C 344 -39.52 -23.04 -3.08
CA THR C 344 -39.69 -24.49 -3.09
C THR C 344 -41.13 -24.82 -2.71
N ARG C 345 -41.68 -24.08 -1.73
CA ARG C 345 -42.96 -24.42 -1.10
C ARG C 345 -44.12 -23.84 -1.92
N LEU C 346 -43.97 -22.60 -2.40
CA LEU C 346 -45.03 -21.97 -3.19
C LEU C 346 -45.11 -22.52 -4.62
N GLU C 347 -43.97 -22.73 -5.30
CA GLU C 347 -43.97 -23.00 -6.74
C GLU C 347 -43.32 -24.35 -7.07
N GLY C 348 -42.76 -25.04 -6.07
CA GLY C 348 -42.25 -26.38 -6.34
C GLY C 348 -40.96 -26.32 -7.17
N ILE C 349 -40.29 -25.17 -7.15
CA ILE C 349 -39.01 -24.94 -7.83
C ILE C 349 -37.94 -24.68 -6.75
N ILE C 350 -36.89 -25.50 -6.74
CA ILE C 350 -35.75 -25.32 -5.85
C ILE C 350 -34.73 -24.43 -6.55
N PRO C 351 -34.57 -23.17 -6.13
CA PRO C 351 -33.63 -22.29 -6.79
C PRO C 351 -32.16 -22.42 -6.39
N ALA C 352 -31.27 -22.05 -7.31
CA ALA C 352 -29.90 -21.78 -6.94
C ALA C 352 -29.96 -20.79 -5.81
N LEU C 353 -29.00 -20.92 -4.89
CA LEU C 353 -28.89 -20.07 -3.73
C LEU C 353 -28.46 -18.67 -4.17
N GLU C 354 -27.67 -18.57 -5.23
CA GLU C 354 -27.43 -17.30 -5.90
C GLU C 354 -28.77 -16.63 -6.26
N SER C 355 -29.64 -17.39 -6.95
CA SER C 355 -30.86 -16.86 -7.55
C SER C 355 -31.81 -16.42 -6.45
N ALA C 356 -31.64 -17.04 -5.27
CA ALA C 356 -32.49 -16.82 -4.13
C ALA C 356 -32.21 -15.45 -3.53
N HIS C 357 -31.06 -14.85 -3.88
CA HIS C 357 -30.83 -13.49 -3.46
C HIS C 357 -31.75 -12.52 -4.20
N ALA C 358 -31.95 -12.75 -5.51
CA ALA C 358 -32.96 -12.02 -6.27
C ALA C 358 -34.36 -12.28 -5.71
N LEU C 359 -34.69 -13.55 -5.45
CA LEU C 359 -36.00 -13.88 -4.90
C LEU C 359 -36.29 -13.10 -3.62
N ALA C 360 -35.30 -13.05 -2.71
CA ALA C 360 -35.32 -12.33 -1.45
C ALA C 360 -35.55 -10.84 -1.62
N ALA C 361 -35.05 -10.29 -2.73
CA ALA C 361 -35.25 -8.88 -3.04
C ALA C 361 -36.73 -8.55 -3.26
N LEU C 362 -37.57 -9.53 -3.62
CA LEU C 362 -38.99 -9.27 -3.77
C LEU C 362 -39.57 -8.69 -2.48
N GLU C 363 -38.99 -9.08 -1.32
CA GLU C 363 -39.44 -8.63 -0.02
C GLU C 363 -39.18 -7.12 0.15
N LYS C 364 -38.22 -6.55 -0.57
CA LYS C 364 -37.73 -5.22 -0.24
C LYS C 364 -38.32 -4.17 -1.17
N VAL C 365 -39.11 -4.58 -2.17
CA VAL C 365 -39.72 -3.63 -3.07
C VAL C 365 -41.23 -3.73 -2.88
N LYS C 366 -41.89 -2.57 -2.78
CA LYS C 366 -43.32 -2.60 -2.61
C LYS C 366 -43.91 -2.38 -3.99
N PHE C 367 -44.72 -3.35 -4.40
CA PHE C 367 -45.24 -3.43 -5.75
C PHE C 367 -46.69 -2.95 -5.74
N LYS C 368 -47.14 -2.40 -6.88
CA LYS C 368 -48.54 -2.01 -7.06
C LYS C 368 -49.24 -3.13 -7.82
N PRO C 369 -50.55 -3.37 -7.60
CA PRO C 369 -51.19 -4.56 -8.15
C PRO C 369 -51.05 -4.73 -9.65
N GLU C 370 -50.82 -3.64 -10.39
CA GLU C 370 -50.80 -3.71 -11.84
C GLU C 370 -49.40 -4.09 -12.30
N ASP C 371 -48.43 -4.11 -11.36
CA ASP C 371 -47.03 -4.25 -11.71
C ASP C 371 -46.78 -5.62 -12.31
N VAL C 372 -45.93 -5.62 -13.36
CA VAL C 372 -45.42 -6.82 -13.98
C VAL C 372 -43.92 -6.87 -13.72
N VAL C 373 -43.51 -7.92 -13.02
CA VAL C 373 -42.14 -8.14 -12.63
C VAL C 373 -41.64 -9.34 -13.41
N VAL C 374 -40.44 -9.23 -13.98
CA VAL C 374 -39.71 -10.40 -14.44
C VAL C 374 -38.45 -10.54 -13.58
N LEU C 375 -38.28 -11.73 -13.00
CA LEU C 375 -37.14 -12.07 -12.14
C LEU C 375 -36.44 -13.25 -12.80
N THR C 376 -35.14 -13.13 -13.02
CA THR C 376 -34.40 -14.18 -13.71
C THR C 376 -34.04 -15.28 -12.71
N LEU C 377 -34.69 -16.44 -12.84
CA LEU C 377 -34.29 -17.56 -12.01
C LEU C 377 -33.02 -18.19 -12.61
N SER C 378 -31.86 -17.71 -12.16
CA SER C 378 -30.61 -17.89 -12.87
C SER C 378 -30.22 -19.36 -12.93
N GLY C 379 -30.58 -20.11 -11.88
CA GLY C 379 -30.17 -21.52 -11.77
C GLY C 379 -31.05 -22.30 -10.80
N ARG C 380 -30.95 -23.64 -10.95
CA ARG C 380 -31.59 -24.62 -10.07
C ARG C 380 -30.67 -24.98 -8.89
N GLY C 381 -31.22 -25.57 -7.82
CA GLY C 381 -30.58 -25.60 -6.51
C GLY C 381 -30.04 -26.95 -6.08
N ASP C 382 -30.03 -27.93 -7.00
CA ASP C 382 -29.54 -29.26 -6.68
C ASP C 382 -28.18 -29.11 -5.99
N LYS C 383 -27.37 -28.14 -6.41
CA LYS C 383 -25.99 -28.03 -5.98
C LYS C 383 -25.87 -27.57 -4.52
N ASP C 384 -26.95 -26.92 -4.05
CA ASP C 384 -27.01 -26.28 -2.75
C ASP C 384 -27.83 -27.09 -1.75
N MET C 385 -28.20 -28.34 -2.07
CA MET C 385 -29.13 -29.09 -1.24
C MET C 385 -28.52 -29.42 0.15
N GLU C 386 -27.21 -29.59 0.24
CA GLU C 386 -26.54 -29.83 1.52
C GLU C 386 -26.61 -28.59 2.41
N THR C 387 -26.48 -27.39 1.81
CA THR C 387 -26.63 -26.12 2.52
C THR C 387 -28.06 -25.95 3.00
N TYR C 388 -29.02 -26.23 2.12
CA TYR C 388 -30.42 -26.00 2.43
C TYR C 388 -30.81 -26.92 3.58
N LEU C 389 -30.31 -28.15 3.62
CA LEU C 389 -30.73 -29.07 4.66
C LEU C 389 -30.00 -28.78 6.00
N LYS C 390 -28.75 -28.29 6.00
CA LYS C 390 -28.19 -27.69 7.21
C LYS C 390 -29.21 -26.72 7.84
N TYR C 391 -29.76 -25.82 7.02
CA TYR C 391 -30.46 -24.67 7.53
C TYR C 391 -31.81 -25.06 8.12
N LYS C 392 -32.36 -26.20 7.70
CA LYS C 392 -33.65 -26.66 8.20
C LYS C 392 -33.50 -27.19 9.65
N TYR D 4 -11.66 17.38 -37.46
CA TYR D 4 -10.70 17.01 -36.37
C TYR D 4 -10.92 17.84 -35.10
N ASN D 5 -11.90 18.73 -35.06
CA ASN D 5 -12.04 19.59 -33.89
C ASN D 5 -13.10 18.96 -32.98
N VAL D 6 -13.40 19.59 -31.86
CA VAL D 6 -14.26 18.89 -30.91
C VAL D 6 -15.65 18.69 -31.52
N ASP D 7 -16.27 17.54 -31.25
CA ASP D 7 -17.65 17.31 -31.67
C ASP D 7 -18.58 17.95 -30.64
N GLU D 8 -19.89 17.84 -30.92
CA GLU D 8 -20.97 18.38 -30.09
C GLU D 8 -20.90 17.85 -28.65
N ASN D 9 -20.15 16.76 -28.40
CA ASN D 9 -20.20 16.07 -27.11
C ASN D 9 -18.89 16.17 -26.32
N GLY D 10 -17.95 17.01 -26.78
CA GLY D 10 -16.69 17.13 -26.09
C GLY D 10 -15.74 16.02 -26.54
N TYR D 11 -16.03 15.41 -27.70
CA TYR D 11 -15.21 14.29 -28.14
C TYR D 11 -14.39 14.70 -29.34
N TYR D 12 -13.11 14.30 -29.28
CA TYR D 12 -12.20 14.29 -30.41
C TYR D 12 -12.01 12.83 -30.75
N GLY D 13 -12.71 12.40 -31.80
CA GLY D 13 -13.00 11.00 -32.03
C GLY D 13 -13.49 10.32 -30.76
N GLU D 14 -12.72 9.32 -30.30
CA GLU D 14 -13.08 8.50 -29.15
C GLU D 14 -12.50 9.04 -27.84
N PHE D 15 -11.71 10.13 -27.90
CA PHE D 15 -11.10 10.73 -26.72
C PHE D 15 -11.91 11.95 -26.28
N GLY D 16 -11.97 12.13 -24.96
CA GLY D 16 -12.40 13.36 -24.36
C GLY D 16 -13.55 13.16 -23.38
N GLY D 17 -14.57 14.00 -23.52
CA GLY D 17 -15.74 13.97 -22.68
C GLY D 17 -15.48 14.52 -21.28
N ALA D 18 -16.32 14.05 -20.35
CA ALA D 18 -16.42 14.58 -19.00
C ALA D 18 -16.95 13.47 -18.09
N TYR D 19 -16.06 13.01 -17.22
CA TYR D 19 -16.28 11.86 -16.36
C TYR D 19 -15.98 12.32 -14.94
N ILE D 20 -16.99 12.81 -14.23
CA ILE D 20 -16.74 13.55 -13.02
C ILE D 20 -17.62 13.03 -11.87
N PRO D 21 -17.29 13.36 -10.60
CA PRO D 21 -18.17 13.04 -9.48
C PRO D 21 -19.53 13.75 -9.57
N GLU D 22 -20.49 13.22 -8.80
CA GLU D 22 -21.86 13.72 -8.77
C GLU D 22 -21.90 15.15 -8.24
N ILE D 23 -21.01 15.49 -7.30
CA ILE D 23 -20.93 16.83 -6.71
C ILE D 23 -20.84 17.91 -7.80
N LEU D 24 -20.11 17.62 -8.89
CA LEU D 24 -19.73 18.64 -9.85
C LEU D 24 -20.65 18.65 -11.06
N HIS D 25 -21.51 17.64 -11.21
CA HIS D 25 -22.41 17.54 -12.35
C HIS D 25 -23.01 18.91 -12.65
N LYS D 26 -23.37 19.67 -11.60
CA LYS D 26 -24.06 20.95 -11.72
C LYS D 26 -23.13 22.04 -12.26
N CYS D 27 -21.97 22.26 -11.61
CA CYS D 27 -20.98 23.24 -12.06
C CYS D 27 -20.62 23.05 -13.53
N VAL D 28 -20.33 21.80 -13.93
CA VAL D 28 -19.79 21.49 -15.25
C VAL D 28 -20.88 21.52 -16.31
N GLU D 29 -22.15 21.41 -15.91
CA GLU D 29 -23.27 21.65 -16.81
C GLU D 29 -23.45 23.15 -17.06
N ASP D 30 -23.40 23.98 -16.00
CA ASP D 30 -23.40 25.43 -16.17
C ASP D 30 -22.41 25.76 -17.27
N LEU D 31 -21.16 25.33 -17.05
CA LEU D 31 -20.01 25.69 -17.87
C LEU D 31 -20.22 25.15 -19.27
N GLN D 32 -20.64 23.89 -19.37
CA GLN D 32 -20.83 23.20 -20.63
C GLN D 32 -21.80 23.93 -21.57
N ASN D 33 -22.91 24.44 -21.04
CA ASN D 33 -23.88 25.01 -21.96
C ASN D 33 -23.88 26.54 -21.81
N ASN D 34 -22.74 27.11 -21.38
CA ASN D 34 -22.58 28.55 -21.39
C ASN D 34 -21.22 29.03 -21.91
N TYR D 35 -20.23 28.14 -22.09
CA TYR D 35 -18.87 28.61 -22.37
C TYR D 35 -18.89 29.28 -23.73
N LEU D 36 -19.53 28.63 -24.71
CA LEU D 36 -19.60 29.17 -26.06
C LEU D 36 -20.40 30.48 -26.09
N LYS D 37 -21.61 30.49 -25.49
CA LYS D 37 -22.44 31.70 -25.45
C LYS D 37 -21.52 32.86 -25.08
N ILE D 38 -20.82 32.71 -23.94
CA ILE D 38 -19.97 33.76 -23.40
C ILE D 38 -18.84 34.09 -24.38
N LEU D 39 -18.09 33.06 -24.79
CA LEU D 39 -16.92 33.22 -25.65
C LEU D 39 -17.24 33.96 -26.95
N GLU D 40 -18.46 33.80 -27.49
CA GLU D 40 -18.81 34.38 -28.77
C GLU D 40 -19.58 35.69 -28.60
N SER D 41 -19.85 36.08 -27.35
CA SER D 41 -20.44 37.39 -27.06
C SER D 41 -19.54 38.51 -27.54
N PRO D 42 -20.10 39.61 -28.08
CA PRO D 42 -19.29 40.75 -28.48
C PRO D 42 -18.78 41.47 -27.22
N ASP D 43 -19.53 41.34 -26.12
CA ASP D 43 -19.13 41.85 -24.82
C ASP D 43 -17.81 41.18 -24.40
N PHE D 44 -17.74 39.87 -24.57
CA PHE D 44 -16.61 39.09 -24.12
C PHE D 44 -15.45 39.36 -25.08
N GLN D 45 -15.75 39.31 -26.37
CA GLN D 45 -14.70 39.33 -27.39
C GLN D 45 -13.99 40.68 -27.40
N LYS D 46 -14.76 41.76 -27.20
CA LYS D 46 -14.26 43.13 -27.27
C LYS D 46 -13.31 43.36 -26.09
N GLU D 47 -13.76 42.95 -24.89
CA GLU D 47 -12.95 43.06 -23.69
C GLU D 47 -11.72 42.13 -23.77
N TYR D 48 -11.89 40.93 -24.32
CA TYR D 48 -10.78 39.97 -24.49
C TYR D 48 -9.72 40.62 -25.37
N ASP D 49 -10.14 41.16 -26.53
CA ASP D 49 -9.23 41.74 -27.49
C ASP D 49 -8.47 42.89 -26.83
N GLN D 50 -9.20 43.75 -26.10
CA GLN D 50 -8.61 44.94 -25.51
C GLN D 50 -7.43 44.54 -24.66
N LEU D 51 -7.65 43.59 -23.74
CA LEU D 51 -6.60 43.21 -22.81
C LEU D 51 -5.46 42.53 -23.58
N LEU D 52 -5.80 41.69 -24.57
CA LEU D 52 -4.76 41.02 -25.35
C LEU D 52 -3.78 42.07 -25.87
N ARG D 53 -4.30 43.16 -26.47
CA ARG D 53 -3.45 44.14 -27.14
C ARG D 53 -2.68 44.97 -26.10
N ASP D 54 -3.42 45.55 -25.15
CA ASP D 54 -2.88 46.58 -24.29
C ASP D 54 -2.23 45.95 -23.06
N TYR D 55 -2.75 44.83 -22.55
CA TYR D 55 -2.19 44.31 -21.31
C TYR D 55 -1.12 43.27 -21.64
N VAL D 56 -1.40 42.43 -22.64
CA VAL D 56 -0.57 41.24 -22.86
C VAL D 56 0.50 41.59 -23.88
N GLY D 57 0.18 42.54 -24.76
CA GLY D 57 1.10 42.99 -25.80
C GLY D 57 0.93 42.20 -27.10
N ARG D 58 -0.29 41.72 -27.34
CA ARG D 58 -0.64 41.06 -28.59
C ARG D 58 -0.84 42.08 -29.71
N PRO D 59 -0.58 41.72 -30.99
CA PRO D 59 -0.13 40.38 -31.35
C PRO D 59 1.35 40.12 -31.05
N SER D 60 1.62 38.88 -30.69
CA SER D 60 2.98 38.41 -30.49
C SER D 60 3.67 38.41 -31.84
N PRO D 61 4.96 38.77 -31.93
CA PRO D 61 5.66 38.79 -33.21
C PRO D 61 5.82 37.41 -33.82
N LEU D 62 5.98 37.40 -35.14
CA LEU D 62 6.38 36.20 -35.85
C LEU D 62 7.74 36.52 -36.43
N TYR D 63 8.79 35.87 -35.88
CA TYR D 63 10.15 36.32 -36.05
C TYR D 63 10.95 35.38 -36.96
N LEU D 64 11.44 35.91 -38.06
CA LEU D 64 12.34 35.13 -38.93
C LEU D 64 13.70 34.95 -38.25
N ALA D 65 13.97 33.74 -37.81
CA ALA D 65 15.21 33.46 -37.13
C ALA D 65 16.28 33.01 -38.14
N LYS D 66 17.10 33.96 -38.62
CA LYS D 66 17.85 33.74 -39.86
C LYS D 66 18.94 32.71 -39.62
N ARG D 67 19.61 32.77 -38.48
CA ARG D 67 20.68 31.83 -38.19
C ARG D 67 20.11 30.44 -37.88
N LEU D 68 19.04 30.35 -37.11
CA LEU D 68 18.39 29.07 -36.93
C LEU D 68 17.96 28.50 -38.29
N SER D 69 17.47 29.37 -39.17
CA SER D 69 17.02 28.94 -40.48
C SER D 69 18.21 28.37 -41.27
N GLU D 70 19.32 29.12 -41.30
CA GLU D 70 20.54 28.75 -42.01
C GLU D 70 21.03 27.36 -41.56
N LYS D 71 20.99 27.08 -40.25
CA LYS D 71 21.40 25.80 -39.72
C LYS D 71 20.54 24.64 -40.24
N TYR D 72 19.22 24.79 -40.33
CA TYR D 72 18.36 23.64 -40.66
C TYR D 72 17.93 23.68 -42.13
N GLY D 73 18.54 24.60 -42.90
CA GLY D 73 18.34 24.67 -44.34
C GLY D 73 16.88 24.86 -44.75
N CYS D 74 16.11 25.70 -44.04
CA CYS D 74 14.76 26.08 -44.41
C CYS D 74 14.45 27.45 -43.82
N LYS D 75 13.17 27.83 -43.75
CA LYS D 75 12.76 29.13 -43.27
C LYS D 75 11.98 28.92 -41.97
N ILE D 76 12.62 29.25 -40.85
CA ILE D 76 12.00 29.11 -39.53
C ILE D 76 11.52 30.46 -39.01
N TYR D 77 10.21 30.56 -38.80
CA TYR D 77 9.65 31.63 -37.99
C TYR D 77 9.43 31.14 -36.57
N LEU D 78 9.74 32.00 -35.59
CA LEU D 78 9.39 31.73 -34.20
C LEU D 78 8.19 32.61 -33.86
N LYS D 79 7.15 32.00 -33.27
CA LYS D 79 5.97 32.72 -32.81
C LYS D 79 6.20 33.05 -31.35
N ARG D 80 6.40 34.34 -31.06
CA ARG D 80 7.07 34.80 -29.86
C ARG D 80 6.08 35.05 -28.71
N GLU D 81 5.50 33.96 -28.19
CA GLU D 81 4.63 34.01 -27.02
C GLU D 81 5.50 34.29 -25.79
N ASP D 82 6.81 34.03 -25.94
CA ASP D 82 7.80 34.34 -24.91
C ASP D 82 7.80 35.82 -24.56
N LEU D 83 7.24 36.68 -25.43
CA LEU D 83 7.28 38.13 -25.21
C LEU D 83 6.01 38.64 -24.53
N ASN D 84 5.07 37.72 -24.32
CA ASN D 84 3.78 38.03 -23.72
C ASN D 84 4.02 38.61 -22.32
N HIS D 85 3.16 39.50 -21.83
CA HIS D 85 3.10 39.76 -20.39
C HIS D 85 3.02 38.43 -19.61
N THR D 86 3.96 38.28 -18.68
CA THR D 86 4.15 37.15 -17.80
C THR D 86 5.12 36.15 -18.43
N GLY D 87 5.42 36.25 -19.73
CA GLY D 87 6.49 35.45 -20.33
C GLY D 87 6.06 34.11 -20.91
N ALA D 88 4.75 33.85 -21.06
CA ALA D 88 4.31 32.62 -21.70
C ALA D 88 2.94 32.79 -22.33
N HIS D 89 2.50 31.72 -22.99
CA HIS D 89 1.19 31.72 -23.65
C HIS D 89 0.02 31.69 -22.66
N ALA D 90 0.31 31.34 -21.40
CA ALA D 90 -0.70 30.94 -20.44
C ALA D 90 -1.65 32.10 -20.14
N ILE D 91 -1.15 33.33 -20.28
CA ILE D 91 -1.89 34.55 -20.00
C ILE D 91 -3.08 34.71 -20.95
N ASN D 92 -3.02 34.13 -22.16
CA ASN D 92 -4.14 34.19 -23.09
C ASN D 92 -5.28 33.36 -22.49
N ASN D 93 -4.89 32.29 -21.79
CA ASN D 93 -5.87 31.39 -21.19
C ASN D 93 -6.51 32.07 -19.99
N THR D 94 -5.72 32.71 -19.12
CA THR D 94 -6.23 33.18 -17.84
C THR D 94 -7.01 34.48 -18.02
N ILE D 95 -6.62 35.29 -18.99
CA ILE D 95 -7.42 36.46 -19.31
C ILE D 95 -8.79 36.02 -19.84
N GLY D 96 -8.83 35.03 -20.73
CA GLY D 96 -10.09 34.52 -21.24
C GLY D 96 -10.96 33.97 -20.10
N GLN D 97 -10.40 33.02 -19.37
CA GLN D 97 -11.13 32.23 -18.36
C GLN D 97 -11.60 33.09 -17.20
N ILE D 98 -10.84 34.13 -16.81
CA ILE D 98 -11.27 34.96 -15.70
C ILE D 98 -12.45 35.83 -16.12
N LEU D 99 -12.52 36.14 -17.41
CA LEU D 99 -13.59 36.99 -17.92
C LEU D 99 -14.89 36.18 -17.90
N LEU D 100 -14.77 34.92 -18.39
CA LEU D 100 -15.82 33.92 -18.34
C LEU D 100 -16.29 33.73 -16.89
N ALA D 101 -15.33 33.52 -15.98
CA ALA D 101 -15.63 33.27 -14.59
C ALA D 101 -16.43 34.41 -13.95
N ARG D 102 -16.04 35.66 -14.21
CA ARG D 102 -16.74 36.82 -13.67
C ARG D 102 -18.16 36.89 -14.22
N ARG D 103 -18.31 36.65 -15.52
CA ARG D 103 -19.63 36.62 -16.17
C ARG D 103 -20.48 35.46 -15.67
N MET D 104 -19.86 34.42 -15.09
CA MET D 104 -20.60 33.35 -14.44
C MET D 104 -20.82 33.67 -12.96
N GLY D 105 -20.37 34.84 -12.49
CA GLY D 105 -20.65 35.26 -11.13
C GLY D 105 -19.73 34.63 -10.08
N LYS D 106 -18.70 33.88 -10.51
CA LYS D 106 -17.78 33.26 -9.57
C LYS D 106 -16.81 34.31 -8.99
N THR D 107 -16.32 34.05 -7.75
CA THR D 107 -15.58 35.02 -6.94
C THR D 107 -14.35 34.41 -6.28
N ARG D 108 -14.15 33.10 -6.42
CA ARG D 108 -12.99 32.45 -5.82
C ARG D 108 -12.25 31.70 -6.93
N ILE D 109 -11.05 32.19 -7.29
CA ILE D 109 -10.33 31.65 -8.42
C ILE D 109 -9.32 30.65 -7.90
N ILE D 110 -9.33 29.44 -8.46
CA ILE D 110 -8.24 28.53 -8.19
C ILE D 110 -7.63 28.07 -9.51
N ALA D 111 -6.43 27.49 -9.39
CA ALA D 111 -5.71 26.95 -10.54
C ALA D 111 -4.59 26.04 -10.05
N GLU D 112 -4.14 25.18 -10.95
CA GLU D 112 -2.94 24.39 -10.73
C GLU D 112 -1.83 24.96 -11.60
N THR D 113 -0.57 24.68 -11.23
CA THR D 113 0.55 25.06 -12.05
C THR D 113 1.68 24.03 -11.88
N GLY D 114 2.43 23.85 -12.98
CA GLY D 114 3.65 23.07 -13.01
C GLY D 114 4.85 24.01 -13.07
N ALA D 115 5.01 24.66 -14.22
CA ALA D 115 6.15 25.52 -14.47
C ALA D 115 6.00 26.86 -13.74
N GLY D 116 4.78 27.19 -13.32
CA GLY D 116 4.55 28.46 -12.64
C GLY D 116 4.00 29.53 -13.57
N GLN D 117 4.03 29.29 -14.90
CA GLN D 117 3.55 30.29 -15.86
C GLN D 117 2.04 30.50 -15.72
N HIS D 118 1.30 29.36 -15.72
CA HIS D 118 -0.14 29.39 -15.52
C HIS D 118 -0.48 29.95 -14.14
N GLY D 119 0.32 29.55 -13.15
CA GLY D 119 0.23 30.09 -11.80
C GLY D 119 0.45 31.59 -11.72
N VAL D 120 1.53 32.07 -12.33
CA VAL D 120 1.76 33.52 -12.37
C VAL D 120 0.65 34.19 -13.18
N ALA D 121 0.21 33.52 -14.26
CA ALA D 121 -0.76 34.16 -15.12
C ALA D 121 -2.13 34.27 -14.42
N THR D 122 -2.44 33.32 -13.53
CA THR D 122 -3.68 33.35 -12.78
C THR D 122 -3.61 34.46 -11.73
N ALA D 123 -2.54 34.41 -10.92
CA ALA D 123 -2.27 35.42 -9.92
C ALA D 123 -2.27 36.83 -10.53
N THR D 124 -1.67 36.97 -11.72
CA THR D 124 -1.61 38.25 -12.41
C THR D 124 -3.02 38.80 -12.63
N VAL D 125 -3.91 37.97 -13.22
CA VAL D 125 -5.20 38.49 -13.62
C VAL D 125 -6.06 38.65 -12.35
N CYS D 126 -5.81 37.82 -11.32
CA CYS D 126 -6.59 37.87 -10.10
C CYS D 126 -6.28 39.15 -9.32
N ALA D 127 -4.99 39.54 -9.33
CA ALA D 127 -4.55 40.83 -8.83
C ALA D 127 -5.24 41.94 -9.60
N LEU D 128 -4.99 42.01 -10.92
CA LEU D 128 -5.63 43.00 -11.79
C LEU D 128 -7.10 43.18 -11.43
N MET D 129 -7.78 42.03 -11.25
CA MET D 129 -9.23 42.02 -11.13
C MET D 129 -9.68 42.12 -9.68
N ASN D 130 -8.72 42.05 -8.75
CA ASN D 130 -9.01 42.08 -7.33
C ASN D 130 -9.86 40.87 -6.96
N MET D 131 -9.28 39.66 -7.12
CA MET D 131 -10.02 38.45 -6.84
C MET D 131 -9.15 37.46 -6.08
N GLU D 132 -9.75 36.81 -5.07
CA GLU D 132 -9.07 35.85 -4.22
C GLU D 132 -8.47 34.73 -5.10
N CYS D 133 -7.23 34.33 -4.83
CA CYS D 133 -6.55 33.45 -5.78
C CYS D 133 -5.79 32.35 -5.06
N ILE D 134 -6.13 31.08 -5.33
CA ILE D 134 -5.36 29.98 -4.77
C ILE D 134 -4.74 29.18 -5.92
N VAL D 135 -3.44 28.89 -5.79
CA VAL D 135 -2.73 28.15 -6.81
C VAL D 135 -2.11 26.93 -6.14
N TYR D 136 -2.37 25.76 -6.73
CA TYR D 136 -1.84 24.52 -6.24
C TYR D 136 -0.62 24.15 -7.06
N MET D 137 0.43 23.67 -6.38
CA MET D 137 1.69 23.44 -7.05
C MET D 137 2.47 22.34 -6.32
N GLY D 138 2.69 21.23 -7.04
CA GLY D 138 3.54 20.14 -6.59
C GLY D 138 4.85 20.66 -6.02
N LYS D 139 5.25 20.09 -4.87
CA LYS D 139 6.42 20.52 -4.12
C LYS D 139 7.68 20.38 -4.98
N THR D 140 7.75 19.35 -5.82
CA THR D 140 8.94 19.22 -6.66
C THR D 140 9.06 20.46 -7.57
N ASP D 141 7.90 21.01 -7.93
CA ASP D 141 7.82 22.10 -8.88
C ASP D 141 8.04 23.43 -8.15
N VAL D 142 7.56 23.58 -6.91
CA VAL D 142 7.72 24.86 -6.21
C VAL D 142 9.20 25.13 -5.94
N GLU D 143 10.08 24.15 -6.17
CA GLU D 143 11.51 24.31 -5.95
C GLU D 143 12.31 24.31 -7.26
N ARG D 144 11.83 23.56 -8.26
CA ARG D 144 12.33 23.65 -9.62
C ARG D 144 12.05 25.00 -10.29
N GLN D 145 10.99 25.70 -9.88
CA GLN D 145 10.51 26.88 -10.61
C GLN D 145 10.18 27.95 -9.60
N HIS D 146 11.10 28.15 -8.65
CA HIS D 146 10.90 29.01 -7.49
C HIS D 146 10.63 30.46 -7.89
N VAL D 147 11.13 30.89 -9.06
CA VAL D 147 11.02 32.30 -9.40
C VAL D 147 9.54 32.67 -9.61
N ASN D 148 8.73 31.70 -10.07
CA ASN D 148 7.33 31.96 -10.34
C ASN D 148 6.53 31.99 -9.03
N VAL D 149 7.01 31.23 -8.04
CA VAL D 149 6.40 31.16 -6.73
C VAL D 149 6.53 32.52 -6.07
N GLN D 150 7.69 33.15 -6.20
CA GLN D 150 7.90 34.46 -5.62
C GLN D 150 6.95 35.44 -6.29
N LYS D 151 6.88 35.36 -7.62
CA LYS D 151 5.98 36.23 -8.35
C LYS D 151 4.53 36.04 -7.89
N MET D 152 4.07 34.78 -7.79
CA MET D 152 2.71 34.50 -7.37
C MET D 152 2.41 35.10 -6.00
N GLU D 153 3.35 34.92 -5.04
CA GLU D 153 3.24 35.47 -3.70
C GLU D 153 3.12 37.00 -3.70
N MET D 154 4.00 37.67 -4.46
CA MET D 154 3.99 39.12 -4.51
C MET D 154 2.70 39.60 -5.17
N LEU D 155 2.08 38.76 -6.00
CA LEU D 155 0.84 39.15 -6.65
C LEU D 155 -0.35 38.87 -5.74
N GLY D 156 -0.10 38.33 -4.55
CA GLY D 156 -1.14 38.22 -3.52
C GLY D 156 -1.81 36.85 -3.57
N ALA D 157 -1.30 35.93 -4.39
CA ALA D 157 -1.88 34.60 -4.45
C ALA D 157 -1.42 33.81 -3.21
N THR D 158 -2.22 32.80 -2.85
CA THR D 158 -1.80 31.78 -1.92
C THR D 158 -1.23 30.64 -2.75
N VAL D 159 0.01 30.26 -2.49
CA VAL D 159 0.54 29.09 -3.16
C VAL D 159 0.45 27.92 -2.20
N VAL D 160 -0.16 26.83 -2.68
CA VAL D 160 -0.39 25.64 -1.88
C VAL D 160 0.50 24.52 -2.39
N PRO D 161 1.61 24.21 -1.70
CA PRO D 161 2.38 23.01 -2.04
C PRO D 161 1.52 21.74 -2.07
N VAL D 162 1.89 20.81 -2.95
CA VAL D 162 1.13 19.58 -3.07
C VAL D 162 2.10 18.41 -2.94
N THR D 163 1.73 17.56 -1.99
CA THR D 163 2.63 16.60 -1.36
C THR D 163 2.29 15.18 -1.84
N SER D 164 1.18 15.03 -2.59
CA SER D 164 0.75 13.77 -3.20
C SER D 164 1.75 13.27 -4.26
N GLY D 165 1.70 11.95 -4.49
CA GLY D 165 2.27 11.30 -5.66
C GLY D 165 3.79 11.45 -5.78
N ASN D 166 4.25 12.03 -6.89
CA ASN D 166 5.65 12.42 -7.05
C ASN D 166 5.75 13.95 -6.96
N MET D 167 4.67 14.58 -6.50
CA MET D 167 4.66 16.01 -6.23
C MET D 167 4.90 16.79 -7.55
N THR D 168 4.12 16.45 -8.59
CA THR D 168 4.17 17.11 -9.89
C THR D 168 2.77 17.64 -10.24
N LEU D 169 2.54 17.89 -11.55
CA LEU D 169 1.31 18.49 -12.05
C LEU D 169 0.10 17.60 -11.77
N LYS D 170 0.21 16.29 -12.05
CA LYS D 170 -0.95 15.42 -11.85
C LYS D 170 -1.49 15.59 -10.42
N ASP D 171 -0.57 15.64 -9.45
CA ASP D 171 -0.89 15.67 -8.03
C ASP D 171 -1.52 17.00 -7.66
N ALA D 172 -0.95 18.06 -8.25
CA ALA D 172 -1.46 19.40 -8.09
C ALA D 172 -2.82 19.54 -8.78
N THR D 173 -2.92 18.94 -9.95
CA THR D 173 -4.20 18.88 -10.62
C THR D 173 -5.21 18.15 -9.71
N ASN D 174 -4.80 17.02 -9.10
CA ASN D 174 -5.74 16.27 -8.23
C ASN D 174 -6.27 17.17 -7.10
N GLU D 175 -5.39 17.98 -6.51
CA GLU D 175 -5.74 18.75 -5.32
C GLU D 175 -6.65 19.92 -5.69
N ALA D 176 -6.45 20.53 -6.86
CA ALA D 176 -7.31 21.62 -7.29
C ALA D 176 -8.74 21.12 -7.54
N ILE D 177 -8.82 19.96 -8.19
CA ILE D 177 -10.10 19.34 -8.47
C ILE D 177 -10.83 19.02 -7.16
N ARG D 178 -10.10 18.43 -6.21
CA ARG D 178 -10.67 18.12 -4.91
C ARG D 178 -11.21 19.41 -4.29
N ASP D 179 -10.49 20.54 -4.48
CA ASP D 179 -10.85 21.85 -3.95
C ASP D 179 -12.10 22.36 -4.66
N TRP D 180 -12.21 22.05 -5.96
CA TRP D 180 -13.36 22.50 -6.75
C TRP D 180 -14.65 21.89 -6.19
N CYS D 181 -14.58 20.58 -5.90
CA CYS D 181 -15.66 19.81 -5.29
C CYS D 181 -16.14 20.48 -4.00
N CYS D 182 -15.22 20.64 -3.03
CA CYS D 182 -15.53 21.18 -1.71
C CYS D 182 -16.03 22.63 -1.75
N HIS D 183 -16.23 23.21 -2.94
CA HIS D 183 -16.50 24.63 -3.11
C HIS D 183 -17.28 24.84 -4.41
N PRO D 184 -18.45 24.20 -4.62
CA PRO D 184 -19.12 24.25 -5.93
C PRO D 184 -19.83 25.57 -6.26
N SER D 185 -20.15 26.35 -5.23
CA SER D 185 -20.98 27.55 -5.39
C SER D 185 -20.19 28.72 -6.00
N ASP D 186 -19.07 29.07 -5.34
CA ASP D 186 -18.45 30.38 -5.44
C ASP D 186 -17.15 30.34 -6.26
N THR D 187 -16.68 29.15 -6.65
CA THR D 187 -15.29 28.97 -7.06
C THR D 187 -15.22 28.60 -8.54
N TYR D 188 -14.35 29.28 -9.29
CA TYR D 188 -14.07 28.93 -10.68
C TYR D 188 -12.65 28.35 -10.81
N TYR D 189 -12.55 27.23 -11.52
CA TYR D 189 -11.29 26.49 -11.63
C TYR D 189 -10.70 26.73 -13.01
N ILE D 190 -9.66 27.59 -13.06
CA ILE D 190 -8.98 27.96 -14.30
C ILE D 190 -7.96 26.88 -14.64
N ILE D 191 -8.40 25.85 -15.34
CA ILE D 191 -7.50 24.77 -15.69
C ILE D 191 -6.42 25.30 -16.64
N GLY D 192 -5.21 24.75 -16.52
CA GLY D 192 -4.02 25.38 -17.08
C GLY D 192 -3.58 24.80 -18.43
N SER D 193 -4.31 23.78 -18.92
CA SER D 193 -3.98 23.16 -20.20
C SER D 193 -5.28 22.69 -20.87
N THR D 194 -5.15 22.07 -22.05
CA THR D 194 -6.27 21.56 -22.82
C THR D 194 -6.60 20.13 -22.34
N VAL D 195 -6.98 20.05 -21.08
CA VAL D 195 -7.20 18.80 -20.36
C VAL D 195 -8.40 18.98 -19.45
N GLY D 196 -8.73 17.92 -18.70
CA GLY D 196 -9.83 18.00 -17.77
C GLY D 196 -11.11 17.62 -18.51
N PRO D 197 -12.27 17.70 -17.84
CA PRO D 197 -13.54 17.32 -18.46
C PRO D 197 -13.97 18.44 -19.39
N HIS D 198 -14.64 18.07 -20.48
CA HIS D 198 -15.39 18.99 -21.33
C HIS D 198 -16.15 19.97 -20.45
N PRO D 199 -16.16 21.30 -20.77
CA PRO D 199 -15.51 21.83 -21.97
C PRO D 199 -14.16 22.54 -21.83
N TYR D 200 -13.32 22.10 -20.87
CA TYR D 200 -12.03 22.73 -20.65
C TYR D 200 -11.12 22.52 -21.87
N PRO D 201 -10.97 21.29 -22.41
CA PRO D 201 -10.11 21.10 -23.57
C PRO D 201 -10.45 22.03 -24.74
N ASP D 202 -11.75 22.24 -25.00
CA ASP D 202 -12.17 23.08 -26.12
C ASP D 202 -12.08 24.57 -25.78
N MET D 203 -12.52 24.94 -24.60
CA MET D 203 -12.46 26.32 -24.21
C MET D 203 -11.02 26.85 -24.24
N VAL D 204 -10.07 26.04 -23.76
CA VAL D 204 -8.70 26.48 -23.61
C VAL D 204 -8.05 26.51 -25.00
N ALA D 205 -8.52 25.64 -25.92
CA ALA D 205 -8.01 25.64 -27.29
C ALA D 205 -8.48 26.89 -28.04
N ARG D 206 -9.71 27.32 -27.75
CA ARG D 206 -10.29 28.48 -28.43
C ARG D 206 -9.64 29.74 -27.88
N LEU D 207 -9.32 29.75 -26.59
CA LEU D 207 -8.67 30.89 -25.97
C LEU D 207 -7.26 31.05 -26.50
N GLN D 208 -6.53 29.95 -26.74
CA GLN D 208 -5.20 30.00 -27.30
C GLN D 208 -5.21 30.17 -28.82
N SER D 209 -6.39 29.99 -29.41
CA SER D 209 -6.78 30.18 -30.81
C SER D 209 -6.19 31.44 -31.46
N VAL D 210 -6.15 32.51 -30.69
CA VAL D 210 -5.54 33.75 -31.15
C VAL D 210 -4.16 33.50 -31.75
N ILE D 211 -3.38 32.52 -31.29
CA ILE D 211 -2.03 32.35 -31.84
C ILE D 211 -2.08 32.05 -33.34
N SER D 212 -2.83 31.01 -33.75
CA SER D 212 -3.00 30.69 -35.17
C SER D 212 -3.77 31.76 -35.93
N LYS D 213 -4.70 32.50 -35.30
CA LYS D 213 -5.37 33.58 -35.98
C LYS D 213 -4.33 34.59 -36.47
N GLU D 214 -3.34 34.90 -35.61
CA GLU D 214 -2.27 35.83 -35.91
C GLU D 214 -1.31 35.20 -36.94
N ILE D 215 -0.96 33.93 -36.79
CA ILE D 215 0.00 33.34 -37.71
C ILE D 215 -0.52 33.50 -39.14
N LYS D 216 -1.82 33.25 -39.35
CA LYS D 216 -2.41 33.28 -40.68
C LYS D 216 -2.20 34.65 -41.30
N LYS D 217 -2.61 35.71 -40.58
CA LYS D 217 -2.39 37.09 -40.99
C LYS D 217 -0.91 37.39 -41.24
N GLN D 218 -0.04 36.95 -40.31
CA GLN D 218 1.36 37.35 -40.31
C GLN D 218 2.13 36.65 -41.43
N LEU D 219 1.83 35.38 -41.69
CA LEU D 219 2.36 34.66 -42.84
C LEU D 219 1.87 35.28 -44.15
N GLN D 220 0.64 35.75 -44.18
CA GLN D 220 0.10 36.30 -45.41
C GLN D 220 0.94 37.52 -45.75
N GLU D 221 1.31 38.29 -44.72
CA GLU D 221 2.03 39.55 -44.88
C GLU D 221 3.43 39.21 -45.37
N LYS D 222 4.05 38.21 -44.72
CA LYS D 222 5.47 37.96 -44.89
C LYS D 222 5.76 37.02 -46.04
N GLU D 223 4.88 36.04 -46.30
CA GLU D 223 5.17 34.99 -47.27
C GLU D 223 4.22 35.05 -48.48
N GLY D 224 3.12 35.81 -48.38
CA GLY D 224 2.15 35.85 -49.46
C GLY D 224 1.25 34.62 -49.48
N ARG D 225 1.25 33.86 -48.37
CA ARG D 225 0.31 32.77 -48.20
C ARG D 225 0.05 32.61 -46.71
N ASP D 226 -1.10 32.05 -46.33
CA ASP D 226 -1.64 32.16 -44.99
C ASP D 226 -1.32 30.90 -44.17
N TYR D 227 -0.48 29.98 -44.70
CA TYR D 227 -0.23 28.72 -44.05
C TYR D 227 1.23 28.35 -44.30
N PRO D 228 1.91 27.76 -43.27
CA PRO D 228 3.26 27.19 -43.42
C PRO D 228 3.25 25.73 -43.85
N ASP D 229 4.43 25.18 -44.06
CA ASP D 229 4.56 23.77 -44.39
C ASP D 229 4.53 22.97 -43.10
N TYR D 230 5.07 23.55 -42.00
CA TYR D 230 5.15 22.88 -40.71
C TYR D 230 4.66 23.79 -39.58
N LEU D 231 3.89 23.21 -38.65
CA LEU D 231 3.67 23.81 -37.33
C LEU D 231 4.37 22.93 -36.31
N ILE D 232 5.10 23.59 -35.39
CA ILE D 232 5.87 22.85 -34.39
C ILE D 232 5.67 23.49 -33.02
N ALA D 233 5.39 22.60 -32.04
CA ALA D 233 4.97 22.99 -30.71
C ALA D 233 5.19 21.84 -29.74
N CYS D 234 5.68 22.19 -28.55
CA CYS D 234 5.83 21.26 -27.45
C CYS D 234 4.43 20.96 -26.93
N VAL D 235 4.30 19.85 -26.21
CA VAL D 235 2.99 19.51 -25.70
C VAL D 235 3.14 18.96 -24.28
N GLY D 236 2.51 19.64 -23.33
CA GLY D 236 2.34 19.15 -21.99
C GLY D 236 1.01 18.40 -21.87
N GLY D 237 -0.05 19.20 -21.72
CA GLY D 237 -1.41 18.75 -21.92
C GLY D 237 -1.95 19.17 -23.29
N GLY D 238 -1.49 20.31 -23.84
CA GLY D 238 -1.70 20.58 -25.26
C GLY D 238 -2.15 21.99 -25.64
N SER D 239 -2.03 22.94 -24.70
CA SER D 239 -2.63 24.25 -24.85
C SER D 239 -1.89 25.11 -25.88
N ASN D 240 -0.56 25.18 -25.86
CA ASN D 240 0.08 26.10 -26.80
C ASN D 240 -0.06 25.51 -28.18
N ALA D 241 -0.03 24.19 -28.25
CA ALA D 241 -0.13 23.47 -29.52
C ALA D 241 -1.52 23.67 -30.12
N ALA D 242 -2.56 23.43 -29.32
CA ALA D 242 -3.94 23.67 -29.73
C ALA D 242 -4.09 25.09 -30.27
N GLY D 243 -3.48 26.06 -29.59
CA GLY D 243 -3.49 27.45 -30.06
C GLY D 243 -2.82 27.60 -31.42
N THR D 244 -1.61 27.03 -31.53
CA THR D 244 -0.81 27.05 -32.74
C THR D 244 -1.54 26.41 -33.93
N ILE D 245 -2.36 25.38 -33.69
CA ILE D 245 -2.87 24.62 -34.82
C ILE D 245 -4.36 24.90 -35.01
N TYR D 246 -5.02 25.62 -34.09
CA TYR D 246 -6.47 25.58 -34.10
C TYR D 246 -7.05 25.89 -35.49
N HIS D 247 -6.59 27.00 -36.07
CA HIS D 247 -7.13 27.52 -37.32
C HIS D 247 -6.49 26.76 -38.49
N TYR D 248 -5.61 25.79 -38.22
CA TYR D 248 -5.03 24.96 -39.27
C TYR D 248 -5.33 23.47 -39.05
N ILE D 249 -6.21 23.13 -38.10
CA ILE D 249 -6.23 21.75 -37.63
C ILE D 249 -6.67 20.75 -38.73
N ASP D 250 -7.58 21.21 -39.61
CA ASP D 250 -8.13 20.39 -40.68
C ASP D 250 -7.44 20.68 -41.99
N ASP D 251 -6.43 21.57 -41.98
CA ASP D 251 -5.80 22.05 -43.21
C ASP D 251 -4.63 21.11 -43.56
N GLU D 252 -4.84 20.24 -44.55
CA GLU D 252 -3.91 19.15 -44.84
C GLU D 252 -2.73 19.65 -45.68
N ARG D 253 -2.67 20.94 -46.03
CA ARG D 253 -1.43 21.50 -46.61
C ARG D 253 -0.33 21.65 -45.55
N VAL D 254 -0.71 21.69 -44.27
CA VAL D 254 0.17 21.91 -43.15
C VAL D 254 0.44 20.61 -42.40
N LYS D 255 1.71 20.33 -42.14
CA LYS D 255 2.11 19.20 -41.32
C LYS D 255 2.30 19.68 -39.88
N ILE D 256 1.90 18.82 -38.93
CA ILE D 256 1.99 19.17 -37.52
C ILE D 256 3.00 18.26 -36.86
N VAL D 257 3.97 18.87 -36.18
CA VAL D 257 4.97 18.14 -35.42
C VAL D 257 4.92 18.61 -33.97
N LEU D 258 4.52 17.68 -33.10
CA LEU D 258 4.43 17.90 -31.67
C LEU D 258 5.61 17.22 -30.98
N ALA D 259 6.13 17.88 -29.95
CA ALA D 259 7.26 17.36 -29.18
C ALA D 259 6.82 17.15 -27.74
N GLU D 260 6.85 15.88 -27.29
CA GLU D 260 6.54 15.57 -25.91
C GLU D 260 7.85 15.25 -25.17
N ALA D 261 7.79 15.21 -23.82
CA ALA D 261 8.98 15.08 -22.97
C ALA D 261 9.42 13.62 -22.78
N GLY D 262 10.58 13.25 -23.36
CA GLY D 262 11.17 11.93 -23.22
C GLY D 262 11.82 11.68 -21.84
N GLY D 263 12.13 12.75 -21.10
CA GLY D 263 12.80 12.61 -19.80
C GLY D 263 14.16 11.93 -19.96
N LYS D 264 14.36 10.78 -19.29
CA LYS D 264 15.65 10.12 -19.37
C LYS D 264 15.71 9.15 -20.55
N GLY D 265 14.59 9.06 -21.31
CA GLY D 265 14.46 8.17 -22.44
C GLY D 265 13.14 7.40 -22.33
N ILE D 266 12.46 7.15 -23.45
CA ILE D 266 11.11 6.61 -23.35
C ILE D 266 11.13 5.22 -22.69
N ASP D 267 12.30 4.55 -22.76
CA ASP D 267 12.49 3.20 -22.25
C ASP D 267 13.24 3.19 -20.92
N SER D 268 13.65 4.36 -20.41
CA SER D 268 14.01 4.51 -19.01
C SER D 268 12.72 4.52 -18.20
N GLY D 269 12.82 4.49 -16.88
CA GLY D 269 11.60 4.45 -16.09
C GLY D 269 11.04 5.85 -15.82
N MET D 270 11.49 6.85 -16.57
CA MET D 270 11.45 8.25 -16.16
C MET D 270 11.19 9.13 -17.38
N THR D 271 9.90 9.34 -17.70
CA THR D 271 9.47 9.88 -19.00
C THR D 271 8.12 10.55 -18.83
N ALA D 272 7.73 11.33 -19.84
CA ALA D 272 6.39 11.91 -19.81
C ALA D 272 5.71 11.78 -21.17
N ALA D 273 6.21 10.82 -21.96
CA ALA D 273 5.88 10.69 -23.38
C ALA D 273 4.55 9.93 -23.54
N THR D 274 3.46 10.65 -23.32
CA THR D 274 2.15 10.04 -23.21
C THR D 274 1.75 9.38 -24.52
N ILE D 275 2.08 10.00 -25.66
CA ILE D 275 1.73 9.43 -26.96
C ILE D 275 2.52 8.15 -27.23
N HIS D 276 3.82 8.14 -26.92
CA HIS D 276 4.62 6.94 -27.16
C HIS D 276 4.23 5.76 -26.26
N LEU D 277 3.76 6.02 -25.02
CA LEU D 277 3.74 5.03 -23.95
C LEU D 277 2.34 4.85 -23.39
N GLY D 278 1.56 5.94 -23.40
CA GLY D 278 0.31 5.95 -22.67
C GLY D 278 -0.69 4.98 -23.30
N LYS D 279 -1.72 4.66 -22.51
CA LYS D 279 -2.77 3.77 -22.92
C LYS D 279 -4.06 4.51 -22.63
N MET D 280 -5.15 3.99 -23.21
CA MET D 280 -6.49 4.51 -22.97
C MET D 280 -6.78 4.52 -21.47
N GLY D 281 -7.30 5.64 -20.96
CA GLY D 281 -7.84 5.65 -19.60
C GLY D 281 -8.52 6.97 -19.27
N ILE D 282 -8.95 7.14 -18.01
CA ILE D 282 -9.58 8.38 -17.58
C ILE D 282 -8.63 9.10 -16.64
N ILE D 283 -8.41 10.40 -16.89
CA ILE D 283 -7.57 11.21 -16.01
C ILE D 283 -8.11 12.63 -15.95
N HIS D 284 -8.37 13.11 -14.74
CA HIS D 284 -8.88 14.44 -14.49
C HIS D 284 -10.15 14.67 -15.30
N GLY D 285 -11.00 13.65 -15.33
CA GLY D 285 -12.31 13.75 -15.95
C GLY D 285 -12.30 13.53 -17.46
N SER D 286 -11.23 13.02 -18.04
CA SER D 286 -11.16 13.00 -19.49
C SER D 286 -10.72 11.63 -19.93
N LYS D 287 -11.35 11.13 -20.99
CA LYS D 287 -10.98 9.84 -21.53
C LYS D 287 -9.89 10.11 -22.55
N THR D 288 -8.63 9.88 -22.16
CA THR D 288 -7.51 10.20 -23.06
C THR D 288 -6.37 9.19 -22.92
N LEU D 289 -5.29 9.41 -23.67
CA LEU D 289 -4.10 8.60 -23.47
C LEU D 289 -3.45 9.01 -22.15
N VAL D 290 -3.01 8.01 -21.38
CA VAL D 290 -2.34 8.26 -20.11
C VAL D 290 -1.36 7.12 -19.83
N MET D 291 -0.23 7.50 -19.20
CA MET D 291 0.79 6.54 -18.77
C MET D 291 0.24 5.76 -17.59
N GLN D 292 0.45 4.44 -17.63
CA GLN D 292 -0.01 3.53 -16.60
C GLN D 292 1.11 2.56 -16.22
N ASN D 293 1.18 2.21 -14.93
CA ASN D 293 2.16 1.24 -14.46
C ASN D 293 1.64 -0.18 -14.76
N GLU D 294 2.22 -1.18 -14.06
CA GLU D 294 1.85 -2.59 -14.20
C GLU D 294 0.46 -2.86 -13.58
N ASP D 295 0.12 -2.15 -12.49
CA ASP D 295 -1.16 -2.26 -11.80
C ASP D 295 -2.25 -1.46 -12.50
N GLY D 296 -1.88 -0.75 -13.58
CA GLY D 296 -2.80 0.07 -14.35
C GLY D 296 -3.20 1.35 -13.61
N GLN D 297 -2.41 1.74 -12.60
CA GLN D 297 -2.55 3.05 -11.97
C GLN D 297 -1.92 4.13 -12.87
N ILE D 298 -2.34 5.39 -12.69
CA ILE D 298 -1.71 6.51 -13.38
C ILE D 298 -0.24 6.54 -12.97
N GLU D 299 0.67 6.56 -13.95
CA GLU D 299 2.09 6.53 -13.69
C GLU D 299 2.55 7.93 -13.29
N GLU D 300 3.43 8.01 -12.29
CA GLU D 300 4.22 9.19 -11.97
C GLU D 300 5.24 9.46 -13.08
N PRO D 301 5.15 10.61 -13.82
CA PRO D 301 6.04 10.85 -14.95
C PRO D 301 7.33 11.52 -14.48
N TYR D 302 8.30 11.69 -15.39
CA TYR D 302 9.41 12.59 -15.18
C TYR D 302 9.73 13.31 -16.48
N SER D 303 9.95 14.63 -16.36
CA SER D 303 10.71 15.42 -17.31
C SER D 303 11.50 16.46 -16.52
N ILE D 304 12.68 16.82 -17.02
CA ILE D 304 13.38 18.00 -16.51
C ILE D 304 12.46 19.22 -16.58
N SER D 305 11.48 19.22 -17.48
CA SER D 305 10.62 20.37 -17.64
C SER D 305 9.35 20.21 -16.83
N ALA D 306 9.19 21.04 -15.79
CA ALA D 306 7.96 21.03 -14.99
C ALA D 306 6.68 21.17 -15.86
N GLY D 307 6.76 21.88 -16.99
CA GLY D 307 5.57 22.22 -17.77
C GLY D 307 5.07 21.09 -18.64
N LEU D 308 5.95 20.11 -18.92
CA LEU D 308 5.64 18.92 -19.71
C LEU D 308 5.43 17.65 -18.87
N ASP D 309 5.45 17.76 -17.52
CA ASP D 309 5.55 16.60 -16.63
C ASP D 309 4.14 16.25 -16.19
N TYR D 310 3.38 15.74 -17.16
CA TYR D 310 2.01 15.31 -16.96
C TYR D 310 1.86 13.99 -17.72
N PRO D 311 1.28 12.97 -17.05
CA PRO D 311 1.26 11.63 -17.61
C PRO D 311 0.17 11.45 -18.67
N GLY D 312 -0.84 12.32 -18.61
CA GLY D 312 -1.82 12.36 -19.67
C GLY D 312 -1.35 13.25 -20.83
N ILE D 313 -2.35 13.65 -21.64
CA ILE D 313 -2.22 14.51 -22.81
C ILE D 313 -3.65 14.84 -23.24
N GLY D 314 -3.84 16.06 -23.74
CA GLY D 314 -5.17 16.52 -24.12
C GLY D 314 -5.83 15.60 -25.15
N PRO D 315 -7.17 15.44 -25.10
CA PRO D 315 -7.91 14.63 -26.07
C PRO D 315 -7.68 14.93 -27.55
N MET D 316 -7.48 16.23 -27.86
CA MET D 316 -7.25 16.67 -29.22
C MET D 316 -6.03 15.96 -29.79
N HIS D 317 -4.99 15.82 -28.96
CA HIS D 317 -3.69 15.36 -29.43
C HIS D 317 -3.63 13.83 -29.46
N ALA D 318 -4.25 13.17 -28.47
CA ALA D 318 -4.50 11.74 -28.59
C ALA D 318 -5.14 11.41 -29.95
N ASN D 319 -6.22 12.13 -30.30
CA ASN D 319 -6.91 11.91 -31.56
C ASN D 319 -5.98 12.19 -32.73
N LEU D 320 -5.37 13.39 -32.73
CA LEU D 320 -4.51 13.80 -33.83
C LEU D 320 -3.47 12.72 -34.09
N ALA D 321 -2.86 12.22 -33.00
CA ALA D 321 -1.78 11.24 -33.11
C ALA D 321 -2.31 9.91 -33.68
N LYS D 322 -3.43 9.41 -33.14
CA LYS D 322 -4.12 8.21 -33.62
C LYS D 322 -4.40 8.26 -35.12
N GLN D 323 -4.90 9.42 -35.59
CA GLN D 323 -5.33 9.59 -36.97
C GLN D 323 -4.14 9.81 -37.91
N LYS D 324 -2.93 9.92 -37.35
CA LYS D 324 -1.70 10.23 -38.09
C LYS D 324 -1.77 11.65 -38.63
N ARG D 325 -2.63 12.49 -38.01
CA ARG D 325 -2.74 13.90 -38.35
C ARG D 325 -1.55 14.71 -37.81
N ALA D 326 -1.01 14.33 -36.63
CA ALA D 326 0.23 14.93 -36.10
C ALA D 326 1.29 13.88 -35.89
N GLN D 327 2.54 14.23 -36.21
CA GLN D 327 3.67 13.38 -35.90
C GLN D 327 4.11 13.75 -34.48
N VAL D 328 4.35 12.77 -33.60
CA VAL D 328 4.73 13.14 -32.24
C VAL D 328 6.08 12.56 -31.87
N LEU D 329 7.01 13.46 -31.56
CA LEU D 329 8.36 13.11 -31.17
C LEU D 329 8.49 13.19 -29.65
N ALA D 330 9.24 12.24 -29.10
CA ALA D 330 9.66 12.27 -27.70
C ALA D 330 11.09 12.80 -27.63
N ILE D 331 11.26 13.95 -26.99
CA ILE D 331 12.54 14.63 -26.89
C ILE D 331 13.04 14.45 -25.47
N ASN D 332 14.31 14.04 -25.33
CA ASN D 332 14.92 13.83 -24.02
C ASN D 332 15.49 15.15 -23.46
N ASP D 333 15.72 15.12 -22.15
CA ASP D 333 16.18 16.24 -21.34
C ASP D 333 17.35 16.95 -22.00
N ASP D 334 18.35 16.16 -22.40
CA ASP D 334 19.61 16.68 -22.90
C ASP D 334 19.36 17.35 -24.26
N GLU D 335 18.49 16.73 -25.06
CA GLU D 335 18.16 17.28 -26.36
C GLU D 335 17.52 18.65 -26.20
N ALA D 336 16.61 18.79 -25.22
CA ALA D 336 15.91 20.03 -24.94
C ALA D 336 16.90 21.10 -24.47
N LEU D 337 17.82 20.74 -23.55
CA LEU D 337 18.78 21.67 -22.97
C LEU D 337 19.72 22.19 -24.06
N ASN D 338 20.25 21.26 -24.87
CA ASN D 338 21.11 21.61 -25.98
C ASN D 338 20.37 22.54 -26.94
N ALA D 339 19.10 22.23 -27.25
CA ALA D 339 18.36 23.08 -28.17
C ALA D 339 18.13 24.47 -27.56
N ALA D 340 18.07 24.57 -26.22
CA ALA D 340 17.89 25.87 -25.56
C ALA D 340 19.16 26.72 -25.64
N PHE D 341 20.33 26.07 -25.56
CA PHE D 341 21.60 26.78 -25.70
C PHE D 341 21.81 27.18 -27.15
N GLU D 342 21.27 26.39 -28.09
CA GLU D 342 21.37 26.71 -29.50
C GLU D 342 20.63 28.01 -29.83
N LEU D 343 19.39 28.17 -29.33
CA LEU D 343 18.60 29.35 -29.66
C LEU D 343 19.25 30.60 -29.07
N THR D 344 19.65 30.48 -27.81
CA THR D 344 20.49 31.45 -27.09
C THR D 344 21.67 31.95 -27.92
N ARG D 345 22.49 31.02 -28.44
CA ARG D 345 23.71 31.36 -29.13
C ARG D 345 23.40 32.00 -30.48
N LEU D 346 22.37 31.48 -31.17
CA LEU D 346 22.09 31.80 -32.55
C LEU D 346 21.22 33.04 -32.68
N GLU D 347 20.28 33.27 -31.75
CA GLU D 347 19.28 34.31 -31.98
C GLU D 347 19.12 35.23 -30.79
N GLY D 348 19.79 34.92 -29.67
CA GLY D 348 19.79 35.78 -28.51
C GLY D 348 18.48 35.66 -27.72
N ILE D 349 17.81 34.52 -27.85
CA ILE D 349 16.55 34.27 -27.19
C ILE D 349 16.75 33.09 -26.25
N ILE D 350 16.44 33.26 -24.97
CA ILE D 350 16.56 32.18 -24.00
C ILE D 350 15.17 31.58 -23.82
N PRO D 351 14.94 30.35 -24.30
CA PRO D 351 13.60 29.77 -24.32
C PRO D 351 13.29 29.14 -22.98
N ALA D 352 11.99 28.93 -22.73
CA ALA D 352 11.58 28.05 -21.66
C ALA D 352 12.00 26.63 -22.00
N LEU D 353 12.38 25.86 -20.98
CA LEU D 353 12.80 24.48 -21.13
C LEU D 353 11.66 23.66 -21.75
N GLU D 354 10.41 24.10 -21.56
CA GLU D 354 9.31 23.52 -22.33
C GLU D 354 9.53 23.70 -23.82
N SER D 355 9.63 24.97 -24.23
CA SER D 355 9.68 25.35 -25.64
C SER D 355 10.90 24.72 -26.30
N ALA D 356 11.94 24.45 -25.50
CA ALA D 356 13.17 23.88 -26.03
C ALA D 356 12.98 22.44 -26.48
N HIS D 357 11.93 21.76 -26.03
CA HIS D 357 11.58 20.44 -26.56
C HIS D 357 11.16 20.58 -28.03
N ALA D 358 10.35 21.60 -28.32
CA ALA D 358 9.98 21.90 -29.70
C ALA D 358 11.24 22.18 -30.50
N LEU D 359 12.13 23.02 -29.95
CA LEU D 359 13.34 23.44 -30.66
C LEU D 359 14.19 22.21 -30.99
N ALA D 360 14.29 21.25 -30.07
CA ALA D 360 15.11 20.06 -30.31
C ALA D 360 14.55 19.24 -31.48
N ALA D 361 13.23 19.31 -31.68
CA ALA D 361 12.56 18.62 -32.77
C ALA D 361 13.03 19.12 -34.14
N LEU D 362 13.66 20.30 -34.21
CA LEU D 362 14.17 20.75 -35.50
C LEU D 362 15.21 19.75 -36.03
N GLU D 363 15.97 19.09 -35.12
CA GLU D 363 17.00 18.11 -35.46
C GLU D 363 16.39 16.81 -36.03
N LYS D 364 15.14 16.47 -35.65
CA LYS D 364 14.56 15.18 -35.98
C LYS D 364 13.78 15.20 -37.29
N VAL D 365 13.66 16.37 -37.93
CA VAL D 365 12.80 16.52 -39.11
C VAL D 365 13.66 16.89 -40.31
N LYS D 366 13.39 16.25 -41.46
CA LYS D 366 14.16 16.43 -42.68
C LYS D 366 13.54 17.58 -43.48
N PHE D 367 14.16 18.76 -43.47
CA PHE D 367 13.53 19.93 -44.07
C PHE D 367 14.07 20.16 -45.48
N LYS D 368 13.15 20.44 -46.41
CA LYS D 368 13.52 20.83 -47.75
C LYS D 368 13.81 22.33 -47.70
N PRO D 369 14.76 22.85 -48.51
CA PRO D 369 15.04 24.29 -48.52
C PRO D 369 13.84 25.25 -48.62
N GLU D 370 12.75 24.82 -49.26
CA GLU D 370 11.66 25.74 -49.60
C GLU D 370 10.66 25.82 -48.44
N ASP D 371 10.80 24.92 -47.44
CA ASP D 371 9.84 24.78 -46.36
C ASP D 371 9.77 26.04 -45.50
N VAL D 372 8.55 26.46 -45.16
CA VAL D 372 8.25 27.48 -44.16
C VAL D 372 7.79 26.78 -42.88
N VAL D 373 8.56 26.97 -41.81
CA VAL D 373 8.28 26.34 -40.52
C VAL D 373 7.95 27.43 -39.51
N VAL D 374 6.75 27.37 -38.90
CA VAL D 374 6.40 28.21 -37.76
C VAL D 374 6.46 27.35 -36.49
N LEU D 375 7.34 27.74 -35.55
CA LEU D 375 7.55 26.97 -34.31
C LEU D 375 7.14 27.85 -33.15
N THR D 376 6.29 27.36 -32.24
CA THR D 376 5.83 28.25 -31.18
C THR D 376 6.82 28.31 -30.03
N LEU D 377 7.37 29.50 -29.79
CA LEU D 377 8.15 29.70 -28.59
C LEU D 377 7.21 30.01 -27.43
N SER D 378 6.81 28.96 -26.70
CA SER D 378 5.75 29.05 -25.71
C SER D 378 6.10 30.03 -24.59
N GLY D 379 7.38 30.06 -24.15
CA GLY D 379 7.74 31.00 -23.10
C GLY D 379 9.22 31.35 -23.10
N ARG D 380 9.59 32.25 -22.20
CA ARG D 380 10.98 32.61 -22.01
C ARG D 380 11.51 31.89 -20.78
N GLY D 381 12.86 31.81 -20.69
CA GLY D 381 13.54 30.84 -19.86
C GLY D 381 14.06 31.36 -18.52
N ASP D 382 13.59 32.53 -18.09
CA ASP D 382 14.08 33.12 -16.86
C ASP D 382 13.86 32.16 -15.71
N LYS D 383 12.72 31.45 -15.72
CA LYS D 383 12.39 30.51 -14.64
C LYS D 383 13.39 29.36 -14.60
N ASP D 384 14.09 29.09 -15.72
CA ASP D 384 14.90 27.89 -15.85
C ASP D 384 16.39 28.18 -15.79
N MET D 385 16.78 29.39 -15.38
CA MET D 385 18.17 29.82 -15.50
C MET D 385 19.08 28.97 -14.61
N GLU D 386 18.60 28.55 -13.43
CA GLU D 386 19.40 27.75 -12.50
C GLU D 386 19.69 26.40 -13.14
N THR D 387 18.73 25.85 -13.90
CA THR D 387 18.90 24.55 -14.53
C THR D 387 19.88 24.65 -15.69
N TYR D 388 19.76 25.70 -16.51
CA TYR D 388 20.65 25.91 -17.65
C TYR D 388 22.10 26.14 -17.19
N LEU D 389 22.30 26.97 -16.18
CA LEU D 389 23.68 27.21 -15.74
C LEU D 389 24.30 25.94 -15.14
N LYS D 390 23.50 25.10 -14.46
CA LYS D 390 23.97 23.83 -13.92
C LYS D 390 24.46 22.90 -15.04
N TYR D 391 23.68 22.79 -16.12
CA TYR D 391 24.06 22.00 -17.28
C TYR D 391 25.38 22.52 -17.87
N LYS D 392 25.55 23.86 -17.92
CA LYS D 392 26.78 24.49 -18.36
C LYS D 392 27.81 24.43 -17.23
N03 VB4 E . 9.94 -18.86 20.44
C02 VB4 E . 9.89 -17.94 21.40
C01 VB4 E . 10.51 -16.60 21.16
C29 VB4 E . 9.24 -18.19 22.60
O30 VB4 E . 9.16 -17.27 23.58
C12 VB4 E . 8.66 -19.45 22.83
C13 VB4 E . 8.02 -19.70 24.10
C05 VB4 E . 8.72 -20.42 21.81
C04 VB4 E . 9.36 -20.07 20.64
C06 VB4 E . 8.12 -21.79 21.96
O07 VB4 E . 6.70 -21.71 22.27
P08 VB4 E . 5.57 -22.29 21.30
O11 VB4 E . 5.93 -23.72 21.13
O09 VB4 E . 4.25 -22.05 22.05
O10 VB4 E . 5.56 -21.57 19.95
N14 VB4 E . 7.70 -18.76 24.90
C15 VB4 E . 7.20 -19.05 26.24
C26 VB4 E . 7.00 -17.82 27.12
O28 VB4 E . 6.52 -18.02 28.22
C16 VB4 E . 6.59 -20.43 26.12
C17 VB4 E . 5.41 -20.90 26.89
C18 VB4 E . 4.50 -20.23 27.64
C21 VB4 E . 5.01 -22.28 26.87
N19 VB4 E . 3.59 -21.12 28.16
C20 VB4 E . 3.87 -22.37 27.67
C22 VB4 E . 5.57 -23.43 26.29
C25 VB4 E . 3.22 -23.59 27.87
C23 VB4 E . 4.93 -24.62 26.49
C24 VB4 E . 3.79 -24.70 27.26
O27 VB4 E . 7.51 -16.72 26.73
N03 VB4 F . 16.20 7.95 19.84
C02 VB4 F . 16.98 6.90 19.94
C01 VB4 F . 16.36 5.57 20.23
C29 VB4 F . 18.36 7.01 19.74
O30 VB4 F . 19.15 5.92 19.80
C12 VB4 F . 18.93 8.28 19.52
C13 VB4 F . 20.37 8.41 19.31
C05 VB4 F . 18.07 9.38 19.39
C04 VB4 F . 16.73 9.17 19.57
C06 VB4 F . 18.56 10.79 19.18
O07 VB4 F . 19.30 10.99 17.95
P08 VB4 F . 18.86 11.95 16.75
O11 VB4 F . 20.00 11.72 15.71
O09 VB4 F . 17.50 11.50 16.16
O10 VB4 F . 18.77 13.29 17.32
N14 VB4 F . 21.12 7.43 18.99
C15 VB4 F . 22.57 7.48 19.12
C26 VB4 F . 23.28 6.14 18.96
O28 VB4 F . 24.49 6.16 18.89
C16 VB4 F . 22.99 8.94 18.97
C17 VB4 F . 24.08 9.46 18.10
C18 VB4 F . 24.99 8.84 17.29
C21 VB4 F . 24.37 10.86 18.02
N19 VB4 F . 25.83 9.76 16.71
C20 VB4 F . 25.45 11.01 17.13
C22 VB4 F . 23.80 12.00 18.61
C25 VB4 F . 25.95 12.28 16.81
C23 VB4 F . 24.30 13.24 18.31
C24 VB4 F . 25.38 13.37 17.43
O27 VB4 F . 22.58 5.10 19.01
N03 VB4 G . -26.87 -17.60 -10.67
C02 VB4 G . -26.22 -18.76 -10.81
C01 VB4 G . -27.00 -20.03 -10.94
C29 VB4 G . -24.83 -18.78 -10.86
O30 VB4 G . -24.13 -19.93 -10.93
C12 VB4 G . -24.11 -17.58 -10.72
C13 VB4 G . -22.66 -17.61 -10.78
C05 VB4 G . -24.81 -16.38 -10.58
C04 VB4 G . -26.18 -16.44 -10.59
C06 VB4 G . -24.10 -15.05 -10.46
O07 VB4 G . -23.27 -14.80 -11.64
P08 VB4 G . -23.40 -13.51 -12.59
O11 VB4 G . -22.32 -13.60 -13.70
O09 VB4 G . -23.13 -12.34 -11.74
O10 VB4 G . -24.81 -13.56 -13.17
N14 VB4 G . -22.00 -18.59 -11.29
C15 VB4 G . -20.56 -18.59 -11.11
C26 VB4 G . -19.88 -19.90 -11.51
O28 VB4 G . -18.70 -19.85 -11.73
C16 VB4 G . -20.06 -17.15 -11.01
C17 VB4 G . -18.75 -16.71 -11.58
C18 VB4 G . -17.85 -17.36 -12.38
C21 VB4 G . -18.23 -15.40 -11.41
N19 VB4 G . -16.80 -16.54 -12.69
C20 VB4 G . -17.02 -15.32 -12.13
C22 VB4 G . -18.69 -14.27 -10.71
C25 VB4 G . -16.24 -14.18 -12.13
C23 VB4 G . -17.90 -13.15 -10.70
C24 VB4 G . -16.71 -13.10 -11.43
O27 VB4 G . -20.55 -20.94 -11.46
N03 VB4 H . 5.57 26.17 -22.49
C02 VB4 H . 5.49 26.88 -21.36
C01 VB4 H . 6.27 28.14 -21.23
C29 VB4 H . 4.68 26.44 -20.31
O30 VB4 H . 4.60 27.12 -19.14
C12 VB4 H . 3.95 25.25 -20.43
C13 VB4 H . 3.14 24.75 -19.33
C05 VB4 H . 4.04 24.52 -21.63
C04 VB4 H . 4.86 25.03 -22.61
C06 VB4 H . 3.31 23.23 -21.85
O07 VB4 H . 1.87 23.43 -21.69
P08 VB4 H . 0.79 23.07 -22.84
O11 VB4 H . -0.60 23.23 -22.17
O09 VB4 H . 1.07 24.07 -23.92
O10 VB4 H . 1.04 21.66 -23.22
N14 VB4 H . 2.83 25.49 -18.31
C15 VB4 H . 2.33 24.84 -17.10
C26 VB4 H . 2.03 25.80 -15.95
O28 VB4 H . 1.37 25.37 -15.06
C16 VB4 H . 1.74 23.49 -17.47
C17 VB4 H . 0.39 23.06 -16.96
C18 VB4 H . -0.49 23.71 -16.14
C21 VB4 H . -0.22 21.81 -17.29
N19 VB4 H . -1.59 22.93 -15.93
C20 VB4 H . -1.45 21.75 -16.61
C22 VB4 H . 0.16 20.73 -18.10
C25 VB4 H . -2.32 20.67 -16.75
C23 VB4 H . -0.68 19.65 -18.21
C24 VB4 H . -1.91 19.62 -17.54
O27 VB4 H . 2.52 26.95 -15.99
#